data_7KVF
#
_entry.id   7KVF
#
_cell.length_a   1.00
_cell.length_b   1.00
_cell.length_c   1.00
_cell.angle_alpha   90.00
_cell.angle_beta   90.00
_cell.angle_gamma   90.00
#
_symmetry.space_group_name_H-M   'P 1'
#
_entity_poly.entity_id   1
_entity_poly.type   'polypeptide(L)'
_entity_poly.pdbx_seq_one_letter_code
;AQLRQFYVAAQGISWSYRPEPTNSSLNLSVTSFKKIVYREYEPYFKKEKPQSTISGLLGPTLYAEVGDIIKVHFKNKADK
PLSIHPQGIRYSKLSEGASYLDHTFPAEKMDDAVAPGREYTYEWSISEDSGPTHDDPPCLTHIYYSHENLIEDFNSGLIG
PLLICKKGTLTEGGTQKTFDKQIVLLFAVFDESKSWSQSSSLMYTVNGYVNGTMPDITVCAHDHISWHLLGMSSGPELFS
IHFNGQVLEQNHHKVSAITLVSATSTTANMTVGPEGKWIISSLTPKHLQAGMQAYIDIKNCPKKTRNLKKITREQRRHMK
RWEYFIAAEEVIWDYAPVIPANMDKKYRSQHLDNFSNQIGKHYKKVMYTQYEDESFTKHTVNPNMKEDGILGPIIRAQVR
DTLKIVFKNMASRPYSIYPHGVTFSPYEDEVNSSFTSGRNNTMIRAVQPGETYTYKWNILEFDEPTENDAQCLTRPYYSD
VDIMRDIASGLIGLLLICKSRSLDRRGIQRAADIEQQAVFAVFDENKSWYLEDNINKFCENPDEVKRDDPKFYESNIMST
INGYVPESITTLGFCFDDTVQWHFCSVGTQNEILTIHFTGHSFIYGKRHEDTLTLFPMRGESVTVTMDNVGTWMLTSMNS
SPRSKKLRLKFRDVKCIPDDDEDSYEIFEPPESTVMATRKMHDRLEPEDEESDADYDYQNRLAAALGIRSFRNSSLNQEE
EEFNLTALALENGTEFVSSNTDIIVGSNYSSPSNISKFTVNNLAEPQKAPSHQQATTAGSPLRHLIGKNSVLNSSTAEHS
SPYSEDPIEDPLQPDVTGIRLLSLGAGEFKSQEHAKHKGPKVERDQAAKHRFSWMKLLAHKVGRHLSQDTGSPSGMRPWE
DLPSQDTGSPSRMRPWKDPPSDLLLLKQSNSSKILVGRWHLASEKGSYEIIQDTDEDTAVNNWLISPQNASRAWGESTPL
ANKPGKQSGHPKFPRVRHKSLQVRQDGGKSRLKKSQFLIKTRKKKKEKHTHHAPLSPRTFHPLRSEAYNTFSERRLKHSL
VLHKSNETSLPTDLNQTLPSMDFGWIASLPDHNQNSSNDTGQASCPPGLYQTVPPEEHYQTFPIQDPDQMHSTSDPSHRS
SSPELSEMLEYDRSHKSFPTDISQMSPSSEHEVWQTVISPDLSQVTLSPELSQTNLSPDLSHTTLSPELIQRNLSPALGQ
MPISPDLSHTTLSPDLSHTTLSLDLSQTNLSPELSQTNLSPALGQMPLSPDLSHTTLSLDFSQTNLSPELSHMTLSPELS
QTNLSPALGQMPISPDLSHTTLSLDFSQTNLSPELSQTNLSPALGQMPLSPDPSHTTLSLDLSQTNLSPELSQTNLSPDL
SEMPLFADLSQIPLTPDLDQMTLSPDLGETDLSPNFGQMSLSPDLSQVTLSPDISDTTLLPDLSQISPPPDLDQIFYPSE
SSQSLLLQEFNESFPYPDLGQMPSPSSPTLNDTFLSKEFNPLVIVGLSKDGTDYIEIIPKEEVQSSEDDYAEIDYVPYDD
PYKTDVRTNINSSRDPDNIAAWYLRSNNGNRRNYYIAAEEISWDYSEFVQRETDIEDSDDIPEDTTYKKVVFRKYLDSTF
TKRDPRGEYEEHLGILGPIIRAEVDDVIQVRFKNLASRPYSLHAHGLSYEKSSEGKTYEDDSPEWFKEDNAVQPNSSYTY
VWHATERSGPESPGSACRAWAYYSAVNPEKDIHSGLIGPLLICQKGILHKDSNMPMDMREFVLLFMTFDEKKSWYYEKKS
RSSWRLTSSEMKKSHEFHAINGMIYSLPGLKMYEQEWVRLHLLNIGGSQDIHVVHFHGQTLLENGNKQHQLGVWPLLPGS
FKTLEMKASKPGWWLLNTEVGENQRAGMQTPFLIMDRDCRMPMGLSTGIISDSQIKASEFLGYWEPRLARLNNGGSYNAW
SVEKLAAEFASKPWIQVDMQKEVIITGIQTQGAKHYLKSCYTTEFYVAYSSNQINWQIFKGNSTRNVMYFNGNSDASTIK
ENQFDPPIVARYIRISPTRAYNRPTLRLELQGCEVNGCSTPLGMENGKIENKQITASSFKKSWWGDYWEPFRARLNAQGR
VNAWQAKANNNKQWLEIDLLKIKKITAIITQGCKSLSSEMYVKSYTIHYSEQGVEWKPYRLKSSMVDKIFEGNTNTKGHV
KNFFNPPIISRFIRVIPKTWNQSIALRLELFGCDIY
;
_entity_poly.pdbx_strand_id   B
#
# COMPACT_ATOMS: atom_id res chain seq x y z
N ALA A 1 4.11 -22.31 22.64
CA ALA A 1 2.73 -22.76 22.61
C ALA A 1 1.96 -22.18 23.79
N GLN A 2 2.60 -21.28 24.53
CA GLN A 2 1.99 -20.68 25.71
C GLN A 2 0.82 -19.79 25.28
N LEU A 3 0.08 -19.27 26.25
CA LEU A 3 -1.03 -18.36 25.97
C LEU A 3 -0.71 -17.04 26.67
N ARG A 4 -0.50 -16.00 25.88
CA ARG A 4 -0.22 -14.69 26.44
C ARG A 4 -1.50 -14.05 26.95
N GLN A 5 -1.88 -14.38 28.18
CA GLN A 5 -3.05 -13.74 28.77
C GLN A 5 -2.71 -12.31 29.18
N PHE A 6 -3.70 -11.44 29.09
CA PHE A 6 -3.45 -10.01 29.32
C PHE A 6 -4.70 -9.35 29.87
N TYR A 7 -4.55 -8.62 30.97
CA TYR A 7 -5.65 -7.89 31.58
C TYR A 7 -5.51 -6.41 31.27
N VAL A 8 -6.55 -5.82 30.68
CA VAL A 8 -6.54 -4.42 30.30
C VAL A 8 -7.78 -3.75 30.90
N ALA A 9 -7.71 -2.44 31.04
CA ALA A 9 -8.86 -1.67 31.49
C ALA A 9 -8.73 -0.24 30.97
N ALA A 10 -9.84 0.46 30.92
CA ALA A 10 -9.90 1.84 30.46
C ALA A 10 -10.55 2.70 31.53
N GLN A 11 -9.79 3.66 32.06
CA GLN A 11 -10.29 4.52 33.11
C GLN A 11 -10.07 5.97 32.73
N GLY A 12 -10.82 6.86 33.36
CA GLY A 12 -10.72 8.27 33.08
C GLY A 12 -9.67 8.96 33.92
N ILE A 13 -8.48 9.14 33.34
CA ILE A 13 -7.33 9.67 34.07
C ILE A 13 -7.26 11.18 33.84
N SER A 14 -7.36 11.94 34.93
CA SER A 14 -7.09 13.37 34.87
C SER A 14 -5.63 13.59 34.53
N TRP A 15 -5.37 14.17 33.36
CA TRP A 15 -4.02 14.16 32.79
C TRP A 15 -3.69 15.55 32.26
N SER A 16 -2.81 16.26 32.95
CA SER A 16 -2.09 17.35 32.33
C SER A 16 -1.04 16.79 31.38
N TYR A 17 -0.56 17.64 30.47
CA TYR A 17 0.36 17.18 29.44
C TYR A 17 1.82 17.34 29.85
N ARG A 18 2.11 17.32 31.15
CA ARG A 18 3.47 17.42 31.66
C ARG A 18 3.51 16.82 33.05
N PRO A 19 4.64 16.24 33.46
CA PRO A 19 4.76 15.73 34.84
C PRO A 19 5.41 16.74 35.76
N GLU A 20 5.03 16.74 37.05
CA GLU A 20 5.65 17.65 38.02
C GLU A 20 5.52 17.11 39.44
N PRO A 21 6.63 16.81 40.11
CA PRO A 21 6.57 16.35 41.51
C PRO A 21 6.79 17.42 42.57
N THR A 22 5.91 18.41 42.66
CA THR A 22 5.97 19.37 43.77
C THR A 22 4.61 19.43 44.44
N ASN A 23 4.35 20.42 45.30
CA ASN A 23 3.07 20.52 45.97
C ASN A 23 2.33 21.82 45.70
N SER A 24 2.98 22.97 45.88
CA SER A 24 2.27 24.26 45.88
C SER A 24 1.49 24.47 44.60
N SER A 25 2.08 24.12 43.46
CA SER A 25 1.39 24.24 42.18
C SER A 25 0.93 22.88 41.65
N LEU A 26 0.90 21.85 42.49
CA LEU A 26 0.47 20.51 42.06
C LEU A 26 -0.79 20.04 42.76
N ASN A 27 -1.41 20.87 43.60
CA ASN A 27 -2.83 20.74 43.92
C ASN A 27 -3.66 21.69 43.07
N LEU A 28 -3.36 22.98 43.11
CA LEU A 28 -3.91 23.94 42.17
C LEU A 28 -3.17 23.73 40.85
N SER A 29 -3.60 22.73 40.09
CA SER A 29 -3.04 22.48 38.76
C SER A 29 -3.79 23.35 37.76
N VAL A 30 -3.10 24.35 37.21
CA VAL A 30 -3.76 25.36 36.39
C VAL A 30 -4.16 24.77 35.03
N THR A 31 -3.35 23.88 34.49
CA THR A 31 -3.62 23.24 33.21
C THR A 31 -3.90 21.77 33.40
N SER A 32 -4.94 21.26 32.75
CA SER A 32 -5.31 19.86 32.87
C SER A 32 -6.25 19.50 31.72
N PHE A 33 -6.47 18.20 31.56
CA PHE A 33 -7.33 17.69 30.50
C PHE A 33 -7.92 16.37 30.96
N LYS A 34 -9.19 16.13 30.63
CA LYS A 34 -9.80 14.82 30.81
C LYS A 34 -9.23 13.86 29.76
N LYS A 35 -9.00 12.62 30.18
CA LYS A 35 -8.41 11.63 29.30
C LYS A 35 -8.94 10.24 29.63
N ILE A 36 -8.89 9.36 28.64
CA ILE A 36 -9.26 7.96 28.81
C ILE A 36 -8.20 7.13 28.10
N VAL A 37 -7.57 6.21 28.83
CA VAL A 37 -6.40 5.51 28.35
C VAL A 37 -6.53 4.01 28.65
N TYR A 38 -5.48 3.27 28.33
CA TYR A 38 -5.38 1.85 28.63
C TYR A 38 -4.34 1.64 29.73
N ARG A 39 -4.74 0.94 30.79
CA ARG A 39 -3.87 0.70 31.93
C ARG A 39 -3.95 -0.76 32.30
N GLU A 40 -2.81 -1.44 32.34
CA GLU A 40 -2.78 -2.87 32.60
C GLU A 40 -3.01 -3.16 34.08
N TYR A 41 -3.59 -4.32 34.35
CA TYR A 41 -3.92 -4.73 35.71
C TYR A 41 -3.36 -6.12 35.97
N GLU A 42 -3.02 -6.38 37.23
CA GLU A 42 -2.74 -7.73 37.66
C GLU A 42 -4.01 -8.58 37.51
N PRO A 43 -3.87 -9.91 37.48
CA PRO A 43 -5.05 -10.76 37.24
C PRO A 43 -6.18 -10.43 38.20
N TYR A 44 -7.40 -10.43 37.67
CA TYR A 44 -8.63 -10.15 38.40
C TYR A 44 -8.72 -8.71 38.88
N PHE A 45 -7.89 -7.82 38.34
CA PHE A 45 -8.00 -6.38 38.53
C PHE A 45 -7.87 -5.96 39.99
N LYS A 46 -7.21 -6.77 40.83
CA LYS A 46 -7.02 -6.38 42.22
C LYS A 46 -5.98 -5.28 42.35
N LYS A 47 -4.76 -5.55 41.90
CA LYS A 47 -3.66 -4.59 41.97
C LYS A 47 -3.56 -3.89 40.62
N GLU A 48 -2.54 -3.06 40.44
CA GLU A 48 -2.32 -2.38 39.17
C GLU A 48 -0.83 -2.31 38.90
N LYS A 49 -0.47 -2.37 37.63
CA LYS A 49 0.93 -2.47 37.23
C LYS A 49 1.69 -1.19 37.55
N PRO A 50 3.03 -1.25 37.60
CA PRO A 50 3.80 -0.05 37.92
C PRO A 50 3.69 1.07 36.89
N GLN A 51 3.54 0.74 35.60
CA GLN A 51 3.33 1.74 34.55
C GLN A 51 4.50 2.72 34.49
N SER A 52 5.63 2.21 33.99
CA SER A 52 6.87 2.96 33.89
C SER A 52 6.65 4.37 33.34
N THR A 53 7.55 5.27 33.72
CA THR A 53 7.32 6.71 33.56
C THR A 53 7.22 7.13 32.10
N ILE A 54 8.22 6.75 31.30
CA ILE A 54 8.33 7.24 29.93
C ILE A 54 7.10 7.00 29.09
N SER A 55 6.22 6.10 29.51
CA SER A 55 4.97 5.82 28.80
C SER A 55 3.85 6.58 29.53
N GLY A 56 3.56 7.78 29.05
CA GLY A 56 2.55 8.61 29.69
C GLY A 56 1.15 8.09 29.51
N LEU A 57 0.62 8.19 28.28
CA LEU A 57 -0.69 7.63 27.97
C LEU A 57 -0.60 6.36 27.13
N LEU A 58 0.53 6.13 26.47
CA LEU A 58 0.76 4.88 25.77
C LEU A 58 0.46 3.70 26.69
N GLY A 59 -0.57 2.94 26.33
CA GLY A 59 -1.06 1.89 27.18
C GLY A 59 -0.11 0.72 27.30
N PRO A 60 -0.58 -0.37 27.89
CA PRO A 60 0.28 -1.54 28.07
C PRO A 60 0.74 -2.08 26.72
N THR A 61 1.87 -2.77 26.74
CA THR A 61 2.44 -3.33 25.53
C THR A 61 2.12 -4.82 25.48
N LEU A 62 1.33 -5.21 24.49
CA LEU A 62 1.06 -6.61 24.22
C LEU A 62 2.14 -7.15 23.29
N TYR A 63 2.33 -8.47 23.35
CA TYR A 63 3.40 -9.10 22.59
C TYR A 63 3.06 -10.57 22.47
N ALA A 64 3.77 -11.25 21.58
CA ALA A 64 3.58 -12.68 21.39
C ALA A 64 4.66 -13.21 20.47
N GLU A 65 4.85 -14.51 20.53
CA GLU A 65 5.72 -15.22 19.60
C GLU A 65 4.85 -15.91 18.56
N VAL A 66 5.44 -16.25 17.41
CA VAL A 66 4.68 -16.88 16.34
C VAL A 66 4.32 -18.29 16.78
N GLY A 67 3.03 -18.52 17.04
CA GLY A 67 2.56 -19.82 17.47
C GLY A 67 1.65 -19.76 18.68
N ASP A 68 1.78 -18.72 19.48
CA ASP A 68 1.03 -18.59 20.72
C ASP A 68 -0.30 -17.87 20.46
N ILE A 69 -1.14 -17.81 21.48
CA ILE A 69 -2.43 -17.14 21.41
C ILE A 69 -2.44 -15.99 22.42
N ILE A 70 -3.51 -15.22 22.41
CA ILE A 70 -3.67 -14.08 23.30
C ILE A 70 -5.13 -14.02 23.75
N LYS A 71 -5.35 -14.00 25.07
CA LYS A 71 -6.68 -13.91 25.63
C LYS A 71 -6.78 -12.62 26.44
N VAL A 72 -7.03 -11.52 25.75
CA VAL A 72 -7.13 -10.24 26.43
C VAL A 72 -8.49 -10.17 27.12
N HIS A 73 -8.46 -10.03 28.44
CA HIS A 73 -9.67 -10.02 29.26
C HIS A 73 -10.06 -8.57 29.49
N PHE A 74 -10.71 -7.98 28.48
CA PHE A 74 -11.06 -6.57 28.54
C PHE A 74 -12.04 -6.28 29.66
N LYS A 75 -12.03 -5.03 30.14
CA LYS A 75 -12.98 -4.58 31.14
C LYS A 75 -13.03 -3.05 31.07
N ASN A 76 -14.12 -2.53 30.55
CA ASN A 76 -14.26 -1.08 30.36
C ASN A 76 -14.74 -0.44 31.66
N LYS A 77 -13.89 0.39 32.25
CA LYS A 77 -14.24 1.09 33.49
C LYS A 77 -14.59 2.55 33.26
N ALA A 78 -14.51 3.04 32.02
CA ALA A 78 -14.89 4.40 31.69
C ALA A 78 -16.41 4.49 31.59
N ASP A 79 -16.92 5.58 31.05
CA ASP A 79 -18.36 5.81 30.96
C ASP A 79 -18.82 5.99 29.51
N LYS A 80 -18.32 5.15 28.61
CA LYS A 80 -18.78 5.15 27.23
C LYS A 80 -18.30 3.85 26.58
N PRO A 81 -19.05 3.32 25.63
CA PRO A 81 -18.66 2.03 25.03
C PRO A 81 -17.37 2.13 24.26
N LEU A 82 -16.56 1.07 24.34
CA LEU A 82 -15.25 1.04 23.71
C LEU A 82 -14.98 -0.38 23.22
N SER A 83 -13.79 -0.58 22.65
CA SER A 83 -13.41 -1.85 22.07
C SER A 83 -11.91 -1.85 21.84
N ILE A 84 -11.41 -2.88 21.17
CA ILE A 84 -9.99 -3.02 20.85
C ILE A 84 -9.88 -3.61 19.45
N HIS A 85 -9.01 -3.04 18.63
CA HIS A 85 -8.79 -3.53 17.27
C HIS A 85 -7.30 -3.58 16.94
N PRO A 86 -6.73 -4.77 16.77
CA PRO A 86 -5.32 -4.88 16.41
C PRO A 86 -5.09 -4.77 14.91
N GLN A 87 -3.87 -5.07 14.44
CA GLN A 87 -3.58 -5.08 13.01
C GLN A 87 -2.87 -6.38 12.63
N GLY A 88 -3.44 -7.10 11.67
CA GLY A 88 -2.85 -8.35 11.19
C GLY A 88 -3.81 -9.31 10.51
N ILE A 89 -3.75 -10.59 10.89
CA ILE A 89 -4.49 -11.65 10.20
C ILE A 89 -5.40 -12.44 11.13
N ARG A 90 -5.36 -12.17 12.43
CA ARG A 90 -5.90 -13.11 13.40
C ARG A 90 -7.42 -13.10 13.44
N TYR A 91 -8.00 -11.94 13.72
CA TYR A 91 -9.34 -11.89 14.29
C TYR A 91 -10.40 -12.51 13.39
N SER A 92 -11.24 -13.34 13.99
CA SER A 92 -12.49 -13.76 13.39
C SER A 92 -13.52 -12.67 13.64
N LYS A 93 -14.79 -12.95 13.36
CA LYS A 93 -15.78 -11.88 13.42
C LYS A 93 -16.20 -11.52 14.84
N LEU A 94 -15.71 -12.21 15.86
CA LEU A 94 -16.10 -11.92 17.23
C LEU A 94 -14.92 -11.45 18.08
N SER A 95 -13.77 -11.18 17.48
CA SER A 95 -12.64 -10.66 18.24
C SER A 95 -11.91 -9.57 17.45
N GLU A 96 -12.64 -8.81 16.64
CA GLU A 96 -12.03 -7.74 15.85
C GLU A 96 -12.41 -6.34 16.32
N GLY A 97 -13.51 -6.19 17.07
CA GLY A 97 -13.87 -4.93 17.68
C GLY A 97 -14.50 -3.91 16.77
N ALA A 98 -14.40 -4.06 15.45
CA ALA A 98 -14.96 -3.09 14.52
C ALA A 98 -16.42 -3.42 14.22
N SER A 99 -17.23 -2.38 14.06
CA SER A 99 -18.67 -2.50 13.84
C SER A 99 -19.04 -1.80 12.54
N TYR A 100 -18.98 -2.55 11.43
CA TYR A 100 -19.41 -2.05 10.13
C TYR A 100 -20.46 -2.99 9.57
N LEU A 101 -20.94 -2.68 8.37
CA LEU A 101 -21.94 -3.52 7.71
C LEU A 101 -21.28 -4.78 7.20
N ASP A 102 -21.48 -5.88 7.91
CA ASP A 102 -20.92 -7.16 7.49
C ASP A 102 -21.91 -8.31 7.63
N HIS A 103 -23.17 -8.02 7.97
CA HIS A 103 -24.25 -9.01 8.00
C HIS A 103 -23.91 -10.17 8.94
N THR A 104 -23.74 -9.84 10.22
CA THR A 104 -23.48 -10.84 11.25
C THR A 104 -24.57 -10.76 12.31
N PHE A 105 -24.76 -11.88 12.99
CA PHE A 105 -25.85 -12.06 13.94
C PHE A 105 -25.56 -11.35 15.25
N PRO A 106 -26.60 -11.09 16.07
CA PRO A 106 -26.39 -10.33 17.31
C PRO A 106 -25.46 -11.00 18.31
N ALA A 107 -24.99 -12.21 18.00
CA ALA A 107 -24.02 -12.85 18.87
C ALA A 107 -22.64 -12.24 18.71
N GLU A 108 -22.23 -11.97 17.47
CA GLU A 108 -20.91 -11.46 17.17
C GLU A 108 -20.87 -9.94 17.11
N LYS A 109 -21.90 -9.26 17.62
CA LYS A 109 -21.89 -7.81 17.71
C LYS A 109 -21.43 -7.32 19.08
N MET A 110 -21.17 -8.23 20.02
CA MET A 110 -20.82 -7.81 21.38
C MET A 110 -19.39 -7.26 21.43
N ASP A 111 -18.47 -7.89 20.69
CA ASP A 111 -17.09 -7.41 20.69
C ASP A 111 -16.98 -5.99 20.14
N ASP A 112 -17.96 -5.55 19.36
CA ASP A 112 -17.86 -4.28 18.67
C ASP A 112 -17.99 -3.08 19.60
N ALA A 113 -18.75 -3.20 20.68
CA ALA A 113 -18.94 -2.07 21.60
C ALA A 113 -19.32 -2.63 22.97
N VAL A 114 -18.39 -2.54 23.92
CA VAL A 114 -18.59 -3.04 25.27
C VAL A 114 -19.14 -1.90 26.12
N ALA A 115 -20.35 -2.09 26.66
CA ALA A 115 -20.97 -1.07 27.48
C ALA A 115 -20.10 -0.77 28.70
N PRO A 116 -20.19 0.46 29.23
CA PRO A 116 -19.34 0.85 30.38
C PRO A 116 -19.72 0.09 31.63
N GLY A 117 -18.79 -0.70 32.15
CA GLY A 117 -19.02 -1.51 33.33
C GLY A 117 -19.39 -2.93 32.98
N ARG A 118 -18.75 -3.48 31.95
CA ARG A 118 -19.04 -4.83 31.50
C ARG A 118 -17.75 -5.45 30.98
N GLU A 119 -17.68 -6.78 31.05
CA GLU A 119 -16.49 -7.53 30.69
C GLU A 119 -16.60 -8.08 29.26
N TYR A 120 -15.57 -8.79 28.85
CA TYR A 120 -15.52 -9.49 27.56
C TYR A 120 -14.31 -10.42 27.61
N THR A 121 -13.91 -10.93 26.44
CA THR A 121 -12.71 -11.74 26.31
C THR A 121 -12.29 -11.72 24.85
N TYR A 122 -11.13 -11.15 24.56
CA TYR A 122 -10.60 -11.06 23.20
C TYR A 122 -9.57 -12.17 22.99
N GLU A 123 -9.75 -12.94 21.92
CA GLU A 123 -8.86 -14.07 21.63
C GLU A 123 -8.35 -13.97 20.21
N TRP A 124 -7.05 -14.20 20.05
CA TRP A 124 -6.40 -14.16 18.74
C TRP A 124 -5.48 -15.37 18.63
N SER A 125 -4.81 -15.50 17.49
CA SER A 125 -3.89 -16.62 17.30
C SER A 125 -2.90 -16.24 16.22
N ILE A 126 -1.64 -16.07 16.62
CA ILE A 126 -0.58 -15.68 15.70
C ILE A 126 -0.23 -16.86 14.80
N SER A 127 -0.65 -16.80 13.55
CA SER A 127 -0.49 -17.90 12.62
C SER A 127 0.96 -18.04 12.20
N GLU A 128 1.21 -18.98 11.29
CA GLU A 128 2.55 -19.17 10.75
C GLU A 128 2.85 -18.21 9.61
N ASP A 129 1.87 -17.45 9.13
CA ASP A 129 2.06 -16.56 8.00
C ASP A 129 1.76 -15.11 8.36
N SER A 130 1.71 -14.79 9.65
CA SER A 130 1.57 -13.42 10.11
C SER A 130 2.85 -12.88 10.72
N GLY A 131 3.85 -13.72 10.92
CA GLY A 131 5.11 -13.29 11.48
C GLY A 131 6.18 -13.17 10.42
N PRO A 132 7.32 -12.59 10.79
CA PRO A 132 8.39 -12.39 9.81
C PRO A 132 8.96 -13.68 9.25
N THR A 133 9.46 -14.54 10.14
CA THR A 133 9.95 -15.88 9.84
C THR A 133 11.20 -15.90 8.97
N HIS A 134 11.68 -14.75 8.52
CA HIS A 134 12.90 -14.70 7.72
C HIS A 134 13.62 -13.37 7.89
N ASP A 135 14.40 -12.99 6.89
CA ASP A 135 15.36 -11.89 6.97
C ASP A 135 14.73 -10.55 7.35
N ASP A 136 13.43 -10.52 7.59
CA ASP A 136 12.81 -9.38 8.25
C ASP A 136 13.54 -9.10 9.57
N PRO A 137 13.37 -7.91 10.15
CA PRO A 137 13.95 -7.63 11.45
C PRO A 137 13.55 -8.68 12.47
N PRO A 138 14.34 -8.84 13.54
CA PRO A 138 14.05 -9.92 14.51
C PRO A 138 12.60 -10.01 14.91
N CYS A 139 11.90 -8.89 15.03
CA CYS A 139 10.45 -8.98 15.15
C CYS A 139 9.81 -7.60 14.96
N LEU A 140 8.58 -7.61 14.44
CA LEU A 140 7.88 -6.45 13.92
C LEU A 140 7.10 -5.73 15.02
N THR A 141 6.22 -4.80 14.61
CA THR A 141 5.41 -4.06 15.55
C THR A 141 4.14 -3.55 14.86
N HIS A 142 3.02 -3.64 15.57
CA HIS A 142 1.75 -3.12 15.11
C HIS A 142 1.08 -2.35 16.25
N ILE A 143 0.14 -1.49 15.90
CA ILE A 143 -0.53 -0.62 16.87
C ILE A 143 -1.96 -1.07 17.04
N TYR A 144 -2.38 -1.26 18.29
CA TYR A 144 -3.75 -1.59 18.61
C TYR A 144 -4.45 -0.38 19.22
N TYR A 145 -5.68 -0.14 18.81
CA TYR A 145 -6.40 1.08 19.16
C TYR A 145 -7.87 0.74 19.35
N SER A 146 -8.70 1.78 19.44
CA SER A 146 -10.14 1.61 19.60
C SER A 146 -10.82 1.89 18.28
N HIS A 147 -11.66 0.95 17.83
CA HIS A 147 -12.33 1.02 16.54
C HIS A 147 -13.78 1.47 16.64
N GLU A 148 -14.27 1.75 17.86
CA GLU A 148 -15.65 2.17 18.00
C GLU A 148 -15.87 3.55 17.40
N ASN A 149 -14.92 4.46 17.58
CA ASN A 149 -15.00 5.81 17.01
C ASN A 149 -13.58 6.24 16.71
N LEU A 150 -13.14 6.03 15.47
CA LEU A 150 -11.74 6.15 15.11
C LEU A 150 -11.18 7.55 15.27
N ILE A 151 -11.99 8.54 15.65
CA ILE A 151 -11.52 9.90 15.88
C ILE A 151 -11.75 10.34 17.31
N GLU A 152 -12.94 10.13 17.85
CA GLU A 152 -13.23 10.53 19.22
C GLU A 152 -12.63 9.57 20.23
N ASP A 153 -12.21 8.38 19.81
CA ASP A 153 -11.59 7.42 20.71
C ASP A 153 -10.10 7.24 20.45
N PHE A 154 -9.46 8.21 19.81
CA PHE A 154 -8.01 8.25 19.76
C PHE A 154 -7.45 9.50 20.40
N ASN A 155 -7.96 10.67 20.03
CA ASN A 155 -7.49 11.90 20.65
C ASN A 155 -7.82 11.96 22.13
N SER A 156 -8.78 11.16 22.58
CA SER A 156 -9.02 10.97 24.02
C SER A 156 -7.93 10.14 24.68
N GLY A 157 -6.95 9.64 23.91
CA GLY A 157 -5.80 8.98 24.49
C GLY A 157 -5.91 7.47 24.56
N LEU A 158 -6.45 6.85 23.54
CA LEU A 158 -6.65 5.41 23.52
C LEU A 158 -5.79 4.81 22.42
N ILE A 159 -4.66 4.20 22.81
CA ILE A 159 -3.73 3.63 21.85
C ILE A 159 -2.80 2.70 22.63
N GLY A 160 -2.18 1.77 21.92
CA GLY A 160 -1.25 0.85 22.52
C GLY A 160 -0.53 -0.01 21.49
N PRO A 161 0.71 -0.40 21.81
CA PRO A 161 1.47 -1.22 20.86
C PRO A 161 1.06 -2.67 20.92
N LEU A 162 1.21 -3.35 19.78
CA LEU A 162 1.02 -4.79 19.69
C LEU A 162 2.24 -5.33 18.96
N LEU A 163 3.11 -6.02 19.68
CA LEU A 163 4.47 -6.32 19.22
C LEU A 163 4.61 -7.81 19.04
N ILE A 164 4.21 -8.30 17.87
CA ILE A 164 4.30 -9.72 17.56
C ILE A 164 5.73 -10.04 17.13
N CYS A 165 6.25 -11.18 17.58
CA CYS A 165 7.64 -11.49 17.25
C CYS A 165 7.86 -12.85 16.61
N LYS A 166 9.13 -13.23 16.47
CA LYS A 166 9.53 -14.39 15.70
C LYS A 166 9.77 -15.59 16.61
N LYS A 167 9.46 -16.78 16.09
CA LYS A 167 9.57 -18.00 16.88
C LYS A 167 11.02 -18.29 17.22
N GLY A 168 11.35 -18.24 18.50
CA GLY A 168 12.67 -18.57 18.99
C GLY A 168 13.44 -17.44 19.65
N THR A 169 12.83 -16.28 19.87
CA THR A 169 13.53 -15.12 20.42
C THR A 169 13.00 -14.68 21.77
N LEU A 170 11.71 -14.37 21.87
CA LEU A 170 11.18 -13.66 23.03
C LEU A 170 11.31 -14.49 24.30
N THR A 171 11.78 -13.85 25.37
CA THR A 171 11.89 -14.51 26.66
C THR A 171 10.54 -14.47 27.36
N GLU A 172 10.52 -14.80 28.65
CA GLU A 172 9.25 -14.83 29.38
C GLU A 172 8.89 -13.46 29.91
N GLY A 173 9.89 -12.58 30.10
CA GLY A 173 9.64 -11.26 30.62
C GLY A 173 9.26 -10.27 29.54
N GLY A 174 9.10 -10.74 28.32
CA GLY A 174 8.75 -9.86 27.21
C GLY A 174 9.88 -9.01 26.71
N THR A 175 11.09 -9.56 26.67
CA THR A 175 12.27 -8.85 26.18
C THR A 175 13.08 -9.77 25.29
N GLN A 176 13.62 -9.20 24.21
CA GLN A 176 14.43 -9.97 23.28
C GLN A 176 15.72 -10.44 23.94
N LYS A 177 16.32 -11.47 23.36
CA LYS A 177 17.51 -12.07 23.96
C LYS A 177 18.76 -11.25 23.67
N THR A 178 19.11 -11.10 22.38
CA THR A 178 20.34 -10.41 22.03
C THR A 178 20.25 -8.92 22.30
N PHE A 179 19.07 -8.33 22.07
CA PHE A 179 18.90 -6.91 22.31
C PHE A 179 18.95 -6.61 23.80
N ASP A 180 19.53 -5.47 24.14
CA ASP A 180 19.68 -5.08 25.53
C ASP A 180 18.54 -4.21 26.03
N LYS A 181 17.74 -3.63 25.15
CA LYS A 181 16.62 -2.80 25.56
C LYS A 181 15.42 -3.03 24.66
N GLN A 182 14.26 -2.62 25.14
CA GLN A 182 12.99 -2.67 24.42
C GLN A 182 12.32 -1.31 24.62
N ILE A 183 12.53 -0.40 23.68
CA ILE A 183 12.02 0.96 23.77
C ILE A 183 10.85 1.09 22.81
N VAL A 184 9.84 1.87 23.18
CA VAL A 184 8.69 2.16 22.33
C VAL A 184 8.43 3.65 22.33
N LEU A 185 8.32 4.23 21.14
CA LEU A 185 8.17 5.67 20.97
C LEU A 185 6.90 5.97 20.20
N LEU A 186 6.03 6.80 20.76
CA LEU A 186 4.77 7.16 20.13
C LEU A 186 4.82 8.65 19.76
N PHE A 187 5.24 8.94 18.54
CA PHE A 187 5.05 10.27 18.01
C PHE A 187 3.58 10.44 17.63
N ALA A 188 2.91 11.41 18.25
CA ALA A 188 1.48 11.53 18.05
C ALA A 188 1.08 12.99 18.14
N VAL A 189 -0.17 13.26 17.77
CA VAL A 189 -0.76 14.58 17.82
C VAL A 189 -2.17 14.41 18.39
N PHE A 190 -2.40 14.90 19.60
CA PHE A 190 -3.66 14.66 20.30
C PHE A 190 -4.52 15.92 20.21
N ASP A 191 -5.34 15.99 19.17
CA ASP A 191 -6.25 17.11 18.99
C ASP A 191 -7.36 17.01 20.02
N GLU A 192 -7.25 17.75 21.11
CA GLU A 192 -8.28 17.69 22.15
C GLU A 192 -9.59 18.34 21.69
N SER A 193 -9.55 19.10 20.60
CA SER A 193 -10.80 19.69 20.09
C SER A 193 -11.71 18.62 19.52
N LYS A 194 -11.16 17.63 18.84
CA LYS A 194 -11.93 16.47 18.38
C LYS A 194 -11.80 15.31 19.36
N SER A 195 -12.18 15.55 20.61
CA SER A 195 -11.98 14.57 21.66
C SER A 195 -13.24 14.48 22.50
N TRP A 196 -13.16 13.76 23.61
CA TRP A 196 -14.31 13.57 24.47
C TRP A 196 -14.62 14.85 25.24
N SER A 197 -13.58 15.58 25.63
CA SER A 197 -13.72 16.90 26.24
C SER A 197 -13.15 17.93 25.27
N GLN A 198 -14.03 18.50 24.46
CA GLN A 198 -13.61 19.32 23.33
C GLN A 198 -13.09 20.69 23.76
N SER A 199 -11.82 20.75 24.16
CA SER A 199 -11.13 22.01 24.42
C SER A 199 -9.98 22.14 23.46
N SER A 200 -9.78 23.33 22.91
CA SER A 200 -8.75 23.54 21.90
C SER A 200 -7.38 23.13 22.44
N SER A 201 -6.51 22.66 21.55
CA SER A 201 -5.20 22.17 21.95
C SER A 201 -4.22 22.28 20.79
N LEU A 202 -3.11 22.97 21.02
CA LEU A 202 -1.98 22.95 20.09
C LEU A 202 -0.93 21.98 20.62
N MET A 203 -1.23 20.69 20.45
CA MET A 203 -0.43 19.62 21.03
C MET A 203 0.29 18.86 19.92
N TYR A 204 1.61 18.79 20.01
CA TYR A 204 2.45 18.03 19.10
C TYR A 204 3.35 17.09 19.90
N THR A 205 2.72 16.33 20.79
CA THR A 205 3.39 15.63 21.87
C THR A 205 4.16 14.40 21.39
N VAL A 206 4.78 13.72 22.35
CA VAL A 206 5.35 12.38 22.18
C VAL A 206 5.11 11.62 23.48
N ASN A 207 4.32 10.54 23.41
CA ASN A 207 3.87 9.74 24.53
C ASN A 207 2.96 10.50 25.48
N GLY A 208 2.56 11.72 25.15
CA GLY A 208 1.79 12.54 26.04
C GLY A 208 2.54 13.68 26.71
N TYR A 209 3.74 14.00 26.24
CA TYR A 209 4.57 15.05 26.81
C TYR A 209 4.88 16.09 25.75
N VAL A 210 4.75 17.36 26.12
CA VAL A 210 4.77 18.46 25.17
C VAL A 210 6.10 19.19 25.25
N ASN A 211 6.52 19.71 24.09
CA ASN A 211 7.70 20.58 23.99
C ASN A 211 8.98 19.87 24.41
N GLY A 212 8.93 18.56 24.60
CA GLY A 212 10.08 17.80 25.01
C GLY A 212 10.22 17.59 26.50
N THR A 213 9.13 17.60 27.24
CA THR A 213 9.18 17.43 28.69
C THR A 213 9.30 15.97 29.12
N MET A 214 9.35 15.04 28.16
CA MET A 214 9.49 13.64 28.51
C MET A 214 10.77 13.43 29.31
N PRO A 215 10.73 12.68 30.41
CA PRO A 215 11.95 12.44 31.19
C PRO A 215 13.03 11.78 30.34
N ASP A 216 14.28 12.06 30.70
CA ASP A 216 15.41 11.53 29.95
C ASP A 216 15.42 10.01 30.05
N ILE A 217 15.50 9.36 28.89
CA ILE A 217 15.70 7.91 28.82
C ILE A 217 17.16 7.67 28.51
N THR A 218 17.75 6.66 29.15
CA THR A 218 19.18 6.45 29.07
C THR A 218 19.51 4.96 29.06
N VAL A 219 20.65 4.65 28.48
CA VAL A 219 21.20 3.30 28.43
C VAL A 219 22.71 3.40 28.65
N CYS A 220 23.38 2.24 28.59
CA CYS A 220 24.83 2.21 28.72
C CYS A 220 25.47 2.53 27.37
N ALA A 221 26.77 2.31 27.27
CA ALA A 221 27.52 2.59 26.05
C ALA A 221 28.03 1.29 25.42
N HIS A 222 28.06 1.28 24.10
CA HIS A 222 28.52 0.14 23.31
C HIS A 222 27.71 -1.12 23.62
N ASP A 223 26.41 -1.04 23.32
CA ASP A 223 25.53 -2.20 23.36
C ASP A 223 24.56 -2.12 22.19
N HIS A 224 23.81 -3.20 21.99
CA HIS A 224 22.83 -3.32 20.92
C HIS A 224 21.45 -3.02 21.48
N ILE A 225 20.71 -2.15 20.80
CA ILE A 225 19.41 -1.68 21.28
C ILE A 225 18.36 -1.97 20.22
N SER A 226 17.09 -2.00 20.65
CA SER A 226 15.95 -2.24 19.79
C SER A 226 14.94 -1.11 19.96
N TRP A 227 14.52 -0.53 18.85
CA TRP A 227 13.54 0.55 18.84
C TRP A 227 12.20 0.04 18.32
N HIS A 228 11.14 0.77 18.67
CA HIS A 228 9.81 0.47 18.16
C HIS A 228 9.07 1.79 18.05
N LEU A 229 9.11 2.38 16.85
CA LEU A 229 8.63 3.74 16.63
C LEU A 229 7.23 3.68 16.06
N LEU A 230 6.24 3.91 16.91
CA LEU A 230 4.88 4.04 16.44
C LEU A 230 4.65 5.45 15.90
N GLY A 231 3.40 5.73 15.54
CA GLY A 231 3.01 7.04 15.11
C GLY A 231 1.55 7.04 14.73
N MET A 232 0.78 8.00 15.22
CA MET A 232 -0.65 7.97 14.99
C MET A 232 -1.25 9.34 15.24
N SER A 233 -2.11 9.78 14.34
CA SER A 233 -2.82 11.05 14.46
C SER A 233 -4.05 10.98 13.57
N SER A 234 -5.13 11.63 14.00
CA SER A 234 -6.36 11.63 13.22
C SER A 234 -6.12 12.14 11.81
N GLY A 235 -5.57 13.35 11.69
CA GLY A 235 -5.25 13.91 10.41
C GLY A 235 -4.05 13.23 9.76
N PRO A 236 -3.83 13.50 8.48
CA PRO A 236 -2.70 12.90 7.75
C PRO A 236 -1.38 13.64 7.94
N GLU A 237 -0.70 13.32 9.04
CA GLU A 237 0.57 13.93 9.38
C GLU A 237 1.73 13.08 8.85
N LEU A 238 2.95 13.58 9.04
CA LEU A 238 4.16 12.89 8.60
C LEU A 238 5.26 13.10 9.63
N PHE A 239 5.97 12.03 9.98
CA PHE A 239 7.00 12.07 11.00
C PHE A 239 8.32 11.58 10.40
N SER A 240 9.20 12.51 10.05
CA SER A 240 10.50 12.19 9.49
C SER A 240 11.51 12.23 10.64
N ILE A 241 11.49 11.17 11.45
CA ILE A 241 12.34 11.11 12.62
C ILE A 241 13.80 11.16 12.22
N HIS A 242 14.64 11.69 13.11
CA HIS A 242 16.07 11.78 12.86
C HIS A 242 16.81 11.49 14.14
N PHE A 243 17.82 10.63 14.05
CA PHE A 243 18.66 10.26 15.19
C PHE A 243 19.99 10.98 15.02
N ASN A 244 20.19 12.03 15.81
CA ASN A 244 21.41 12.83 15.71
C ASN A 244 22.63 11.98 16.01
N GLY A 245 23.66 12.13 15.17
CA GLY A 245 24.97 11.56 15.44
C GLY A 245 25.06 10.06 15.37
N GLN A 246 23.96 9.35 15.18
CA GLN A 246 23.99 7.89 15.15
C GLN A 246 23.39 7.37 13.85
N VAL A 247 23.51 6.06 13.66
CA VAL A 247 23.03 5.39 12.45
C VAL A 247 22.15 4.22 12.85
N LEU A 248 21.10 4.01 12.06
CA LEU A 248 20.17 2.90 12.25
C LEU A 248 20.28 1.96 11.07
N GLU A 249 19.52 0.86 11.12
CA GLU A 249 19.44 -0.10 10.03
C GLU A 249 18.02 -0.64 9.96
N GLN A 250 17.18 -0.03 9.13
CA GLN A 250 15.85 -0.54 8.85
C GLN A 250 15.81 -1.03 7.41
N ASN A 251 15.23 -2.22 7.20
CA ASN A 251 15.04 -2.78 5.87
C ASN A 251 16.38 -2.89 5.15
N HIS A 252 17.40 -3.31 5.90
CA HIS A 252 18.74 -3.54 5.36
C HIS A 252 19.32 -2.29 4.71
N HIS A 253 18.76 -1.13 5.01
CA HIS A 253 19.23 0.14 4.46
C HIS A 253 19.84 0.95 5.59
N LYS A 254 21.15 1.22 5.50
CA LYS A 254 21.85 1.91 6.57
C LYS A 254 21.43 3.38 6.61
N VAL A 255 20.24 3.64 7.09
CA VAL A 255 19.66 4.97 7.03
C VAL A 255 19.87 5.67 8.37
N SER A 256 19.87 7.00 8.34
CA SER A 256 20.01 7.82 9.54
C SER A 256 18.77 8.68 9.79
N ALA A 257 17.64 8.34 9.19
CA ALA A 257 16.41 9.07 9.41
C ALA A 257 15.24 8.16 9.06
N ILE A 258 14.36 7.92 10.02
CA ILE A 258 13.22 7.03 9.83
C ILE A 258 11.99 7.90 9.59
N THR A 259 11.23 7.58 8.54
CA THR A 259 10.03 8.32 8.20
C THR A 259 8.80 7.49 8.52
N LEU A 260 7.88 8.07 9.28
CA LEU A 260 6.64 7.42 9.62
C LEU A 260 5.49 8.33 9.27
N VAL A 261 4.45 7.76 8.68
CA VAL A 261 3.22 8.47 8.40
C VAL A 261 2.18 8.00 9.42
N SER A 262 1.11 8.78 9.56
CA SER A 262 0.12 8.52 10.60
C SER A 262 -0.39 7.08 10.56
N ALA A 263 -0.66 6.53 11.75
CA ALA A 263 -1.20 5.19 11.91
C ALA A 263 -0.30 4.13 11.26
N THR A 264 0.99 4.19 11.59
CA THR A 264 1.96 3.25 11.05
C THR A 264 3.01 3.00 12.14
N SER A 265 3.86 2.01 11.91
CA SER A 265 4.88 1.67 12.89
C SER A 265 5.97 0.84 12.23
N THR A 266 7.14 0.82 12.84
CA THR A 266 8.25 0.05 12.34
C THR A 266 9.21 -0.25 13.47
N THR A 267 10.13 -1.17 13.22
CA THR A 267 11.18 -1.55 14.16
C THR A 267 12.54 -1.32 13.53
N ALA A 268 13.55 -1.16 14.38
CA ALA A 268 14.89 -0.84 13.90
C ALA A 268 15.90 -1.11 14.99
N ASN A 269 17.15 -1.23 14.59
CA ASN A 269 18.24 -1.53 15.51
C ASN A 269 19.38 -0.55 15.30
N MET A 270 20.24 -0.47 16.31
CA MET A 270 21.44 0.36 16.28
C MET A 270 22.33 -0.04 17.45
N THR A 271 23.62 0.25 17.32
CA THR A 271 24.59 0.01 18.36
C THR A 271 25.11 1.35 18.84
N VAL A 272 24.92 1.64 20.13
CA VAL A 272 25.29 2.94 20.67
C VAL A 272 26.80 3.03 20.80
N GLY A 273 27.32 4.24 20.63
CA GLY A 273 28.74 4.48 20.68
C GLY A 273 29.21 4.91 22.05
N PRO A 274 30.14 5.84 22.10
CA PRO A 274 30.60 6.38 23.39
C PRO A 274 29.52 7.22 24.06
N GLU A 275 29.77 7.64 25.29
CA GLU A 275 28.77 8.38 26.07
C GLU A 275 28.72 9.84 25.61
N GLY A 276 27.81 10.59 26.20
CA GLY A 276 27.48 11.95 25.78
C GLY A 276 26.04 12.01 25.30
N LYS A 277 25.37 13.12 25.61
CA LYS A 277 23.95 13.23 25.33
C LYS A 277 23.69 13.33 23.83
N TRP A 278 22.43 13.14 23.46
CA TRP A 278 22.00 13.22 22.06
C TRP A 278 20.56 13.73 22.04
N ILE A 279 20.02 13.89 20.82
CA ILE A 279 18.67 14.40 20.64
C ILE A 279 17.99 13.61 19.54
N ILE A 280 16.68 13.40 19.71
CA ILE A 280 15.86 12.73 18.71
C ILE A 280 15.07 13.82 18.00
N SER A 281 15.59 14.29 16.87
CA SER A 281 14.99 15.40 16.15
C SER A 281 13.92 14.90 15.17
N SER A 282 12.92 15.74 14.94
CA SER A 282 11.89 15.48 13.94
C SER A 282 12.10 16.45 12.78
N LEU A 283 12.49 15.91 11.62
CA LEU A 283 12.95 16.75 10.52
C LEU A 283 11.84 17.52 9.83
N THR A 284 10.58 17.12 10.00
CA THR A 284 9.52 17.79 9.27
C THR A 284 9.43 19.25 9.70
N PRO A 285 9.45 20.20 8.76
CA PRO A 285 9.51 21.62 9.14
C PRO A 285 8.31 22.13 9.92
N LYS A 286 7.37 21.25 10.26
CA LYS A 286 6.26 21.62 11.11
C LYS A 286 6.35 20.99 12.50
N HIS A 287 6.83 19.75 12.59
CA HIS A 287 7.09 19.13 13.90
C HIS A 287 8.35 19.69 14.55
N LEU A 288 9.00 20.67 13.94
CA LEU A 288 10.15 21.33 14.53
C LEU A 288 9.73 22.58 15.29
N GLN A 289 9.06 23.50 14.61
CA GLN A 289 8.56 24.70 15.27
C GLN A 289 7.63 24.35 16.42
N ALA A 290 6.80 23.32 16.24
CA ALA A 290 5.89 22.91 17.30
C ALA A 290 6.65 22.53 18.56
N GLY A 291 7.72 21.76 18.40
CA GLY A 291 8.53 21.35 19.53
C GLY A 291 8.18 19.97 20.02
N MET A 292 8.96 18.97 19.63
CA MET A 292 8.74 17.60 20.09
C MET A 292 10.01 16.80 19.86
N GLN A 293 10.54 16.22 20.92
CA GLN A 293 11.76 15.42 20.83
C GLN A 293 11.93 14.69 22.15
N ALA A 294 13.07 14.03 22.29
CA ALA A 294 13.41 13.30 23.50
C ALA A 294 14.88 13.57 23.79
N TYR A 295 15.46 12.78 24.70
CA TYR A 295 16.85 12.94 25.05
C TYR A 295 17.45 11.57 25.29
N ILE A 296 18.65 11.37 24.76
CA ILE A 296 19.35 10.09 24.86
C ILE A 296 20.66 10.33 25.59
N ASP A 297 20.65 10.15 26.90
CA ASP A 297 21.87 10.17 27.70
C ASP A 297 22.48 8.78 27.69
N ILE A 298 23.81 8.73 27.73
CA ILE A 298 24.53 7.47 27.69
C ILE A 298 25.38 7.37 28.96
N LYS A 299 25.11 6.36 29.77
CA LYS A 299 25.86 6.13 31.00
C LYS A 299 27.12 5.33 30.69
N ASN A 300 27.77 4.81 31.73
CA ASN A 300 29.00 4.03 31.59
C ASN A 300 28.97 2.88 32.59
N CYS A 301 28.41 1.74 32.17
CA CYS A 301 28.26 0.60 33.05
C CYS A 301 29.54 -0.21 33.08
N PRO A 302 30.13 -0.44 34.25
CA PRO A 302 31.39 -1.17 34.30
C PRO A 302 31.24 -2.66 34.02
N LYS A 303 31.03 -3.01 32.75
CA LYS A 303 30.99 -4.41 32.32
C LYS A 303 32.14 -4.76 31.40
N LYS A 304 32.27 -4.07 30.27
CA LYS A 304 33.34 -4.38 29.33
C LYS A 304 33.51 -3.19 28.38
N THR A 305 34.74 -3.04 27.88
CA THR A 305 35.11 -1.98 26.96
C THR A 305 35.84 -2.62 25.77
N ARG A 306 35.32 -2.40 24.56
CA ARG A 306 35.81 -3.10 23.40
C ARG A 306 37.09 -2.45 22.86
N ASN A 307 37.93 -3.27 22.23
CA ASN A 307 39.15 -2.80 21.58
C ASN A 307 39.25 -3.47 20.23
N LEU A 308 39.10 -2.69 19.16
CA LEU A 308 39.08 -3.24 17.81
C LEU A 308 40.09 -2.55 16.90
N LYS A 309 40.03 -2.85 15.60
CA LYS A 309 40.99 -2.30 14.65
C LYS A 309 40.84 -0.78 14.54
N LYS A 310 41.96 -0.07 14.62
CA LYS A 310 41.98 1.38 14.53
C LYS A 310 42.48 1.88 13.18
N ILE A 311 43.66 1.42 12.74
CA ILE A 311 44.18 1.82 11.44
C ILE A 311 43.49 1.00 10.35
N THR A 312 43.47 1.55 9.14
CA THR A 312 42.81 0.92 7.99
C THR A 312 43.68 -0.23 7.47
N ARG A 313 43.78 -1.28 8.30
CA ARG A 313 44.49 -2.51 7.96
C ARG A 313 45.94 -2.25 7.54
N GLU A 314 46.47 -1.10 7.93
CA GLU A 314 47.87 -0.68 7.73
C GLU A 314 48.28 -0.56 6.26
N GLN A 315 47.34 -0.54 5.32
CA GLN A 315 47.73 -0.26 3.94
C GLN A 315 46.93 0.87 3.31
N ARG A 316 45.63 0.94 3.55
CA ARG A 316 44.78 1.98 2.97
C ARG A 316 44.67 3.17 3.93
N ARG A 317 45.83 3.69 4.33
CA ARG A 317 45.86 4.76 5.33
C ARG A 317 45.31 6.07 4.76
N HIS A 318 45.86 6.51 3.62
CA HIS A 318 45.38 7.70 2.92
C HIS A 318 45.45 8.95 3.80
N MET A 319 46.55 9.09 4.53
CA MET A 319 46.78 10.25 5.38
C MET A 319 47.54 11.30 4.59
N LYS A 320 46.85 12.35 4.16
CA LYS A 320 47.45 13.44 3.41
C LYS A 320 46.56 14.69 3.59
N ARG A 321 46.76 15.69 2.73
CA ARG A 321 46.17 17.01 2.91
C ARG A 321 44.74 17.11 2.38
N TRP A 322 44.03 16.00 2.22
CA TRP A 322 42.68 16.04 1.70
C TRP A 322 41.70 16.47 2.78
N GLU A 323 41.92 17.65 3.36
CA GLU A 323 40.99 18.28 4.27
C GLU A 323 40.17 19.31 3.51
N TYR A 324 39.42 20.13 4.23
CA TYR A 324 38.53 21.09 3.58
C TYR A 324 38.55 22.41 4.34
N PHE A 325 38.92 23.47 3.63
CA PHE A 325 38.98 24.82 4.19
C PHE A 325 37.78 25.58 3.62
N ILE A 326 36.65 25.46 4.30
CA ILE A 326 35.42 26.11 3.90
C ILE A 326 35.25 27.38 4.70
N ALA A 327 34.35 28.25 4.26
CA ALA A 327 34.08 29.49 4.95
C ALA A 327 32.64 29.88 4.67
N ALA A 328 32.31 31.15 4.94
CA ALA A 328 31.02 31.72 4.63
C ALA A 328 31.22 33.15 4.14
N GLU A 329 30.37 33.57 3.20
CA GLU A 329 30.42 34.92 2.68
C GLU A 329 29.00 35.41 2.45
N GLU A 330 28.86 36.56 1.80
CA GLU A 330 27.55 37.16 1.54
C GLU A 330 27.52 37.79 0.15
N VAL A 331 28.04 37.08 -0.85
CA VAL A 331 28.26 37.65 -2.18
C VAL A 331 26.96 37.92 -2.91
N ILE A 332 27.07 38.65 -4.03
CA ILE A 332 25.92 38.94 -4.88
C ILE A 332 25.40 37.65 -5.49
N TRP A 333 24.08 37.52 -5.61
CA TRP A 333 23.48 36.31 -6.16
C TRP A 333 22.46 36.66 -7.25
N ASP A 334 22.65 36.08 -8.42
CA ASP A 334 21.69 36.17 -9.51
C ASP A 334 20.91 34.86 -9.58
N TYR A 335 19.64 34.88 -9.17
CA TYR A 335 18.80 33.70 -9.34
C TYR A 335 18.65 33.32 -10.81
N ALA A 336 18.49 34.31 -11.68
CA ALA A 336 18.68 34.13 -13.10
C ALA A 336 20.04 34.70 -13.47
N PRO A 337 20.94 33.92 -14.06
CA PRO A 337 22.34 34.33 -14.15
C PRO A 337 22.57 35.52 -15.07
N VAL A 338 23.82 35.93 -15.22
CA VAL A 338 24.15 37.11 -16.02
C VAL A 338 23.88 36.85 -17.48
N ILE A 339 22.84 37.48 -18.01
CA ILE A 339 22.50 37.45 -19.43
C ILE A 339 22.32 36.01 -19.88
N PRO A 340 21.25 35.33 -19.48
CA PRO A 340 20.96 34.01 -20.03
C PRO A 340 20.14 34.12 -21.30
N ALA A 341 19.86 32.97 -21.90
CA ALA A 341 19.03 32.94 -23.10
C ALA A 341 17.57 33.16 -22.76
N ASN A 342 17.03 32.37 -21.82
CA ASN A 342 15.62 32.44 -21.45
C ASN A 342 15.47 33.41 -20.30
N MET A 343 15.38 34.69 -20.64
CA MET A 343 15.26 35.73 -19.64
C MET A 343 13.89 35.67 -18.97
N ASP A 344 13.83 36.24 -17.76
CA ASP A 344 12.60 36.34 -17.00
C ASP A 344 12.36 37.81 -16.67
N LYS A 345 11.09 38.22 -16.75
CA LYS A 345 10.72 39.61 -16.48
C LYS A 345 10.61 39.93 -15.01
N LYS A 346 10.24 38.96 -14.18
CA LYS A 346 9.99 39.23 -12.76
C LYS A 346 11.30 39.49 -12.02
N TYR A 347 12.16 38.49 -11.96
CA TYR A 347 13.32 38.55 -11.08
C TYR A 347 14.36 39.58 -11.52
N ARG A 348 14.43 39.89 -12.81
CA ARG A 348 15.45 40.79 -13.32
C ARG A 348 15.17 42.25 -12.97
N SER A 349 14.13 42.82 -13.58
CA SER A 349 13.88 44.25 -13.51
C SER A 349 13.07 44.67 -12.30
N GLN A 350 12.82 43.75 -11.36
CA GLN A 350 12.11 44.07 -10.13
C GLN A 350 12.85 43.64 -8.87
N HIS A 351 13.90 42.82 -8.98
CA HIS A 351 14.52 42.25 -7.79
C HIS A 351 16.05 42.26 -7.76
N LEU A 352 16.74 42.51 -8.88
CA LEU A 352 18.19 42.64 -8.85
C LEU A 352 18.67 44.01 -9.31
N ASP A 353 18.26 44.47 -10.49
CA ASP A 353 18.98 45.56 -11.12
C ASP A 353 18.42 46.91 -10.67
N ASN A 354 19.16 47.95 -11.04
CA ASN A 354 18.78 49.33 -10.75
C ASN A 354 17.80 49.88 -11.78
N PHE A 355 17.30 49.03 -12.69
CA PHE A 355 16.32 49.44 -13.69
C PHE A 355 14.97 49.59 -12.99
N SER A 356 14.50 50.83 -12.86
CA SER A 356 13.35 51.21 -12.03
C SER A 356 13.67 51.11 -10.54
N ASN A 357 14.97 51.13 -10.23
CA ASN A 357 15.52 51.40 -8.89
C ASN A 357 14.79 50.64 -7.79
N GLN A 358 14.90 49.32 -7.84
CA GLN A 358 14.21 48.46 -6.86
C GLN A 358 15.05 48.23 -5.61
N ILE A 359 16.21 47.60 -5.77
CA ILE A 359 17.06 47.26 -4.63
C ILE A 359 18.45 47.83 -4.85
N GLY A 360 18.97 47.71 -6.07
CA GLY A 360 20.32 48.12 -6.38
C GLY A 360 20.95 47.20 -7.39
N LYS A 361 22.08 46.59 -7.03
CA LYS A 361 22.63 45.47 -7.79
C LYS A 361 22.83 44.23 -6.94
N HIS A 362 23.10 44.39 -5.65
CA HIS A 362 23.60 43.31 -4.81
C HIS A 362 22.46 42.59 -4.08
N TYR A 363 22.57 41.27 -4.03
CA TYR A 363 21.89 40.44 -3.04
C TYR A 363 22.90 40.02 -1.99
N LYS A 364 22.56 40.26 -0.72
CA LYS A 364 23.31 39.65 0.36
C LYS A 364 22.84 38.21 0.51
N LYS A 365 23.61 37.28 -0.06
CA LYS A 365 23.24 35.87 -0.08
C LYS A 365 24.45 35.07 0.40
N VAL A 366 24.26 34.35 1.50
CA VAL A 366 25.35 33.59 2.09
C VAL A 366 25.48 32.25 1.37
N MET A 367 26.69 31.70 1.35
CA MET A 367 26.95 30.44 0.70
C MET A 367 28.28 29.88 1.20
N TYR A 368 28.34 28.56 1.31
CA TYR A 368 29.56 27.89 1.72
C TYR A 368 30.55 27.88 0.57
N THR A 369 31.48 28.83 0.56
CA THR A 369 32.50 28.92 -0.47
C THR A 369 33.76 28.19 -0.04
N GLN A 370 34.45 27.61 -1.02
CA GLN A 370 35.56 26.70 -0.77
C GLN A 370 36.87 27.33 -1.23
N TYR A 371 37.72 27.68 -0.27
CA TYR A 371 39.10 28.05 -0.55
C TYR A 371 39.95 26.79 -0.49
N GLU A 372 40.86 26.65 -1.45
CA GLU A 372 41.73 25.50 -1.49
C GLU A 372 43.01 25.69 -0.70
N ASP A 373 43.34 26.92 -0.34
CA ASP A 373 44.52 27.20 0.46
C ASP A 373 44.17 27.23 1.94
N GLU A 374 45.14 26.88 2.78
CA GLU A 374 44.91 26.88 4.22
C GLU A 374 44.72 28.29 4.77
N SER A 375 45.52 29.25 4.30
CA SER A 375 45.53 30.58 4.87
C SER A 375 44.36 31.44 4.41
N PHE A 376 43.45 30.91 3.60
CA PHE A 376 42.29 31.64 3.10
C PHE A 376 42.70 32.91 2.34
N THR A 377 43.50 32.70 1.30
CA THR A 377 43.96 33.80 0.46
C THR A 377 43.47 33.71 -0.97
N LYS A 378 42.66 32.72 -1.32
CA LYS A 378 42.18 32.59 -2.69
C LYS A 378 41.02 31.60 -2.73
N HIS A 379 40.03 31.92 -3.55
CA HIS A 379 39.03 30.92 -3.91
C HIS A 379 39.66 29.85 -4.77
N THR A 380 38.94 28.75 -4.97
CA THR A 380 39.47 27.71 -5.83
C THR A 380 39.15 27.95 -7.30
N VAL A 381 37.93 28.43 -7.61
CA VAL A 381 37.53 28.79 -8.96
C VAL A 381 36.59 30.00 -8.89
N ASN A 382 36.93 31.06 -9.62
CA ASN A 382 36.02 32.18 -9.83
C ASN A 382 35.08 31.89 -11.00
N PRO A 383 35.60 31.46 -12.18
CA PRO A 383 34.67 31.00 -13.24
C PRO A 383 34.28 29.54 -13.03
N ASN A 384 33.53 28.98 -13.97
CA ASN A 384 32.99 27.64 -13.81
C ASN A 384 33.77 26.63 -14.65
N MET A 385 33.53 25.35 -14.34
CA MET A 385 34.26 24.23 -14.92
C MET A 385 33.58 23.60 -16.14
N LYS A 386 32.87 24.40 -16.94
CA LYS A 386 32.18 24.09 -18.19
C LYS A 386 30.86 23.34 -17.97
N GLU A 387 30.64 22.73 -16.82
CA GLU A 387 29.43 21.96 -16.58
C GLU A 387 28.87 22.07 -15.18
N ASP A 388 29.47 22.89 -14.30
CA ASP A 388 29.01 22.93 -12.91
C ASP A 388 28.06 24.10 -12.65
N GLY A 389 28.58 25.32 -12.73
CA GLY A 389 27.78 26.48 -12.38
C GLY A 389 27.70 26.66 -10.88
N ILE A 390 26.84 25.89 -10.22
CA ILE A 390 26.70 25.97 -8.76
C ILE A 390 26.73 24.58 -8.14
N LEU A 391 27.30 23.60 -8.84
CA LEU A 391 27.58 22.33 -8.17
C LEU A 391 28.34 22.61 -6.88
N GLY A 392 27.71 22.30 -5.74
CA GLY A 392 28.15 22.78 -4.44
C GLY A 392 29.51 22.28 -4.02
N PRO A 393 29.99 22.74 -2.85
CA PRO A 393 31.29 22.27 -2.38
C PRO A 393 31.18 20.81 -1.99
N ILE A 394 31.69 19.93 -2.84
CA ILE A 394 31.44 18.50 -2.76
C ILE A 394 32.31 17.93 -1.66
N ILE A 395 31.69 17.33 -0.65
CA ILE A 395 32.38 16.76 0.50
C ILE A 395 32.26 15.25 0.40
N ARG A 396 33.27 14.62 -0.21
CA ARG A 396 33.29 13.18 -0.42
C ARG A 396 34.10 12.54 0.70
N ALA A 397 33.44 11.79 1.56
CA ALA A 397 34.05 11.23 2.75
C ALA A 397 34.10 9.71 2.66
N GLN A 398 35.31 9.17 2.76
CA GLN A 398 35.52 7.73 2.85
C GLN A 398 36.62 7.50 3.88
N VAL A 399 37.17 6.29 3.93
CA VAL A 399 38.05 5.89 5.03
C VAL A 399 39.30 6.77 5.10
N ARG A 400 39.40 7.53 6.20
CA ARG A 400 40.60 8.25 6.62
C ARG A 400 41.32 8.92 5.45
N ASP A 401 40.63 9.88 4.83
CA ASP A 401 41.21 10.69 3.74
C ASP A 401 41.57 12.05 4.36
N THR A 402 41.85 12.05 5.67
CA THR A 402 42.18 13.28 6.44
C THR A 402 41.06 14.30 6.24
N LEU A 403 39.83 13.94 6.61
CA LEU A 403 38.72 14.86 6.41
C LEU A 403 38.71 15.84 7.58
N LYS A 404 39.26 17.02 7.35
CA LYS A 404 39.29 18.08 8.36
C LYS A 404 38.58 19.30 7.80
N ILE A 405 37.62 19.82 8.56
CA ILE A 405 36.79 20.93 8.11
C ILE A 405 37.28 22.22 8.76
N VAL A 406 38.19 22.92 8.10
CA VAL A 406 38.60 24.24 8.57
C VAL A 406 37.53 25.25 8.17
N PHE A 407 37.19 26.14 9.08
CA PHE A 407 36.03 27.01 8.93
C PHE A 407 36.41 28.43 9.33
N LYS A 408 36.13 29.39 8.46
CA LYS A 408 36.46 30.80 8.70
C LYS A 408 35.22 31.65 8.40
N ASN A 409 34.40 31.86 9.42
CA ASN A 409 33.24 32.74 9.29
C ASN A 409 33.67 34.13 8.88
N MET A 410 33.29 34.54 7.67
CA MET A 410 33.57 35.89 7.18
C MET A 410 32.28 36.63 6.89
N ALA A 411 31.22 36.33 7.64
CA ALA A 411 29.91 36.91 7.45
C ALA A 411 29.65 37.97 8.51
N SER A 412 28.42 38.48 8.52
CA SER A 412 27.98 39.52 9.43
C SER A 412 26.96 38.99 10.44
N ARG A 413 27.11 37.74 10.85
CA ARG A 413 26.16 37.10 11.76
C ARG A 413 26.78 35.78 12.21
N PRO A 414 26.41 35.30 13.40
CA PRO A 414 26.88 33.98 13.84
C PRO A 414 26.30 32.87 12.97
N TYR A 415 27.20 32.03 12.45
CA TYR A 415 26.82 30.89 11.62
C TYR A 415 27.48 29.61 12.13
N SER A 416 27.33 28.51 11.40
CA SER A 416 27.96 27.24 11.75
C SER A 416 27.75 26.28 10.58
N ILE A 417 28.21 25.05 10.75
CA ILE A 417 27.87 23.95 9.86
C ILE A 417 27.43 22.77 10.71
N TYR A 418 26.63 21.90 10.10
CA TYR A 418 26.22 20.68 10.79
C TYR A 418 25.87 19.59 9.78
N PRO A 419 26.65 18.50 9.74
CA PRO A 419 26.34 17.41 8.81
C PRO A 419 25.25 16.49 9.34
N HIS A 420 25.00 15.40 8.63
CA HIS A 420 24.00 14.41 9.03
C HIS A 420 24.67 13.05 9.18
N GLY A 421 24.21 12.29 10.18
CA GLY A 421 24.74 10.96 10.41
C GLY A 421 26.23 10.91 10.68
N VAL A 422 26.78 11.97 11.26
CA VAL A 422 28.22 12.09 11.49
C VAL A 422 28.41 12.29 12.99
N THR A 423 28.85 11.23 13.68
CA THR A 423 29.17 11.35 15.09
C THR A 423 30.35 12.30 15.26
N PHE A 424 30.31 13.08 16.33
CA PHE A 424 31.34 14.07 16.59
C PHE A 424 32.36 13.56 17.59
N SER A 425 33.53 14.19 17.57
CA SER A 425 34.54 13.92 18.58
C SER A 425 34.48 15.00 19.66
N PRO A 426 34.63 14.62 20.94
CA PRO A 426 34.39 15.58 22.03
C PRO A 426 35.36 16.75 22.06
N TYR A 427 36.27 16.82 21.08
CA TYR A 427 37.20 17.93 21.02
C TYR A 427 36.55 19.19 20.45
N GLU A 428 35.64 19.02 19.50
CA GLU A 428 34.83 20.13 18.98
C GLU A 428 33.43 19.61 18.72
N ASP A 429 32.42 20.39 19.13
CA ASP A 429 31.05 19.88 19.20
C ASP A 429 30.51 19.53 17.82
N GLU A 430 30.61 20.46 16.88
CA GLU A 430 29.98 20.33 15.56
C GLU A 430 28.46 20.15 15.71
N VAL A 431 27.90 20.69 16.78
CA VAL A 431 26.46 20.63 17.03
C VAL A 431 26.12 21.69 18.07
N ASN A 432 24.91 22.25 17.95
CA ASN A 432 24.45 23.29 18.86
C ASN A 432 23.66 22.67 20.02
N SER A 433 24.33 21.77 20.73
CA SER A 433 23.74 21.21 21.93
C SER A 433 23.74 22.24 23.05
N SER A 434 22.81 22.07 24.00
CA SER A 434 22.67 23.02 25.08
C SER A 434 23.90 23.00 25.99
N PHE A 435 24.23 21.83 26.52
CA PHE A 435 25.33 21.68 27.47
C PHE A 435 26.65 21.73 26.70
N THR A 436 27.17 22.95 26.53
CA THR A 436 28.53 23.14 26.03
C THR A 436 29.46 23.26 27.23
N SER A 437 30.30 22.25 27.43
CA SER A 437 31.09 22.15 28.65
C SER A 437 32.03 23.34 28.79
N GLY A 438 32.65 23.44 29.97
CA GLY A 438 33.51 24.55 30.30
C GLY A 438 34.75 24.70 29.45
N ARG A 439 35.63 25.63 29.84
CA ARG A 439 36.84 25.91 29.07
C ARG A 439 37.75 24.69 28.96
N ASN A 440 37.56 23.67 29.81
CA ASN A 440 38.47 22.53 29.80
C ASN A 440 38.21 21.64 28.58
N ASN A 441 37.11 20.89 28.59
CA ASN A 441 36.68 20.12 27.42
C ASN A 441 35.62 20.90 26.64
N THR A 442 36.01 22.04 26.07
CA THR A 442 35.07 22.92 25.43
C THR A 442 34.42 22.25 24.21
N MET A 443 33.25 22.75 23.85
CA MET A 443 32.57 22.33 22.63
C MET A 443 31.78 23.55 22.11
N ILE A 444 32.40 24.28 21.18
CA ILE A 444 31.80 25.48 20.62
C ILE A 444 31.05 25.14 19.35
N ARG A 445 29.87 25.72 19.19
CA ARG A 445 28.99 25.43 18.06
C ARG A 445 28.88 26.55 17.05
N ALA A 446 28.85 27.81 17.50
CA ALA A 446 28.70 28.95 16.62
C ALA A 446 30.04 29.65 16.40
N VAL A 447 30.07 30.54 15.41
CA VAL A 447 31.24 31.37 15.16
C VAL A 447 30.76 32.78 14.88
N GLN A 448 31.27 33.73 15.64
CA GLN A 448 30.86 35.12 15.53
C GLN A 448 31.32 35.73 14.21
N PRO A 449 30.70 36.86 13.80
CA PRO A 449 30.99 37.40 12.47
C PRO A 449 32.38 37.99 12.35
N GLY A 450 33.36 37.12 12.11
CA GLY A 450 34.72 37.56 11.89
C GLY A 450 35.73 36.58 12.43
N GLU A 451 35.28 35.70 13.32
CA GLU A 451 36.17 34.73 13.93
C GLU A 451 36.54 33.65 12.94
N THR A 452 37.36 32.69 13.39
CA THR A 452 37.60 31.44 12.70
C THR A 452 37.39 30.31 13.69
N TYR A 453 37.53 29.09 13.22
CA TYR A 453 37.23 27.91 14.03
C TYR A 453 37.90 26.70 13.37
N THR A 454 37.63 25.52 13.91
CA THR A 454 38.17 24.29 13.34
C THR A 454 37.36 23.11 13.84
N TYR A 455 36.70 22.41 12.93
CA TYR A 455 35.99 21.19 13.25
C TYR A 455 36.90 20.00 13.02
N LYS A 456 36.44 18.81 13.39
CA LYS A 456 37.29 17.64 13.35
C LYS A 456 36.43 16.39 13.24
N TRP A 457 36.42 15.77 12.06
CA TRP A 457 35.97 14.39 11.94
C TRP A 457 36.41 13.78 10.60
N ASN A 458 37.17 12.69 10.67
CA ASN A 458 37.57 11.93 9.49
C ASN A 458 37.06 10.50 9.61
N ILE A 459 36.05 10.16 8.81
CA ILE A 459 35.39 8.87 8.95
C ILE A 459 36.34 7.75 8.55
N LEU A 460 36.15 6.58 9.16
CA LEU A 460 36.92 5.38 8.92
C LEU A 460 35.97 4.33 8.35
N GLU A 461 36.44 3.09 8.27
CA GLU A 461 35.68 2.00 7.64
C GLU A 461 34.81 1.26 8.65
N PHE A 462 34.29 1.99 9.64
CA PHE A 462 33.48 1.41 10.70
C PHE A 462 31.97 1.61 10.51
N ASP A 463 31.55 2.37 9.49
CA ASP A 463 30.12 2.59 9.25
C ASP A 463 29.82 2.52 7.76
N GLU A 464 30.38 1.53 7.07
CA GLU A 464 30.10 1.38 5.66
C GLU A 464 28.66 0.93 5.45
N PRO A 465 27.96 1.43 4.44
CA PRO A 465 26.55 1.10 4.27
C PRO A 465 26.37 -0.35 3.85
N THR A 466 25.15 -0.85 4.10
CA THR A 466 24.81 -2.19 3.65
C THR A 466 24.87 -2.28 2.13
N GLU A 467 25.12 -3.49 1.64
CA GLU A 467 25.26 -3.67 0.19
C GLU A 467 23.96 -3.39 -0.53
N ASN A 468 22.81 -3.57 0.13
CA ASN A 468 21.53 -3.27 -0.47
C ASN A 468 21.33 -1.77 -0.67
N ASP A 469 22.05 -0.94 0.07
CA ASP A 469 21.94 0.50 -0.09
C ASP A 469 22.54 0.93 -1.44
N ALA A 470 22.51 2.23 -1.68
CA ALA A 470 23.07 2.77 -2.91
C ALA A 470 24.60 2.74 -2.88
N GLN A 471 25.22 3.09 -4.00
CA GLN A 471 26.67 3.09 -4.08
C GLN A 471 27.26 4.19 -3.21
N CYS A 472 26.94 5.43 -3.51
CA CYS A 472 27.47 6.59 -2.79
C CYS A 472 26.31 7.28 -2.08
N LEU A 473 26.22 7.07 -0.76
CA LEU A 473 25.23 7.76 0.03
C LEU A 473 25.40 9.26 -0.10
N THR A 474 24.32 9.99 0.20
CA THR A 474 24.37 11.45 0.17
C THR A 474 23.66 12.00 1.41
N ARG A 475 24.24 13.06 1.97
CA ARG A 475 23.72 13.67 3.19
C ARG A 475 23.97 15.16 3.12
N PRO A 476 23.07 15.98 3.66
CA PRO A 476 23.25 17.43 3.62
C PRO A 476 24.21 17.90 4.70
N TYR A 477 24.44 19.21 4.72
CA TYR A 477 25.03 19.87 5.86
C TYR A 477 24.68 21.36 5.78
N TYR A 478 24.19 21.91 6.89
CA TYR A 478 23.64 23.26 6.88
C TYR A 478 24.01 23.94 8.19
N SER A 479 23.54 25.17 8.35
CA SER A 479 23.85 25.98 9.52
C SER A 479 22.85 25.68 10.63
N ASP A 480 23.34 25.11 11.73
CA ASP A 480 22.50 24.63 12.82
C ASP A 480 22.14 25.70 13.84
N VAL A 481 22.50 26.97 13.60
CA VAL A 481 22.14 28.03 14.53
C VAL A 481 20.63 28.20 14.56
N ASP A 482 20.04 28.56 13.42
CA ASP A 482 18.60 28.61 13.25
C ASP A 482 18.29 28.11 11.85
N ILE A 483 17.75 26.90 11.76
CA ILE A 483 17.65 26.20 10.49
C ILE A 483 16.88 27.02 9.47
N MET A 484 15.62 27.31 9.76
CA MET A 484 14.76 27.96 8.79
C MET A 484 15.31 29.32 8.37
N ARG A 485 15.95 30.03 9.29
CA ARG A 485 16.48 31.35 8.95
C ARG A 485 17.80 31.24 8.20
N ASP A 486 18.61 30.22 8.51
CA ASP A 486 19.93 30.12 7.90
C ASP A 486 19.86 29.52 6.50
N ILE A 487 19.10 28.44 6.33
CA ILE A 487 18.97 27.83 5.02
C ILE A 487 18.36 28.81 4.03
N ALA A 488 17.33 29.54 4.48
CA ALA A 488 16.76 30.60 3.65
C ALA A 488 17.84 31.60 3.23
N SER A 489 18.78 31.89 4.13
CA SER A 489 19.90 32.74 3.76
C SER A 489 20.82 32.07 2.74
N GLY A 490 20.71 30.75 2.56
CA GLY A 490 21.42 30.09 1.49
C GLY A 490 22.61 29.26 1.91
N LEU A 491 22.50 28.54 3.02
CA LEU A 491 23.60 27.72 3.52
C LEU A 491 23.21 26.25 3.44
N ILE A 492 23.78 25.54 2.46
CA ILE A 492 23.50 24.13 2.26
C ILE A 492 24.56 23.53 1.36
N GLY A 493 24.87 22.26 1.58
CA GLY A 493 25.82 21.55 0.76
C GLY A 493 25.51 20.07 0.74
N LEU A 494 26.39 19.30 0.11
CA LEU A 494 26.23 17.85 -0.03
C LEU A 494 27.41 17.16 0.61
N LEU A 495 27.11 16.19 1.47
CA LEU A 495 28.13 15.36 2.11
C LEU A 495 27.96 13.94 1.61
N LEU A 496 28.93 13.46 0.84
CA LEU A 496 28.84 12.18 0.14
C LEU A 496 29.64 11.13 0.90
N ILE A 497 28.94 10.12 1.43
CA ILE A 497 29.58 9.02 2.14
C ILE A 497 29.70 7.88 1.14
N CYS A 498 30.81 7.87 0.40
CA CYS A 498 31.05 6.84 -0.61
C CYS A 498 31.70 5.63 0.04
N LYS A 499 32.21 4.73 -0.79
CA LYS A 499 32.90 3.53 -0.34
C LYS A 499 34.40 3.67 -0.58
N SER A 500 35.12 2.57 -0.41
CA SER A 500 36.56 2.58 -0.62
C SER A 500 36.86 2.69 -2.10
N ARG A 501 36.64 3.90 -2.65
CA ARG A 501 36.71 4.15 -4.07
C ARG A 501 37.92 4.95 -4.50
N SER A 502 38.79 5.33 -3.57
CA SER A 502 39.97 6.13 -3.89
C SER A 502 40.96 5.31 -4.71
N LEU A 503 41.23 5.77 -5.93
CA LEU A 503 42.34 5.27 -6.73
C LEU A 503 43.59 6.10 -6.56
N ASP A 504 43.43 7.38 -6.22
CA ASP A 504 44.53 8.30 -5.96
C ASP A 504 44.02 9.36 -5.02
N ARG A 505 44.95 10.14 -4.44
CA ARG A 505 44.57 11.15 -3.47
C ARG A 505 43.72 12.26 -4.08
N ARG A 506 43.51 12.25 -5.40
CA ARG A 506 42.56 13.18 -6.00
C ARG A 506 41.13 12.72 -5.80
N GLY A 507 40.90 11.42 -5.66
CA GLY A 507 39.59 10.92 -5.32
C GLY A 507 38.60 10.87 -6.47
N ILE A 508 38.89 10.06 -7.50
CA ILE A 508 37.94 9.77 -8.55
C ILE A 508 37.18 8.51 -8.18
N GLN A 509 35.99 8.36 -8.75
CA GLN A 509 35.13 7.21 -8.46
C GLN A 509 35.13 6.25 -9.63
N ARG A 510 34.39 5.16 -9.46
CA ARG A 510 34.24 4.13 -10.49
C ARG A 510 32.79 3.71 -10.53
N ALA A 511 32.44 2.90 -11.53
CA ALA A 511 31.09 2.40 -11.76
C ALA A 511 30.08 3.53 -12.02
N ALA A 512 30.57 4.74 -12.25
CA ALA A 512 29.71 5.88 -12.57
C ALA A 512 30.59 6.90 -13.29
N ASP A 513 30.40 7.04 -14.59
CA ASP A 513 31.28 7.89 -15.38
C ASP A 513 31.04 9.37 -15.06
N ILE A 514 29.83 9.85 -15.31
CA ILE A 514 29.50 11.26 -15.10
C ILE A 514 28.59 11.36 -13.87
N GLU A 515 28.72 12.46 -13.14
CA GLU A 515 27.91 12.72 -11.96
C GLU A 515 27.42 14.15 -12.01
N GLN A 516 26.20 14.37 -11.52
CA GLN A 516 25.60 15.69 -11.51
C GLN A 516 24.83 15.89 -10.20
N GLN A 517 24.97 17.08 -9.63
CA GLN A 517 24.35 17.44 -8.36
C GLN A 517 23.05 18.17 -8.63
N ALA A 518 21.97 17.76 -7.96
CA ALA A 518 20.66 18.37 -8.13
C ALA A 518 19.93 18.36 -6.80
N VAL A 519 19.77 19.52 -6.19
CA VAL A 519 18.96 19.68 -5.00
C VAL A 519 17.82 20.63 -5.31
N PHE A 520 16.73 20.49 -4.57
CA PHE A 520 15.53 21.27 -4.80
C PHE A 520 15.31 22.15 -3.57
N ALA A 521 15.94 23.31 -3.58
CA ALA A 521 15.81 24.24 -2.47
C ALA A 521 14.75 25.30 -2.78
N VAL A 522 14.19 25.87 -1.73
CA VAL A 522 13.21 26.94 -1.85
C VAL A 522 13.58 28.03 -0.86
N PHE A 523 14.20 29.10 -1.35
CA PHE A 523 14.69 30.17 -0.48
C PHE A 523 13.57 31.17 -0.24
N ASP A 524 13.03 31.16 0.98
CA ASP A 524 12.01 32.12 1.39
C ASP A 524 12.72 33.36 1.92
N GLU A 525 12.78 34.41 1.09
CA GLU A 525 13.48 35.62 1.50
C GLU A 525 12.84 36.26 2.72
N ASN A 526 11.53 36.10 2.89
CA ASN A 526 10.86 36.62 4.07
C ASN A 526 11.38 36.00 5.37
N LYS A 527 12.11 34.89 5.29
CA LYS A 527 12.71 34.24 6.44
C LYS A 527 14.22 34.20 6.33
N SER A 528 14.80 35.21 5.69
CA SER A 528 16.24 35.31 5.51
C SER A 528 16.79 36.42 6.38
N TRP A 529 18.07 36.30 6.74
CA TRP A 529 18.74 37.30 7.55
C TRP A 529 19.37 38.41 6.72
N TYR A 530 18.86 38.65 5.52
CA TYR A 530 19.30 39.79 4.75
C TYR A 530 18.16 40.46 4.00
N LEU A 531 16.91 40.23 4.41
CA LEU A 531 15.79 40.98 3.85
C LEU A 531 16.01 42.47 4.05
N GLU A 532 16.61 42.83 5.17
CA GLU A 532 16.93 44.24 5.42
C GLU A 532 17.94 44.77 4.41
N ASP A 533 18.85 43.91 3.98
CA ASP A 533 19.73 44.28 2.86
C ASP A 533 19.09 44.03 1.53
N ASN A 534 17.76 43.85 1.50
CA ASN A 534 17.01 43.70 0.27
C ASN A 534 15.95 44.78 0.12
N ILE A 535 15.21 45.08 1.18
CA ILE A 535 14.21 46.13 1.16
C ILE A 535 14.54 47.30 2.08
N ASN A 536 15.14 47.04 3.25
CA ASN A 536 15.32 48.10 4.24
C ASN A 536 16.47 49.03 3.86
N LYS A 537 17.62 48.48 3.49
CA LYS A 537 18.81 49.27 3.22
C LYS A 537 18.99 49.57 1.72
N PHE A 538 19.13 48.53 0.91
CA PHE A 538 19.35 48.70 -0.52
C PHE A 538 18.01 48.76 -1.22
N CYS A 539 17.60 49.97 -1.60
CA CYS A 539 16.28 50.19 -2.16
C CYS A 539 16.16 51.63 -2.62
N GLU A 540 15.16 51.90 -3.45
CA GLU A 540 14.77 53.26 -3.80
C GLU A 540 13.26 53.46 -3.77
N ASN A 541 12.48 52.40 -3.60
CA ASN A 541 11.04 52.51 -3.35
C ASN A 541 10.66 51.90 -2.00
N PRO A 542 11.25 52.39 -0.88
CA PRO A 542 10.74 51.97 0.43
C PRO A 542 9.75 52.99 0.97
N ASP A 543 9.44 53.98 0.13
CA ASP A 543 8.55 55.10 0.47
C ASP A 543 7.30 54.65 1.23
N GLU A 544 6.63 53.62 0.72
CA GLU A 544 5.54 52.97 1.45
C GLU A 544 5.82 51.48 1.35
N VAL A 545 6.59 50.96 2.32
CA VAL A 545 7.19 49.64 2.21
C VAL A 545 6.15 48.61 1.81
N LYS A 546 6.46 47.86 0.74
CA LYS A 546 5.64 46.72 0.37
C LYS A 546 5.86 45.60 1.38
N ARG A 547 4.79 45.23 2.08
CA ARG A 547 4.81 44.11 3.02
C ARG A 547 3.37 43.82 3.41
N ASP A 548 3.18 42.65 4.04
CA ASP A 548 1.86 42.19 4.48
C ASP A 548 0.86 42.22 3.33
N ASP A 549 1.33 41.97 2.12
CA ASP A 549 0.49 42.00 0.94
C ASP A 549 0.68 40.68 0.18
N PRO A 550 -0.38 40.08 -0.35
CA PRO A 550 -0.21 38.82 -1.08
C PRO A 550 0.76 38.90 -2.23
N LYS A 551 0.79 40.04 -2.95
CA LYS A 551 1.71 40.20 -4.06
C LYS A 551 3.16 40.17 -3.57
N PHE A 552 3.53 41.13 -2.72
CA PHE A 552 4.93 41.27 -2.35
C PHE A 552 5.45 40.08 -1.54
N TYR A 553 4.63 39.52 -0.66
CA TYR A 553 5.09 38.45 0.23
C TYR A 553 5.41 37.18 -0.55
N GLU A 554 4.55 36.80 -1.48
CA GLU A 554 4.78 35.56 -2.21
C GLU A 554 5.70 35.79 -3.40
N SER A 555 5.90 37.04 -3.82
CA SER A 555 6.76 37.31 -4.95
C SER A 555 8.22 36.96 -4.69
N ASN A 556 8.68 37.04 -3.45
CA ASN A 556 10.07 36.70 -3.15
C ASN A 556 10.25 35.24 -2.74
N ILE A 557 9.20 34.43 -2.80
CA ILE A 557 9.33 32.99 -2.60
C ILE A 557 9.96 32.41 -3.86
N MET A 558 11.25 32.09 -3.81
CA MET A 558 11.99 31.67 -4.98
C MET A 558 12.29 30.17 -4.87
N SER A 559 11.35 29.36 -5.35
CA SER A 559 11.58 27.92 -5.42
C SER A 559 12.42 27.59 -6.64
N THR A 560 13.60 27.01 -6.42
CA THR A 560 14.56 26.80 -7.49
C THR A 560 15.03 25.35 -7.44
N ILE A 561 16.01 25.05 -8.30
CA ILE A 561 16.78 23.82 -8.25
C ILE A 561 18.23 24.21 -8.48
N ASN A 562 19.05 24.08 -7.43
CA ASN A 562 20.42 24.59 -7.43
C ASN A 562 20.43 26.10 -7.64
N GLY A 563 19.51 26.80 -6.97
CA GLY A 563 19.52 28.24 -7.04
C GLY A 563 19.04 28.83 -8.36
N TYR A 564 19.63 28.38 -9.47
CA TYR A 564 19.31 28.92 -10.78
C TYR A 564 17.86 28.64 -11.17
N VAL A 565 17.06 29.70 -11.30
CA VAL A 565 15.65 29.57 -11.68
C VAL A 565 15.49 29.22 -13.16
N PRO A 566 15.96 30.07 -14.13
CA PRO A 566 15.46 29.96 -15.50
C PRO A 566 15.66 28.61 -16.17
N GLU A 567 16.91 28.18 -16.30
CA GLU A 567 17.23 26.98 -17.05
C GLU A 567 18.71 26.68 -16.92
N SER A 568 19.05 25.40 -16.94
CA SER A 568 20.40 25.00 -17.31
C SER A 568 20.50 25.18 -18.82
N ILE A 569 20.94 26.38 -19.24
CA ILE A 569 20.91 26.72 -20.66
C ILE A 569 21.73 25.73 -21.48
N THR A 570 22.73 25.12 -20.85
CA THR A 570 23.34 23.92 -21.40
C THR A 570 22.55 22.71 -20.87
N THR A 571 21.67 22.18 -21.70
CA THR A 571 20.97 20.96 -21.34
C THR A 571 21.99 19.86 -21.10
N LEU A 572 21.72 19.01 -20.12
CA LEU A 572 22.73 18.04 -19.70
C LEU A 572 22.92 17.02 -20.81
N GLY A 573 23.95 17.22 -21.62
CA GLY A 573 24.26 16.31 -22.70
C GLY A 573 25.03 15.11 -22.18
N PHE A 574 24.94 14.02 -22.93
CA PHE A 574 25.60 12.79 -22.50
C PHE A 574 26.12 11.97 -23.67
N CYS A 575 26.74 10.84 -23.36
CA CYS A 575 27.11 9.84 -24.35
C CYS A 575 26.18 8.65 -24.24
N PHE A 576 26.46 7.62 -25.03
CA PHE A 576 25.69 6.39 -24.96
C PHE A 576 26.46 5.35 -24.17
N ASP A 577 25.72 4.41 -23.57
CA ASP A 577 26.23 3.34 -22.73
C ASP A 577 26.84 3.83 -21.43
N ASP A 578 26.71 5.11 -21.12
CA ASP A 578 27.24 5.63 -19.87
C ASP A 578 26.29 5.32 -18.72
N THR A 579 26.79 5.50 -17.51
CA THR A 579 26.02 5.29 -16.28
C THR A 579 26.17 6.51 -15.39
N VAL A 580 25.34 7.52 -15.64
CA VAL A 580 25.41 8.76 -14.89
C VAL A 580 24.89 8.53 -13.47
N GLN A 581 25.47 9.25 -12.51
CA GLN A 581 25.11 9.16 -11.11
C GLN A 581 24.55 10.50 -10.66
N TRP A 582 23.40 10.48 -10.01
CA TRP A 582 22.74 11.70 -9.58
C TRP A 582 22.59 11.71 -8.07
N HIS A 583 22.59 12.90 -7.49
CA HIS A 583 22.38 13.09 -6.06
C HIS A 583 21.21 14.03 -5.86
N PHE A 584 20.20 13.57 -5.13
CA PHE A 584 18.96 14.30 -4.95
C PHE A 584 18.75 14.64 -3.48
N CYS A 585 18.17 15.79 -3.22
CA CYS A 585 17.82 16.27 -1.89
C CYS A 585 16.90 17.45 -2.05
N SER A 586 16.34 17.92 -0.94
CA SER A 586 15.40 19.04 -1.01
C SER A 586 15.23 19.65 0.37
N VAL A 587 15.15 20.97 0.42
CA VAL A 587 14.90 21.74 1.63
C VAL A 587 13.90 22.84 1.31
N GLY A 588 13.65 23.69 2.29
CA GLY A 588 12.72 24.79 2.14
C GLY A 588 11.70 24.74 3.27
N THR A 589 11.26 25.92 3.71
CA THR A 589 10.34 26.00 4.83
C THR A 589 8.95 25.61 4.36
N GLN A 590 8.78 24.32 4.04
CA GLN A 590 7.57 23.78 3.47
C GLN A 590 7.39 22.34 3.93
N ASN A 591 6.16 21.98 4.29
CA ASN A 591 5.91 20.68 4.89
C ASN A 591 5.83 19.58 3.84
N GLU A 592 5.26 19.89 2.67
CA GLU A 592 4.93 18.88 1.69
C GLU A 592 6.20 18.27 1.08
N ILE A 593 6.00 17.24 0.25
CA ILE A 593 7.10 16.49 -0.34
C ILE A 593 7.03 16.60 -1.86
N LEU A 594 7.99 15.99 -2.55
CA LEU A 594 8.09 16.06 -4.00
C LEU A 594 8.17 14.66 -4.60
N THR A 595 7.84 14.59 -5.88
CA THR A 595 8.05 13.39 -6.69
C THR A 595 8.60 13.84 -8.03
N ILE A 596 9.66 13.17 -8.49
CA ILE A 596 10.43 13.63 -9.65
C ILE A 596 10.25 12.61 -10.77
N HIS A 597 9.31 12.89 -11.67
CA HIS A 597 9.13 12.03 -12.83
C HIS A 597 10.35 12.13 -13.73
N PHE A 598 10.92 10.99 -14.09
CA PHE A 598 12.13 10.91 -14.89
C PHE A 598 11.74 10.43 -16.29
N THR A 599 11.44 11.38 -17.17
CA THR A 599 10.92 11.05 -18.49
C THR A 599 12.00 10.36 -19.34
N GLY A 600 11.66 9.20 -19.88
CA GLY A 600 12.49 8.57 -20.90
C GLY A 600 13.31 7.38 -20.44
N HIS A 601 13.91 7.48 -19.26
CA HIS A 601 14.80 6.43 -18.76
C HIS A 601 14.34 5.94 -17.40
N SER A 602 15.16 5.11 -16.76
CA SER A 602 14.85 4.62 -15.43
C SER A 602 16.15 4.34 -14.69
N PHE A 603 16.04 4.20 -13.37
CA PHE A 603 17.20 4.06 -12.51
C PHE A 603 17.04 2.88 -11.57
N ILE A 604 18.17 2.24 -11.25
CA ILE A 604 18.14 1.08 -10.38
C ILE A 604 17.70 1.50 -8.98
N TYR A 605 16.87 0.67 -8.35
CA TYR A 605 16.42 0.94 -6.98
C TYR A 605 16.22 -0.42 -6.29
N GLY A 606 17.25 -0.84 -5.55
CA GLY A 606 17.21 -2.15 -4.93
C GLY A 606 17.00 -3.24 -5.96
N LYS A 607 17.74 -3.14 -7.06
CA LYS A 607 17.68 -4.04 -8.21
C LYS A 607 16.37 -3.92 -8.99
N ARG A 608 15.46 -3.05 -8.56
CA ARG A 608 14.27 -2.71 -9.34
C ARG A 608 14.51 -1.38 -10.05
N HIS A 609 13.98 -1.26 -11.27
CA HIS A 609 14.18 -0.06 -12.06
C HIS A 609 12.96 0.87 -11.99
N GLU A 610 12.77 1.48 -10.82
CA GLU A 610 11.70 2.44 -10.68
C GLU A 610 11.96 3.66 -11.56
N ASP A 611 10.92 4.48 -11.72
CA ASP A 611 11.01 5.66 -12.58
C ASP A 611 10.45 6.91 -11.92
N THR A 612 10.18 6.88 -10.62
CA THR A 612 9.74 8.07 -9.91
C THR A 612 10.25 7.97 -8.48
N LEU A 613 10.79 9.08 -7.99
CA LEU A 613 11.38 9.12 -6.65
C LEU A 613 10.62 10.13 -5.82
N THR A 614 10.12 9.68 -4.67
CA THR A 614 9.50 10.56 -3.69
C THR A 614 10.55 10.90 -2.63
N LEU A 615 11.13 12.08 -2.75
CA LEU A 615 12.18 12.55 -1.86
C LEU A 615 11.57 13.33 -0.71
N PHE A 616 12.01 13.03 0.50
CA PHE A 616 11.41 13.59 1.69
C PHE A 616 12.11 14.87 2.11
N PRO A 617 11.44 15.72 2.88
CA PRO A 617 12.03 17.02 3.23
C PRO A 617 13.32 16.85 4.04
N MET A 618 14.37 17.51 3.56
CA MET A 618 15.62 17.67 4.31
C MET A 618 16.32 16.34 4.56
N ARG A 619 16.27 15.44 3.58
CA ARG A 619 17.17 14.29 3.57
C ARG A 619 17.26 13.77 2.15
N GLY A 620 18.47 13.40 1.74
CA GLY A 620 18.80 13.20 0.35
C GLY A 620 18.74 11.74 -0.08
N GLU A 621 18.97 11.55 -1.39
CA GLU A 621 18.91 10.22 -1.98
C GLU A 621 19.70 10.24 -3.28
N SER A 622 20.32 9.10 -3.59
CA SER A 622 21.22 8.97 -4.73
C SER A 622 20.74 7.85 -5.65
N VAL A 623 20.74 8.13 -6.95
CA VAL A 623 20.30 7.17 -7.96
C VAL A 623 21.37 6.99 -9.01
N THR A 624 21.11 6.14 -10.00
CA THR A 624 22.05 5.93 -11.11
C THR A 624 21.24 5.69 -12.37
N VAL A 625 21.34 6.62 -13.32
CA VAL A 625 20.64 6.54 -14.59
C VAL A 625 21.63 6.03 -15.65
N THR A 626 21.12 5.22 -16.56
CA THR A 626 21.92 4.67 -17.65
C THR A 626 21.47 5.29 -18.97
N MET A 627 22.42 5.45 -19.87
CA MET A 627 22.18 6.06 -21.19
C MET A 627 21.87 4.95 -22.18
N ASP A 628 20.59 4.74 -22.45
CA ASP A 628 20.17 3.75 -23.43
C ASP A 628 19.03 4.29 -24.29
N ASN A 629 19.13 5.55 -24.69
CA ASN A 629 18.15 6.14 -25.61
C ASN A 629 18.80 7.35 -26.28
N VAL A 630 18.08 7.97 -27.21
CA VAL A 630 18.58 9.09 -27.98
C VAL A 630 17.47 10.12 -28.17
N GLY A 631 17.80 11.37 -27.89
CA GLY A 631 16.84 12.46 -27.96
C GLY A 631 16.84 13.29 -26.68
N THR A 632 16.06 14.36 -26.72
CA THR A 632 15.90 15.18 -25.52
C THR A 632 14.83 14.60 -24.60
N TRP A 633 14.99 14.85 -23.31
CA TRP A 633 13.99 14.44 -22.32
C TRP A 633 13.99 15.44 -21.18
N MET A 634 13.44 15.03 -20.03
CA MET A 634 13.10 15.95 -18.96
C MET A 634 13.35 15.30 -17.61
N LEU A 635 13.31 16.14 -16.57
CA LEU A 635 13.21 15.70 -15.18
C LEU A 635 12.26 16.66 -14.50
N THR A 636 11.04 16.21 -14.20
CA THR A 636 10.00 17.11 -13.75
C THR A 636 9.35 16.60 -12.47
N SER A 637 8.97 17.53 -11.62
CA SER A 637 8.07 17.28 -10.50
C SER A 637 6.69 17.76 -10.87
N MET A 638 5.68 17.16 -10.22
CA MET A 638 4.29 17.48 -10.56
C MET A 638 3.44 17.33 -9.29
N ASN A 639 3.26 18.45 -8.59
CA ASN A 639 2.35 18.48 -7.44
C ASN A 639 1.25 19.51 -7.58
N SER A 640 1.59 20.77 -7.83
CA SER A 640 0.63 21.85 -7.84
C SER A 640 1.25 23.03 -8.59
N SER A 641 0.59 24.19 -8.51
CA SER A 641 0.93 25.31 -9.39
C SER A 641 2.39 25.77 -9.29
N PRO A 642 2.97 26.01 -8.11
CA PRO A 642 4.29 26.66 -8.10
C PRO A 642 5.43 25.75 -8.55
N ARG A 643 5.24 24.43 -8.48
CA ARG A 643 6.34 23.51 -8.74
C ARG A 643 6.13 22.59 -9.93
N SER A 644 4.89 22.21 -10.23
CA SER A 644 4.64 21.18 -11.24
C SER A 644 5.18 21.60 -12.60
N LYS A 645 4.63 22.67 -13.17
CA LYS A 645 5.04 23.12 -14.50
C LYS A 645 6.30 23.96 -14.47
N LYS A 646 7.00 24.01 -13.34
CA LYS A 646 8.19 24.83 -13.20
C LYS A 646 9.48 24.02 -13.08
N LEU A 647 9.52 23.05 -12.17
CA LEU A 647 10.75 22.31 -11.91
C LEU A 647 11.00 21.34 -13.06
N ARG A 648 11.80 21.80 -14.02
CA ARG A 648 12.15 20.99 -15.18
C ARG A 648 13.61 21.21 -15.53
N LEU A 649 14.27 20.15 -16.01
CA LEU A 649 15.69 20.17 -16.36
C LEU A 649 15.87 19.40 -17.66
N LYS A 650 15.80 20.10 -18.79
CA LYS A 650 15.95 19.47 -20.09
C LYS A 650 17.36 18.90 -20.23
N PHE A 651 17.47 17.71 -20.82
CA PHE A 651 18.78 17.09 -20.97
C PHE A 651 18.78 16.11 -22.15
N ARG A 652 19.77 16.26 -23.02
CA ARG A 652 19.90 15.40 -24.18
C ARG A 652 20.26 13.98 -23.77
N ASP A 653 20.36 13.10 -24.76
CA ASP A 653 20.88 11.76 -24.56
C ASP A 653 21.60 11.25 -25.81
N VAL A 654 22.19 12.16 -26.49
CA VAL A 654 22.46 11.89 -27.88
C VAL A 654 23.92 11.83 -28.16
N LYS A 655 24.18 11.45 -29.38
CA LYS A 655 25.49 11.46 -30.01
C LYS A 655 25.22 11.65 -31.52
N CYS A 656 26.14 12.31 -32.26
CA CYS A 656 26.08 12.52 -33.73
C CYS A 656 27.43 13.12 -34.15
N ILE A 657 28.12 12.48 -35.10
CA ILE A 657 27.62 11.22 -35.74
C ILE A 657 28.39 10.02 -35.16
N PRO A 658 29.74 10.07 -35.06
CA PRO A 658 30.53 8.97 -34.52
C PRO A 658 30.12 8.63 -33.08
N ASP A 659 30.40 9.63 -32.21
CA ASP A 659 30.12 9.68 -30.74
C ASP A 659 29.74 11.12 -30.36
N ASP A 660 29.59 11.99 -31.37
CA ASP A 660 29.13 13.42 -31.30
C ASP A 660 30.21 14.43 -30.87
N ASP A 661 31.48 14.02 -30.72
CA ASP A 661 32.56 14.93 -30.36
C ASP A 661 33.60 15.15 -31.45
N GLU A 662 33.24 15.01 -32.73
CA GLU A 662 34.11 15.42 -33.82
C GLU A 662 33.80 16.83 -34.31
N ASP A 663 32.53 17.15 -34.53
CA ASP A 663 32.14 18.52 -34.83
C ASP A 663 30.80 18.78 -34.15
N SER A 664 30.86 19.23 -32.90
CA SER A 664 29.68 19.48 -32.07
C SER A 664 30.14 20.26 -30.84
N TYR A 665 29.27 20.35 -29.83
CA TYR A 665 29.48 21.25 -28.69
C TYR A 665 29.45 20.48 -27.38
N GLU A 666 29.98 19.26 -27.37
CA GLU A 666 30.02 18.44 -26.16
C GLU A 666 31.37 17.74 -26.04
N ILE A 667 32.44 18.48 -26.31
CA ILE A 667 33.77 17.85 -26.35
C ILE A 667 34.16 17.45 -24.94
N PHE A 668 34.05 16.15 -24.65
CA PHE A 668 34.41 15.59 -23.35
C PHE A 668 35.89 15.24 -23.34
N GLU A 669 36.31 14.45 -22.35
CA GLU A 669 37.72 14.12 -22.24
C GLU A 669 38.05 12.63 -22.40
N PRO A 670 37.49 11.92 -23.37
CA PRO A 670 38.15 10.70 -23.85
C PRO A 670 39.24 10.99 -24.86
N PRO A 671 39.03 11.92 -25.84
CA PRO A 671 37.92 12.75 -26.29
C PRO A 671 37.20 12.20 -27.53
N GLU A 672 37.06 10.89 -27.63
CA GLU A 672 36.45 10.20 -28.77
C GLU A 672 37.13 10.60 -30.09
N SER A 673 38.38 11.02 -30.01
CA SER A 673 39.15 11.39 -31.19
C SER A 673 39.63 10.13 -31.89
N THR A 674 40.60 10.28 -32.79
CA THR A 674 41.37 9.13 -33.24
C THR A 674 41.89 8.39 -32.03
N VAL A 675 41.83 7.05 -32.08
CA VAL A 675 42.20 6.26 -30.92
C VAL A 675 43.67 6.42 -30.57
N MET A 676 44.49 6.80 -31.53
CA MET A 676 45.91 6.99 -31.25
C MET A 676 46.21 8.29 -30.52
N ALA A 677 45.24 9.04 -30.01
CA ALA A 677 45.48 10.35 -29.42
C ALA A 677 45.32 10.28 -27.90
N THR A 678 45.84 11.30 -27.22
CA THR A 678 45.95 11.31 -25.78
C THR A 678 44.92 12.24 -25.15
N ARG A 679 44.41 11.82 -23.99
CA ARG A 679 43.55 12.63 -23.12
C ARG A 679 43.45 11.86 -21.79
N LYS A 680 42.56 12.30 -20.91
CA LYS A 680 42.30 11.60 -19.66
C LYS A 680 41.80 10.18 -19.95
N MET A 681 41.57 9.41 -18.88
CA MET A 681 41.28 7.98 -18.89
C MET A 681 42.49 7.16 -19.30
N HIS A 682 43.60 7.79 -19.68
CA HIS A 682 44.85 7.12 -20.04
C HIS A 682 45.95 7.84 -19.28
N ASP A 683 46.16 7.46 -18.01
CA ASP A 683 47.19 8.07 -17.17
C ASP A 683 48.04 6.95 -16.59
N ARG A 684 48.99 6.48 -17.38
CA ARG A 684 49.82 5.33 -16.98
C ARG A 684 50.97 5.86 -16.14
N LEU A 685 50.99 5.45 -14.87
CA LEU A 685 52.01 5.86 -13.91
C LEU A 685 53.28 5.06 -14.17
N GLU A 686 54.19 5.08 -13.22
CA GLU A 686 55.43 4.32 -13.32
C GLU A 686 55.18 2.83 -13.47
N PRO A 687 54.42 2.17 -12.55
CA PRO A 687 54.20 0.72 -12.71
C PRO A 687 53.36 0.39 -13.94
N GLU A 688 52.14 0.92 -13.99
CA GLU A 688 51.17 0.61 -15.03
C GLU A 688 50.04 1.63 -14.94
N ASP A 689 48.95 1.35 -15.64
CA ASP A 689 47.76 2.19 -15.60
C ASP A 689 47.10 2.07 -14.23
N GLU A 690 45.95 2.72 -14.06
CA GLU A 690 45.29 2.84 -12.77
C GLU A 690 44.98 1.48 -12.15
N GLU A 691 45.62 1.17 -11.04
CA GLU A 691 45.38 -0.04 -10.27
C GLU A 691 44.91 0.26 -8.85
N SER A 692 45.59 1.16 -8.16
CA SER A 692 45.33 1.52 -6.77
C SER A 692 46.13 2.78 -6.48
N ASP A 693 46.24 3.13 -5.21
CA ASP A 693 47.23 4.11 -4.75
C ASP A 693 48.56 3.38 -4.56
N ALA A 694 49.60 3.88 -5.22
CA ALA A 694 50.90 3.22 -5.17
C ALA A 694 51.43 3.19 -3.74
N ASP A 695 52.06 2.08 -3.39
CA ASP A 695 52.51 1.79 -2.03
C ASP A 695 53.76 0.93 -2.12
N TYR A 696 54.07 0.21 -1.05
CA TYR A 696 55.20 -0.71 -1.02
C TYR A 696 55.18 -1.63 -2.24
N ASP A 697 56.37 -2.12 -2.61
CA ASP A 697 56.61 -2.84 -3.86
C ASP A 697 55.48 -3.80 -4.22
N TYR A 698 55.21 -4.78 -3.37
CA TYR A 698 54.12 -5.73 -3.61
C TYR A 698 53.07 -5.73 -2.52
N GLN A 699 53.47 -5.58 -1.25
CA GLN A 699 52.57 -5.57 -0.10
C GLN A 699 51.55 -6.71 -0.17
N ASN A 700 52.08 -7.93 -0.03
CA ASN A 700 51.31 -9.16 -0.18
C ASN A 700 49.94 -9.10 0.50
N ARG A 701 49.77 -8.24 1.50
CA ARG A 701 48.52 -8.11 2.22
C ARG A 701 47.46 -7.46 1.34
N LEU A 702 47.01 -8.16 0.30
CA LEU A 702 45.97 -7.64 -0.59
C LEU A 702 44.70 -8.46 -0.49
N ALA A 703 44.29 -8.78 0.73
CA ALA A 703 43.03 -9.46 0.98
C ALA A 703 41.99 -8.45 1.45
N ALA A 704 40.80 -8.53 0.87
CA ALA A 704 39.68 -7.70 1.30
C ALA A 704 38.85 -8.45 2.33
N ALA A 705 38.67 -7.84 3.50
CA ALA A 705 38.00 -8.48 4.62
C ALA A 705 36.49 -8.51 4.38
N LEU A 706 35.74 -9.00 5.36
CA LEU A 706 34.29 -9.06 5.29
C LEU A 706 33.61 -7.85 5.93
N GLY A 707 34.38 -6.86 6.36
CA GLY A 707 33.83 -5.75 7.12
C GLY A 707 34.04 -5.94 8.60
N ILE A 708 33.00 -6.38 9.30
CA ILE A 708 33.13 -6.83 10.68
C ILE A 708 33.38 -8.33 10.68
N ARG A 709 34.47 -8.75 11.31
CA ARG A 709 34.92 -10.14 11.27
C ARG A 709 33.79 -11.10 11.62
N SER A 710 33.80 -12.30 11.04
CA SER A 710 32.85 -13.35 11.39
C SER A 710 33.23 -13.93 12.75
N PHE A 711 33.17 -13.06 13.76
CA PHE A 711 33.69 -13.35 15.08
C PHE A 711 32.66 -14.19 15.82
N ARG A 712 32.80 -14.32 17.15
CA ARG A 712 32.02 -15.20 18.01
C ARG A 712 32.40 -16.66 17.78
N ASN A 713 33.59 -16.91 17.26
CA ASN A 713 34.06 -18.27 16.96
C ASN A 713 35.55 -18.42 17.25
N PRO A 1536 -10.97 8.32 -43.72
CA PRO A 1536 -10.95 7.84 -42.34
C PRO A 1536 -9.54 7.57 -41.83
N ASP A 1537 -9.34 7.77 -40.51
CA ASP A 1537 -8.02 7.60 -39.90
C ASP A 1537 -7.95 6.20 -39.29
N ASN A 1538 -7.88 5.20 -40.18
CA ASN A 1538 -7.61 3.82 -39.80
C ASN A 1538 -6.12 3.50 -39.86
N ILE A 1539 -5.30 4.31 -39.21
CA ILE A 1539 -3.85 4.17 -39.36
C ILE A 1539 -3.31 3.11 -38.42
N ALA A 1540 -2.13 2.60 -38.74
CA ALA A 1540 -1.42 1.58 -37.97
C ALA A 1540 -0.05 2.10 -37.53
N ALA A 1541 0.76 1.21 -36.98
CA ALA A 1541 2.06 1.55 -36.43
C ALA A 1541 3.13 1.55 -37.52
N TRP A 1542 4.20 2.29 -37.25
CA TRP A 1542 5.22 2.52 -38.27
C TRP A 1542 6.66 2.35 -37.79
N TYR A 1543 6.94 2.40 -36.50
CA TYR A 1543 8.31 2.45 -36.00
C TYR A 1543 8.88 1.08 -35.68
N LEU A 1544 8.06 0.04 -35.63
CA LEU A 1544 8.50 -1.31 -35.29
C LEU A 1544 9.27 -1.94 -36.46
N ARG A 1545 10.48 -1.42 -36.67
CA ARG A 1545 11.36 -1.92 -37.72
C ARG A 1545 12.64 -2.51 -37.18
N SER A 1546 13.35 -1.78 -36.32
CA SER A 1546 14.57 -2.28 -35.70
C SER A 1546 14.33 -2.88 -34.32
N ASN A 1547 13.22 -2.53 -33.66
CA ASN A 1547 12.92 -3.13 -32.37
C ASN A 1547 12.85 -4.64 -32.48
N ASN A 1548 12.42 -5.16 -33.63
CA ASN A 1548 12.35 -6.60 -33.89
C ASN A 1548 11.62 -7.32 -32.78
N GLY A 1549 10.34 -7.01 -32.65
CA GLY A 1549 9.59 -7.47 -31.50
C GLY A 1549 8.49 -8.48 -31.77
N ASN A 1550 8.06 -9.14 -30.70
CA ASN A 1550 6.92 -10.06 -30.73
C ASN A 1550 5.67 -9.25 -30.38
N ARG A 1551 5.20 -8.50 -31.39
CA ARG A 1551 4.27 -7.41 -31.16
C ARG A 1551 2.96 -7.91 -30.55
N ARG A 1552 2.27 -6.99 -29.88
CA ARG A 1552 0.96 -7.23 -29.30
C ARG A 1552 0.13 -5.96 -29.45
N ASN A 1553 -1.06 -6.11 -30.03
CA ASN A 1553 -1.84 -4.97 -30.51
C ASN A 1553 -3.00 -4.67 -29.56
N TYR A 1554 -3.33 -3.38 -29.45
CA TYR A 1554 -4.47 -2.93 -28.67
C TYR A 1554 -5.10 -1.75 -29.40
N TYR A 1555 -6.39 -1.51 -29.12
CA TYR A 1555 -7.14 -0.43 -29.77
C TYR A 1555 -7.92 0.32 -28.70
N ILE A 1556 -7.29 1.32 -28.09
CA ILE A 1556 -7.88 2.10 -27.02
C ILE A 1556 -8.75 3.18 -27.65
N ALA A 1557 -9.53 3.90 -26.84
CA ALA A 1557 -10.24 5.07 -27.30
C ALA A 1557 -10.38 6.03 -26.12
N ALA A 1558 -11.16 7.09 -26.31
CA ALA A 1558 -11.42 8.04 -25.24
C ALA A 1558 -12.72 8.75 -25.56
N GLU A 1559 -13.68 8.70 -24.64
CA GLU A 1559 -15.02 9.18 -24.94
C GLU A 1559 -15.74 9.54 -23.65
N GLU A 1560 -16.50 10.63 -23.71
CA GLU A 1560 -17.19 11.14 -22.54
C GLU A 1560 -18.19 10.11 -22.01
N ILE A 1561 -18.60 10.30 -20.77
CA ILE A 1561 -19.55 9.41 -20.11
C ILE A 1561 -20.09 10.08 -18.86
N SER A 1562 -21.28 9.68 -18.44
CA SER A 1562 -21.80 10.06 -17.13
C SER A 1562 -21.35 9.04 -16.11
N TRP A 1563 -21.11 9.50 -14.89
CA TRP A 1563 -20.45 8.67 -13.88
C TRP A 1563 -20.64 9.30 -12.52
N ASP A 1564 -21.25 8.57 -11.59
CA ASP A 1564 -21.39 9.03 -10.22
C ASP A 1564 -20.76 8.02 -9.28
N TYR A 1565 -19.96 8.52 -8.34
CA TYR A 1565 -19.14 7.65 -7.52
C TYR A 1565 -19.97 6.77 -6.60
N SER A 1566 -21.02 7.34 -6.03
CA SER A 1566 -21.80 6.66 -4.99
C SER A 1566 -22.56 5.48 -5.61
N GLU A 1567 -21.97 4.29 -5.51
CA GLU A 1567 -22.57 3.06 -6.04
C GLU A 1567 -23.40 2.33 -5.00
N PHE A 1568 -23.34 2.72 -3.72
CA PHE A 1568 -24.14 2.04 -2.72
C PHE A 1568 -25.61 2.44 -2.83
N VAL A 1569 -25.88 3.68 -3.27
CA VAL A 1569 -27.26 4.07 -3.56
C VAL A 1569 -27.70 3.50 -4.90
N GLN A 1570 -26.80 2.82 -5.60
CA GLN A 1570 -27.12 2.11 -6.83
C GLN A 1570 -27.54 0.67 -6.57
N ARG A 1571 -28.20 0.42 -5.44
CA ARG A 1571 -28.63 -0.90 -4.99
C ARG A 1571 -27.41 -1.80 -4.72
N GLU A 1572 -26.56 -1.29 -3.83
CA GLU A 1572 -25.49 -2.08 -3.24
C GLU A 1572 -25.71 -2.25 -1.73
N THR A 1573 -25.84 -1.13 -1.00
CA THR A 1573 -26.16 -1.15 0.42
C THR A 1573 -27.15 -0.03 0.78
N ASP A 1574 -28.03 0.34 -0.14
CA ASP A 1574 -28.96 1.44 0.08
C ASP A 1574 -30.26 0.92 0.69
N ILE A 1575 -30.17 0.48 1.94
CA ILE A 1575 -31.37 0.07 2.66
C ILE A 1575 -32.17 1.28 3.12
N GLU A 1576 -31.52 2.43 3.31
CA GLU A 1576 -32.21 3.64 3.73
C GLU A 1576 -33.04 4.21 2.58
N ASP A 1577 -33.89 5.18 2.90
CA ASP A 1577 -34.79 5.78 1.94
C ASP A 1577 -34.85 7.29 2.11
N SER A 1578 -34.01 7.84 2.99
CA SER A 1578 -34.03 9.28 3.24
C SER A 1578 -32.65 9.90 3.32
N ASP A 1579 -31.62 9.27 2.73
CA ASP A 1579 -30.29 9.87 2.67
C ASP A 1579 -30.31 11.01 1.66
N ASP A 1580 -30.39 12.24 2.14
CA ASP A 1580 -30.40 13.39 1.25
C ASP A 1580 -29.05 13.53 0.56
N ILE A 1581 -29.07 13.53 -0.76
CA ILE A 1581 -27.84 13.64 -1.55
C ILE A 1581 -27.17 14.97 -1.28
N PRO A 1582 -25.94 14.98 -0.76
CA PRO A 1582 -25.26 16.25 -0.45
C PRO A 1582 -24.43 16.83 -1.57
N GLU A 1583 -24.34 16.15 -2.72
CA GLU A 1583 -23.60 16.67 -3.86
C GLU A 1583 -24.45 16.59 -5.12
N ASP A 1584 -23.83 16.82 -6.28
CA ASP A 1584 -24.53 16.63 -7.54
C ASP A 1584 -24.91 15.16 -7.72
N THR A 1585 -25.85 14.92 -8.63
CA THR A 1585 -26.29 13.55 -8.92
C THR A 1585 -25.16 12.75 -9.54
N THR A 1586 -24.63 13.22 -10.67
CA THR A 1586 -23.54 12.56 -11.37
C THR A 1586 -22.64 13.63 -11.98
N TYR A 1587 -21.52 13.18 -12.57
CA TYR A 1587 -20.54 14.09 -13.13
C TYR A 1587 -20.07 13.56 -14.48
N LYS A 1588 -19.79 14.46 -15.41
CA LYS A 1588 -19.44 14.10 -16.77
C LYS A 1588 -17.93 13.97 -16.87
N LYS A 1589 -17.45 12.73 -16.98
CA LYS A 1589 -16.03 12.44 -17.04
C LYS A 1589 -15.58 12.25 -18.49
N VAL A 1590 -14.34 11.80 -18.66
CA VAL A 1590 -13.84 11.24 -19.92
C VAL A 1590 -13.00 10.03 -19.58
N VAL A 1591 -13.43 8.86 -20.05
CA VAL A 1591 -12.89 7.59 -19.57
C VAL A 1591 -12.34 6.79 -20.75
N PHE A 1592 -11.30 6.01 -20.47
CA PHE A 1592 -10.75 5.08 -21.45
C PHE A 1592 -11.72 3.92 -21.69
N ARG A 1593 -11.59 3.32 -22.86
CA ARG A 1593 -12.38 2.14 -23.23
C ARG A 1593 -11.46 1.19 -23.97
N LYS A 1594 -12.04 0.17 -24.61
CA LYS A 1594 -11.24 -0.80 -25.35
C LYS A 1594 -12.09 -1.35 -26.48
N TYR A 1595 -11.63 -1.19 -27.72
CA TYR A 1595 -12.34 -1.65 -28.91
C TYR A 1595 -11.60 -2.83 -29.52
N LEU A 1596 -12.13 -3.34 -30.63
CA LEU A 1596 -11.70 -4.63 -31.13
C LEU A 1596 -10.85 -4.57 -32.40
N ASP A 1597 -10.84 -3.47 -33.14
CA ASP A 1597 -10.06 -3.39 -34.36
C ASP A 1597 -9.76 -1.94 -34.70
N SER A 1598 -9.07 -1.73 -35.82
CA SER A 1598 -8.64 -0.40 -36.21
C SER A 1598 -9.83 0.48 -36.56
N THR A 1599 -10.83 -0.08 -37.23
CA THR A 1599 -12.08 0.62 -37.43
C THR A 1599 -12.96 0.40 -36.22
N PHE A 1600 -13.33 1.49 -35.55
CA PHE A 1600 -13.98 1.40 -34.24
C PHE A 1600 -15.46 1.10 -34.39
N THR A 1601 -16.21 1.30 -33.31
CA THR A 1601 -17.66 1.04 -33.13
C THR A 1601 -17.94 -0.43 -32.83
N LYS A 1602 -16.95 -1.29 -32.81
CA LYS A 1602 -17.12 -2.68 -32.38
C LYS A 1602 -16.28 -2.85 -31.11
N ARG A 1603 -16.89 -2.53 -29.97
CA ARG A 1603 -16.14 -2.44 -28.72
C ARG A 1603 -16.01 -3.83 -28.09
N ASP A 1604 -15.53 -3.85 -26.85
CA ASP A 1604 -15.38 -5.09 -26.07
C ASP A 1604 -15.88 -4.80 -24.67
N PRO A 1605 -17.00 -5.40 -24.25
CA PRO A 1605 -17.58 -5.05 -22.95
C PRO A 1605 -16.74 -5.59 -21.80
N ARG A 1606 -16.88 -4.93 -20.65
CA ARG A 1606 -16.12 -5.30 -19.48
C ARG A 1606 -16.67 -6.57 -18.86
N GLY A 1607 -15.84 -7.60 -18.79
CA GLY A 1607 -16.27 -8.88 -18.24
C GLY A 1607 -16.38 -8.87 -16.73
N GLU A 1608 -16.44 -10.05 -16.13
CA GLU A 1608 -16.50 -10.14 -14.67
C GLU A 1608 -15.17 -9.74 -14.04
N TYR A 1609 -14.05 -10.04 -14.72
CA TYR A 1609 -12.74 -9.63 -14.22
C TYR A 1609 -12.70 -8.13 -13.97
N GLU A 1610 -13.23 -7.35 -14.90
CA GLU A 1610 -13.08 -5.90 -14.90
C GLU A 1610 -14.29 -5.20 -14.29
N GLU A 1611 -14.89 -5.82 -13.29
CA GLU A 1611 -15.99 -5.17 -12.58
C GLU A 1611 -15.49 -4.19 -11.53
N HIS A 1612 -14.30 -4.43 -10.99
CA HIS A 1612 -13.72 -3.57 -9.96
C HIS A 1612 -12.80 -2.49 -10.54
N LEU A 1613 -12.61 -2.46 -11.86
CA LEU A 1613 -11.75 -1.43 -12.44
C LEU A 1613 -12.34 -0.04 -12.23
N GLY A 1614 -13.65 0.10 -12.32
CA GLY A 1614 -14.31 1.31 -11.92
C GLY A 1614 -14.21 2.42 -12.93
N ILE A 1615 -13.06 3.08 -13.00
CA ILE A 1615 -12.89 4.21 -13.90
C ILE A 1615 -11.63 4.01 -14.72
N LEU A 1616 -10.75 3.12 -14.28
CA LEU A 1616 -9.54 2.84 -15.01
C LEU A 1616 -9.86 2.23 -16.37
N GLY A 1617 -8.95 2.42 -17.31
CA GLY A 1617 -9.11 1.87 -18.64
C GLY A 1617 -8.82 0.38 -18.65
N PRO A 1618 -8.67 -0.17 -19.85
CA PRO A 1618 -8.37 -1.60 -19.95
C PRO A 1618 -6.94 -1.88 -19.51
N ILE A 1619 -6.76 -2.98 -18.78
CA ILE A 1619 -5.43 -3.38 -18.35
C ILE A 1619 -4.61 -3.71 -19.59
N ILE A 1620 -3.59 -2.92 -19.85
CA ILE A 1620 -2.72 -3.12 -21.01
C ILE A 1620 -1.56 -4.01 -20.57
N ARG A 1621 -1.67 -5.30 -20.83
CA ARG A 1621 -0.65 -6.26 -20.42
C ARG A 1621 0.38 -6.45 -21.53
N ALA A 1622 1.51 -7.05 -21.16
CA ALA A 1622 2.63 -7.21 -22.06
C ALA A 1622 3.56 -8.27 -21.49
N GLU A 1623 4.78 -8.34 -22.00
CA GLU A 1623 5.76 -9.32 -21.58
C GLU A 1623 7.15 -8.70 -21.69
N VAL A 1624 8.13 -9.36 -21.07
CA VAL A 1624 9.51 -8.89 -21.17
C VAL A 1624 9.99 -9.09 -22.60
N ASP A 1625 10.65 -8.06 -23.14
CA ASP A 1625 11.22 -8.01 -24.49
C ASP A 1625 10.14 -8.01 -25.57
N ASP A 1626 8.89 -7.74 -25.21
CA ASP A 1626 7.83 -7.60 -26.19
C ASP A 1626 7.93 -6.23 -26.87
N VAL A 1627 7.02 -5.99 -27.81
CA VAL A 1627 6.82 -4.68 -28.40
C VAL A 1627 5.32 -4.44 -28.46
N ILE A 1628 4.89 -3.25 -28.07
CA ILE A 1628 3.48 -2.93 -27.98
C ILE A 1628 3.13 -1.90 -29.04
N GLN A 1629 2.01 -2.11 -29.71
CA GLN A 1629 1.44 -1.14 -30.63
C GLN A 1629 0.07 -0.74 -30.10
N VAL A 1630 -0.13 0.55 -29.86
CA VAL A 1630 -1.35 1.06 -29.28
C VAL A 1630 -1.93 2.10 -30.23
N ARG A 1631 -3.12 1.83 -30.75
CA ARG A 1631 -3.77 2.74 -31.70
C ARG A 1631 -4.81 3.56 -30.95
N PHE A 1632 -4.33 4.54 -30.19
CA PHE A 1632 -5.22 5.47 -29.53
C PHE A 1632 -6.01 6.25 -30.58
N LYS A 1633 -7.24 6.60 -30.22
CA LYS A 1633 -8.13 7.30 -31.15
C LYS A 1633 -9.05 8.19 -30.34
N ASN A 1634 -8.70 9.47 -30.23
CA ASN A 1634 -9.50 10.41 -29.47
C ASN A 1634 -10.90 10.53 -30.07
N LEU A 1635 -11.89 10.62 -29.18
CA LEU A 1635 -13.27 10.84 -29.59
C LEU A 1635 -13.98 11.84 -28.70
N ALA A 1636 -13.24 12.85 -28.21
CA ALA A 1636 -13.77 13.80 -27.25
C ALA A 1636 -13.58 15.23 -27.76
N SER A 1637 -13.95 16.19 -26.92
CA SER A 1637 -14.03 17.60 -27.31
C SER A 1637 -12.69 18.32 -27.33
N ARG A 1638 -11.63 17.74 -26.75
CA ARG A 1638 -10.33 18.41 -26.72
C ARG A 1638 -9.23 17.38 -26.85
N PRO A 1639 -8.05 17.78 -27.31
CA PRO A 1639 -6.99 16.80 -27.57
C PRO A 1639 -6.55 16.05 -26.32
N TYR A 1640 -5.94 14.89 -26.54
CA TYR A 1640 -5.45 14.01 -25.49
C TYR A 1640 -4.26 13.24 -26.03
N SER A 1641 -3.63 12.45 -25.17
CA SER A 1641 -2.48 11.64 -25.62
C SER A 1641 -2.26 10.49 -24.63
N LEU A 1642 -1.10 9.84 -24.75
CA LEU A 1642 -0.70 8.76 -23.85
C LEU A 1642 0.74 8.97 -23.42
N HIS A 1643 1.11 8.34 -22.31
CA HIS A 1643 2.47 8.43 -21.78
C HIS A 1643 2.67 7.26 -20.83
N ALA A 1644 3.59 6.37 -21.17
CA ALA A 1644 3.86 5.19 -20.37
C ALA A 1644 4.73 5.56 -19.17
N HIS A 1645 5.29 4.55 -18.52
CA HIS A 1645 6.22 4.79 -17.43
C HIS A 1645 7.21 3.64 -17.36
N GLY A 1646 8.47 3.97 -17.14
CA GLY A 1646 9.51 2.94 -17.07
C GLY A 1646 9.59 2.10 -18.32
N LEU A 1647 9.23 2.66 -19.46
CA LEU A 1647 9.20 1.93 -20.72
C LEU A 1647 10.22 2.55 -21.66
N SER A 1648 10.31 2.05 -22.89
CA SER A 1648 11.24 2.58 -23.87
C SER A 1648 10.48 2.93 -25.14
N TYR A 1649 10.77 4.09 -25.70
CA TYR A 1649 10.11 4.54 -26.91
C TYR A 1649 10.93 5.65 -27.54
N GLU A 1650 10.39 6.27 -28.59
CA GLU A 1650 10.99 7.42 -29.25
C GLU A 1650 10.17 8.65 -28.90
N LYS A 1651 10.72 9.82 -29.21
CA LYS A 1651 9.97 11.05 -28.99
C LYS A 1651 8.69 11.10 -29.83
N SER A 1652 8.65 10.40 -30.95
CA SER A 1652 7.43 10.23 -31.72
C SER A 1652 6.54 9.14 -31.16
N SER A 1653 6.83 8.66 -29.96
CA SER A 1653 5.98 7.70 -29.25
C SER A 1653 5.90 8.04 -27.78
N GLU A 1654 5.96 9.32 -27.44
CA GLU A 1654 6.06 9.77 -26.05
C GLU A 1654 4.80 10.43 -25.55
N GLY A 1655 4.20 11.33 -26.32
CA GLY A 1655 2.98 11.98 -25.92
C GLY A 1655 3.15 13.15 -24.97
N LYS A 1656 4.34 13.36 -24.43
CA LYS A 1656 4.57 14.50 -23.55
C LYS A 1656 4.77 15.76 -24.37
N THR A 1657 4.34 16.88 -23.80
CA THR A 1657 4.26 18.16 -24.51
C THR A 1657 5.39 19.07 -24.06
N TYR A 1658 6.48 19.11 -24.83
CA TYR A 1658 7.57 20.05 -24.62
C TYR A 1658 8.46 20.02 -25.87
N GLU A 1659 9.64 20.63 -25.76
CA GLU A 1659 10.51 20.84 -26.92
C GLU A 1659 11.06 19.53 -27.46
N ASP A 1660 11.27 19.49 -28.77
CA ASP A 1660 11.69 18.27 -29.46
C ASP A 1660 12.96 18.48 -30.28
N ASP A 1661 13.36 17.45 -31.02
CA ASP A 1661 14.61 17.46 -31.79
C ASP A 1661 14.35 17.24 -33.28
N SER A 1662 13.19 17.66 -33.77
CA SER A 1662 12.82 17.43 -35.16
C SER A 1662 11.69 18.38 -35.52
N PRO A 1663 11.31 18.46 -36.81
CA PRO A 1663 10.09 19.18 -37.17
C PRO A 1663 8.87 18.46 -36.64
N GLU A 1664 7.67 18.93 -36.97
CA GLU A 1664 6.49 18.30 -36.41
C GLU A 1664 6.26 16.96 -37.09
N TRP A 1665 7.30 16.14 -37.12
CA TRP A 1665 7.29 14.72 -37.42
C TRP A 1665 7.39 13.87 -36.16
N PHE A 1666 8.26 14.24 -35.24
CA PHE A 1666 8.24 13.68 -33.90
C PHE A 1666 7.13 14.27 -33.06
N LYS A 1667 6.52 15.38 -33.50
CA LYS A 1667 5.40 15.98 -32.79
C LYS A 1667 4.07 15.44 -33.25
N GLU A 1668 4.05 14.30 -33.95
CA GLU A 1668 2.79 13.71 -34.36
C GLU A 1668 2.06 13.11 -33.17
N ASP A 1669 2.79 12.67 -32.15
CA ASP A 1669 2.21 12.05 -30.99
C ASP A 1669 1.91 13.03 -29.86
N ASN A 1670 2.61 14.16 -29.83
CA ASN A 1670 2.47 15.11 -28.72
C ASN A 1670 1.05 15.64 -28.56
N ALA A 1671 0.17 15.42 -29.54
CA ALA A 1671 -1.22 15.89 -29.42
C ALA A 1671 -2.07 15.14 -30.43
N VAL A 1672 -3.13 14.50 -29.94
CA VAL A 1672 -4.07 13.78 -30.78
C VAL A 1672 -5.37 14.60 -30.80
N GLN A 1673 -5.62 15.26 -31.93
CA GLN A 1673 -6.78 16.10 -32.08
C GLN A 1673 -8.05 15.25 -32.05
N PRO A 1674 -9.20 15.86 -31.82
CA PRO A 1674 -10.45 15.10 -31.76
C PRO A 1674 -10.74 14.37 -33.07
N ASN A 1675 -11.55 13.32 -32.94
CA ASN A 1675 -12.03 12.53 -34.07
C ASN A 1675 -10.89 12.02 -34.94
N SER A 1676 -9.71 11.89 -34.37
CA SER A 1676 -8.59 11.32 -35.11
C SER A 1676 -7.92 10.23 -34.29
N SER A 1677 -6.79 9.71 -34.77
CA SER A 1677 -6.15 8.60 -34.11
C SER A 1677 -4.66 8.63 -34.39
N TYR A 1678 -3.89 8.15 -33.42
CA TYR A 1678 -2.47 7.89 -33.62
C TYR A 1678 -2.14 6.53 -33.04
N THR A 1679 -1.08 5.93 -33.57
CA THR A 1679 -0.68 4.57 -33.21
C THR A 1679 0.71 4.62 -32.60
N TYR A 1680 0.78 4.57 -31.28
CA TYR A 1680 2.06 4.59 -30.59
C TYR A 1680 2.79 3.26 -30.78
N VAL A 1681 4.10 3.27 -30.51
CA VAL A 1681 4.92 2.07 -30.61
C VAL A 1681 5.83 2.01 -29.39
N TRP A 1682 5.46 1.22 -28.40
CA TRP A 1682 6.20 1.10 -27.15
C TRP A 1682 7.00 -0.18 -27.13
N HIS A 1683 8.16 -0.15 -26.46
CA HIS A 1683 9.10 -1.26 -26.44
C HIS A 1683 9.46 -1.57 -25.00
N ALA A 1684 9.03 -2.73 -24.50
CA ALA A 1684 9.24 -3.14 -23.12
C ALA A 1684 10.50 -3.99 -23.05
N THR A 1685 11.62 -3.38 -22.66
CA THR A 1685 12.91 -4.05 -22.67
C THR A 1685 13.20 -4.68 -21.31
N GLU A 1686 14.44 -5.11 -21.12
CA GLU A 1686 14.82 -5.84 -19.90
C GLU A 1686 14.70 -4.96 -18.67
N ARG A 1687 15.09 -3.68 -18.77
CA ARG A 1687 14.96 -2.76 -17.65
C ARG A 1687 13.55 -2.25 -17.48
N SER A 1688 12.59 -2.91 -18.14
CA SER A 1688 11.18 -2.57 -18.00
C SER A 1688 10.37 -3.76 -17.51
N GLY A 1689 11.03 -4.83 -17.08
CA GLY A 1689 10.33 -6.01 -16.63
C GLY A 1689 10.37 -6.16 -15.14
N PRO A 1690 9.62 -7.11 -14.62
CA PRO A 1690 9.59 -7.32 -13.16
C PRO A 1690 10.88 -7.95 -12.67
N GLU A 1691 11.71 -7.14 -12.01
CA GLU A 1691 12.89 -7.67 -11.34
C GLU A 1691 12.46 -8.37 -10.06
N SER A 1692 13.44 -8.66 -9.20
CA SER A 1692 13.13 -9.22 -7.90
C SER A 1692 12.43 -10.58 -8.03
N PRO A 1693 13.17 -11.65 -8.37
CA PRO A 1693 12.55 -12.92 -8.80
C PRO A 1693 11.39 -13.41 -7.95
N GLY A 1694 11.23 -12.88 -6.74
CA GLY A 1694 10.12 -13.26 -5.91
C GLY A 1694 8.75 -12.87 -6.43
N SER A 1695 8.67 -11.99 -7.42
CA SER A 1695 7.41 -11.53 -7.96
C SER A 1695 7.29 -11.93 -9.43
N ALA A 1696 6.12 -11.68 -10.01
CA ALA A 1696 5.81 -12.12 -11.36
C ALA A 1696 5.49 -10.96 -12.29
N CYS A 1697 4.66 -10.02 -11.87
CA CYS A 1697 4.25 -8.90 -12.71
C CYS A 1697 4.61 -7.58 -12.03
N ARG A 1698 4.85 -6.56 -12.86
CA ARG A 1698 5.30 -5.25 -12.40
C ARG A 1698 4.29 -4.22 -12.88
N ALA A 1699 3.61 -3.55 -11.95
CA ALA A 1699 2.59 -2.60 -12.31
C ALA A 1699 3.22 -1.28 -12.78
N TRP A 1700 2.38 -0.44 -13.36
CA TRP A 1700 2.73 0.87 -13.92
C TRP A 1700 1.43 1.60 -14.22
N ALA A 1701 1.54 2.76 -14.87
CA ALA A 1701 0.37 3.55 -15.19
C ALA A 1701 0.59 4.28 -16.51
N TYR A 1702 -0.51 4.63 -17.15
CA TYR A 1702 -0.51 5.49 -18.32
C TYR A 1702 -1.72 6.41 -18.23
N TYR A 1703 -1.56 7.61 -18.77
CA TYR A 1703 -2.61 8.61 -18.64
C TYR A 1703 -2.53 9.58 -19.80
N SER A 1704 -3.57 10.38 -19.94
CA SER A 1704 -3.62 11.39 -21.00
C SER A 1704 -2.70 12.54 -20.63
N ALA A 1705 -1.46 12.51 -21.12
CA ALA A 1705 -0.47 13.51 -20.76
C ALA A 1705 -0.43 14.61 -21.82
N VAL A 1706 -1.46 15.45 -21.80
CA VAL A 1706 -1.45 16.69 -22.58
C VAL A 1706 -1.50 17.84 -21.60
N ASN A 1707 -2.25 17.67 -20.52
CA ASN A 1707 -2.20 18.52 -19.33
C ASN A 1707 -2.31 17.55 -18.16
N PRO A 1708 -1.19 17.01 -17.68
CA PRO A 1708 -1.27 15.81 -16.81
C PRO A 1708 -2.02 16.01 -15.51
N GLU A 1709 -2.33 17.25 -15.12
CA GLU A 1709 -3.03 17.48 -13.88
C GLU A 1709 -4.54 17.57 -14.05
N LYS A 1710 -5.03 18.23 -15.10
CA LYS A 1710 -6.45 18.31 -15.35
C LYS A 1710 -6.98 17.13 -16.14
N ASP A 1711 -6.10 16.27 -16.66
CA ASP A 1711 -6.58 15.09 -17.37
C ASP A 1711 -6.84 13.94 -16.41
N ILE A 1712 -5.85 13.60 -15.59
CA ILE A 1712 -6.00 12.50 -14.65
C ILE A 1712 -7.17 12.75 -13.71
N HIS A 1713 -7.40 14.01 -13.34
CA HIS A 1713 -8.56 14.33 -12.53
C HIS A 1713 -9.85 14.33 -13.32
N SER A 1714 -9.80 14.02 -14.63
CA SER A 1714 -11.02 13.87 -15.41
C SER A 1714 -11.42 12.42 -15.59
N GLY A 1715 -10.49 11.48 -15.40
CA GLY A 1715 -10.81 10.06 -15.46
C GLY A 1715 -9.94 9.26 -16.39
N LEU A 1716 -9.07 9.92 -17.14
CA LEU A 1716 -8.26 9.26 -18.15
C LEU A 1716 -7.00 8.69 -17.49
N ILE A 1717 -7.13 7.47 -16.95
CA ILE A 1717 -6.02 6.82 -16.26
C ILE A 1717 -6.22 5.32 -16.38
N GLY A 1718 -5.12 4.59 -16.48
CA GLY A 1718 -5.17 3.16 -16.60
C GLY A 1718 -3.87 2.49 -16.21
N PRO A 1719 -3.92 1.20 -15.93
CA PRO A 1719 -2.71 0.46 -15.59
C PRO A 1719 -2.05 -0.18 -16.80
N LEU A 1720 -0.74 -0.36 -16.69
CA LEU A 1720 0.08 -0.96 -17.72
C LEU A 1720 0.98 -1.99 -17.04
N LEU A 1721 0.62 -3.26 -17.17
CA LEU A 1721 1.35 -4.32 -16.50
C LEU A 1721 2.41 -4.92 -17.41
N ILE A 1722 3.51 -5.39 -16.79
CA ILE A 1722 4.58 -6.07 -17.51
C ILE A 1722 4.95 -7.30 -16.70
N CYS A 1723 4.81 -8.48 -17.29
CA CYS A 1723 5.09 -9.74 -16.63
C CYS A 1723 6.24 -10.44 -17.36
N GLN A 1724 6.80 -11.45 -16.71
CA GLN A 1724 8.01 -12.11 -17.19
C GLN A 1724 7.68 -12.99 -18.39
N LYS A 1725 8.67 -13.74 -18.87
CA LYS A 1725 8.54 -14.56 -20.06
C LYS A 1725 7.85 -15.88 -19.70
N GLY A 1726 6.62 -16.06 -20.15
CA GLY A 1726 5.91 -17.30 -19.92
C GLY A 1726 4.51 -17.13 -19.40
N ILE A 1727 4.20 -15.96 -18.84
CA ILE A 1727 2.91 -15.73 -18.20
C ILE A 1727 1.89 -15.30 -19.24
N LEU A 1728 1.26 -16.29 -19.89
CA LEU A 1728 0.15 -16.07 -20.82
C LEU A 1728 -0.44 -17.42 -21.16
N HIS A 1729 -1.76 -17.49 -21.21
CA HIS A 1729 -2.46 -18.73 -21.50
C HIS A 1729 -3.15 -18.62 -22.85
N LYS A 1730 -3.65 -19.76 -23.33
CA LYS A 1730 -4.38 -19.82 -24.61
C LYS A 1730 -5.78 -19.23 -24.43
N ASP A 1731 -5.80 -17.97 -23.99
CA ASP A 1731 -7.01 -17.19 -23.78
C ASP A 1731 -6.84 -15.82 -24.46
N SER A 1732 -6.48 -15.87 -25.74
CA SER A 1732 -6.04 -14.76 -26.58
C SER A 1732 -4.62 -14.35 -26.22
N ASN A 1733 -3.89 -15.20 -25.49
CA ASN A 1733 -2.51 -14.98 -25.09
C ASN A 1733 -2.33 -13.76 -24.21
N MET A 1734 -3.39 -13.23 -23.63
CA MET A 1734 -3.27 -12.14 -22.66
C MET A 1734 -2.80 -12.71 -21.33
N PRO A 1735 -1.79 -12.12 -20.70
CA PRO A 1735 -1.23 -12.71 -19.47
C PRO A 1735 -2.29 -13.01 -18.41
N MET A 1736 -2.22 -14.21 -17.86
CA MET A 1736 -3.22 -14.74 -16.96
C MET A 1736 -2.52 -15.70 -16.00
N ASP A 1737 -3.29 -16.61 -15.39
CA ASP A 1737 -2.85 -17.73 -14.55
C ASP A 1737 -2.58 -17.34 -13.10
N MET A 1738 -2.97 -16.14 -12.67
CA MET A 1738 -2.97 -15.79 -11.26
C MET A 1738 -3.85 -14.57 -11.06
N ARG A 1739 -4.71 -14.61 -10.05
CA ARG A 1739 -5.62 -13.51 -9.79
C ARG A 1739 -4.85 -12.24 -9.50
N GLU A 1740 -5.48 -11.09 -9.78
CA GLU A 1740 -4.85 -9.81 -9.54
C GLU A 1740 -5.91 -8.72 -9.53
N PHE A 1741 -6.00 -7.98 -8.43
CA PHE A 1741 -6.84 -6.80 -8.37
C PHE A 1741 -5.96 -5.57 -8.47
N VAL A 1742 -6.35 -4.61 -9.30
CA VAL A 1742 -5.62 -3.37 -9.47
C VAL A 1742 -6.45 -2.26 -8.86
N LEU A 1743 -5.84 -1.47 -7.97
CA LEU A 1743 -6.55 -0.47 -7.19
C LEU A 1743 -5.74 0.82 -7.18
N LEU A 1744 -6.38 1.91 -7.59
CA LEU A 1744 -5.77 3.24 -7.63
C LEU A 1744 -6.43 4.09 -6.55
N PHE A 1745 -5.78 4.18 -5.40
CA PHE A 1745 -6.29 5.02 -4.33
C PHE A 1745 -6.07 6.48 -4.70
N MET A 1746 -7.16 7.23 -4.81
CA MET A 1746 -7.08 8.62 -5.23
C MET A 1746 -8.33 9.34 -4.78
N THR A 1747 -8.18 10.61 -4.42
CA THR A 1747 -9.31 11.49 -4.15
C THR A 1747 -9.53 12.36 -5.37
N PHE A 1748 -10.74 12.31 -5.92
CA PHE A 1748 -11.05 12.99 -7.16
C PHE A 1748 -11.61 14.38 -6.87
N ASP A 1749 -11.01 15.40 -7.50
CA ASP A 1749 -11.45 16.81 -7.36
C ASP A 1749 -12.20 17.21 -8.64
N GLU A 1750 -13.41 17.76 -8.50
CA GLU A 1750 -14.24 18.15 -9.66
C GLU A 1750 -13.90 19.59 -10.09
N LYS A 1751 -13.15 20.32 -9.27
CA LYS A 1751 -12.77 21.69 -9.57
C LYS A 1751 -11.48 21.75 -10.39
N LYS A 1752 -10.81 20.62 -10.56
CA LYS A 1752 -9.63 20.55 -11.41
C LYS A 1752 -9.89 19.82 -12.72
N SER A 1753 -11.06 19.23 -12.90
CA SER A 1753 -11.38 18.54 -14.14
C SER A 1753 -11.67 19.56 -15.24
N TRP A 1754 -12.00 19.07 -16.43
CA TRP A 1754 -12.40 19.94 -17.52
C TRP A 1754 -13.90 20.21 -17.53
N TYR A 1755 -14.71 19.24 -17.11
CA TYR A 1755 -16.16 19.38 -17.07
C TYR A 1755 -16.62 19.78 -15.67
N TYR A 1756 -16.09 20.90 -15.20
CA TYR A 1756 -16.49 21.47 -13.92
C TYR A 1756 -17.31 22.72 -14.22
N GLU A 1757 -18.61 22.55 -14.37
CA GLU A 1757 -19.49 23.69 -14.46
C GLU A 1757 -19.37 24.47 -13.14
N LYS A 1758 -18.76 25.65 -13.21
CA LYS A 1758 -18.33 26.35 -12.00
C LYS A 1758 -19.50 26.61 -11.08
N LYS A 1759 -20.44 27.45 -11.52
CA LYS A 1759 -21.60 27.80 -10.71
C LYS A 1759 -22.56 26.62 -10.70
N SER A 1760 -22.25 25.64 -9.84
CA SER A 1760 -23.15 24.53 -9.65
C SER A 1760 -24.46 25.02 -9.02
N ARG A 1761 -25.50 24.20 -9.15
CA ARG A 1761 -26.83 24.62 -8.75
C ARG A 1761 -27.05 24.59 -7.24
N SER A 1762 -26.00 24.39 -6.45
CA SER A 1762 -26.13 24.51 -5.00
C SER A 1762 -25.82 25.94 -4.54
N SER A 1763 -24.63 26.43 -4.86
CA SER A 1763 -24.24 27.80 -4.56
C SER A 1763 -23.28 28.27 -5.63
N TRP A 1764 -23.51 29.48 -6.17
CA TRP A 1764 -22.67 29.98 -7.24
C TRP A 1764 -21.51 30.82 -6.72
N ARG A 1765 -21.66 31.42 -5.54
CA ARG A 1765 -20.64 32.33 -5.02
C ARG A 1765 -19.37 31.56 -4.66
N LEU A 1766 -19.44 30.69 -3.66
CA LEU A 1766 -18.36 29.78 -3.34
C LEU A 1766 -18.70 28.40 -3.87
N THR A 1767 -17.73 27.49 -3.84
CA THR A 1767 -17.97 26.16 -4.38
C THR A 1767 -18.93 25.42 -3.47
N SER A 1768 -20.23 25.56 -3.76
CA SER A 1768 -21.31 25.03 -2.92
C SER A 1768 -21.08 25.43 -1.46
N SER A 1769 -21.16 26.74 -1.23
CA SER A 1769 -20.95 27.28 0.12
C SER A 1769 -21.85 26.58 1.14
N GLU A 1770 -23.00 26.09 0.69
CA GLU A 1770 -23.90 25.34 1.57
C GLU A 1770 -23.33 23.98 1.94
N MET A 1771 -22.51 23.39 1.08
CA MET A 1771 -21.80 22.14 1.38
C MET A 1771 -20.33 22.36 1.00
N LYS A 1772 -19.57 22.95 1.92
CA LYS A 1772 -18.23 23.43 1.59
C LYS A 1772 -17.28 22.26 1.35
N LYS A 1773 -16.53 22.35 0.25
CA LYS A 1773 -15.58 21.32 -0.16
C LYS A 1773 -16.26 19.95 -0.33
N SER A 1774 -17.55 19.96 -0.65
CA SER A 1774 -18.24 18.71 -0.95
C SER A 1774 -17.91 18.18 -2.32
N HIS A 1775 -17.12 18.92 -3.11
CA HIS A 1775 -16.80 18.53 -4.48
C HIS A 1775 -15.44 17.87 -4.59
N GLU A 1776 -15.04 17.12 -3.56
CA GLU A 1776 -13.86 16.29 -3.60
C GLU A 1776 -14.23 14.93 -3.00
N PHE A 1777 -13.98 13.87 -3.76
CA PHE A 1777 -14.46 12.54 -3.40
C PHE A 1777 -13.28 11.61 -3.18
N HIS A 1778 -13.19 11.05 -1.98
CA HIS A 1778 -12.11 10.12 -1.63
C HIS A 1778 -12.45 8.71 -2.13
N ALA A 1779 -12.19 8.51 -3.42
CA ALA A 1779 -12.53 7.25 -4.05
C ALA A 1779 -11.49 6.18 -3.77
N ILE A 1780 -11.92 4.93 -3.85
CA ILE A 1780 -11.03 3.78 -3.87
C ILE A 1780 -11.16 3.18 -5.25
N ASN A 1781 -10.29 3.60 -6.17
CA ASN A 1781 -10.32 3.07 -7.53
C ASN A 1781 -11.69 3.29 -8.16
N GLY A 1782 -12.05 4.56 -8.32
CA GLY A 1782 -13.33 4.89 -8.90
C GLY A 1782 -14.44 5.21 -7.93
N MET A 1783 -15.22 4.20 -7.55
CA MET A 1783 -16.42 4.40 -6.77
C MET A 1783 -16.09 4.58 -5.28
N ILE A 1784 -17.14 4.73 -4.48
CA ILE A 1784 -17.01 5.01 -3.05
C ILE A 1784 -17.95 4.09 -2.28
N TYR A 1785 -17.45 3.50 -1.20
CA TYR A 1785 -18.22 2.68 -0.26
C TYR A 1785 -18.64 1.34 -0.83
N SER A 1786 -18.54 1.15 -2.14
CA SER A 1786 -19.08 -0.06 -2.74
C SER A 1786 -18.02 -0.89 -3.47
N LEU A 1787 -17.41 -0.32 -4.52
CA LEU A 1787 -16.47 -0.99 -5.41
C LEU A 1787 -16.77 -2.48 -5.55
N PRO A 1788 -17.87 -2.86 -6.18
CA PRO A 1788 -18.15 -4.29 -6.35
C PRO A 1788 -17.18 -4.94 -7.32
N GLY A 1789 -16.93 -6.22 -7.09
CA GLY A 1789 -16.03 -6.99 -7.92
C GLY A 1789 -14.87 -7.62 -7.19
N LEU A 1790 -14.54 -7.13 -6.00
CA LEU A 1790 -13.46 -7.69 -5.18
C LEU A 1790 -13.98 -8.96 -4.52
N LYS A 1791 -13.66 -10.11 -5.11
CA LYS A 1791 -14.05 -11.40 -4.55
C LYS A 1791 -12.85 -12.33 -4.61
N MET A 1792 -12.50 -12.90 -3.46
CA MET A 1792 -11.42 -13.89 -3.39
C MET A 1792 -11.90 -15.12 -2.65
N TYR A 1793 -11.20 -16.23 -2.88
CA TYR A 1793 -11.44 -17.46 -2.15
C TYR A 1793 -10.74 -17.37 -0.80
N GLU A 1794 -10.61 -18.50 -0.13
CA GLU A 1794 -9.88 -18.58 1.13
C GLU A 1794 -8.55 -19.27 0.89
N GLN A 1795 -7.48 -18.71 1.46
CA GLN A 1795 -6.13 -19.28 1.38
C GLN A 1795 -5.65 -19.38 -0.06
N GLU A 1796 -5.83 -18.32 -0.83
CA GLU A 1796 -5.35 -18.25 -2.20
C GLU A 1796 -4.48 -17.01 -2.37
N TRP A 1797 -3.35 -17.17 -3.04
CA TRP A 1797 -2.43 -16.07 -3.28
C TRP A 1797 -2.99 -15.16 -4.36
N VAL A 1798 -3.39 -13.95 -3.98
CA VAL A 1798 -3.84 -12.97 -4.95
C VAL A 1798 -2.84 -11.83 -4.99
N ARG A 1799 -2.65 -11.27 -6.18
CA ARG A 1799 -1.71 -10.19 -6.41
C ARG A 1799 -2.44 -8.86 -6.35
N LEU A 1800 -1.74 -7.82 -5.93
CA LEU A 1800 -2.34 -6.50 -5.76
C LEU A 1800 -1.41 -5.45 -6.32
N HIS A 1801 -1.90 -4.65 -7.25
CA HIS A 1801 -1.14 -3.56 -7.85
C HIS A 1801 -1.74 -2.26 -7.35
N LEU A 1802 -1.23 -1.78 -6.21
CA LEU A 1802 -1.68 -0.53 -5.62
C LEU A 1802 -0.87 0.63 -6.17
N LEU A 1803 -1.55 1.64 -6.70
CA LEU A 1803 -0.91 2.78 -7.33
C LEU A 1803 -1.48 4.07 -6.76
N ASN A 1804 -0.68 5.12 -6.80
CA ASN A 1804 -1.15 6.44 -6.36
C ASN A 1804 -0.32 7.50 -7.08
N ILE A 1805 -0.94 8.18 -8.04
CA ILE A 1805 -0.30 9.31 -8.70
C ILE A 1805 -1.21 10.52 -8.82
N GLY A 1806 -2.52 10.39 -8.67
CA GLY A 1806 -3.43 11.50 -8.85
C GLY A 1806 -3.42 12.50 -7.72
N GLY A 1807 -3.79 12.05 -6.52
CA GLY A 1807 -3.71 12.90 -5.34
C GLY A 1807 -2.36 12.79 -4.68
N SER A 1808 -1.48 13.75 -4.96
CA SER A 1808 -0.07 13.61 -4.60
C SER A 1808 0.15 13.87 -3.11
N GLN A 1809 -0.15 15.08 -2.65
CA GLN A 1809 0.24 15.48 -1.31
C GLN A 1809 -0.44 14.68 -0.21
N ASP A 1810 -1.31 13.74 -0.55
CA ASP A 1810 -1.99 12.91 0.46
C ASP A 1810 -1.41 11.51 0.40
N ILE A 1811 -0.52 11.20 1.35
CA ILE A 1811 0.07 9.88 1.43
C ILE A 1811 -0.93 8.92 2.07
N HIS A 1812 -1.16 7.79 1.41
CA HIS A 1812 -2.16 6.83 1.86
C HIS A 1812 -1.49 5.58 2.41
N VAL A 1813 -2.16 4.98 3.39
CA VAL A 1813 -1.72 3.73 3.99
C VAL A 1813 -2.85 2.72 3.83
N VAL A 1814 -2.54 1.60 3.19
CA VAL A 1814 -3.56 0.62 2.82
C VAL A 1814 -3.66 -0.42 3.92
N HIS A 1815 -4.88 -0.68 4.37
CA HIS A 1815 -5.09 -1.63 5.46
C HIS A 1815 -6.29 -2.51 5.13
N PHE A 1816 -6.04 -3.79 4.94
CA PHE A 1816 -7.10 -4.77 4.81
C PHE A 1816 -7.40 -5.38 6.18
N HIS A 1817 -8.68 -5.55 6.48
CA HIS A 1817 -9.06 -6.10 7.76
C HIS A 1817 -8.83 -7.61 7.78
N GLY A 1818 -8.13 -8.07 8.81
CA GLY A 1818 -7.85 -9.49 8.96
C GLY A 1818 -6.88 -10.07 7.97
N GLN A 1819 -6.06 -9.23 7.34
CA GLN A 1819 -5.16 -9.69 6.29
C GLN A 1819 -3.75 -9.15 6.53
N THR A 1820 -2.77 -9.85 5.96
CA THR A 1820 -1.36 -9.49 6.08
C THR A 1820 -0.73 -9.53 4.70
N LEU A 1821 -0.23 -8.40 4.24
CA LEU A 1821 0.33 -8.30 2.90
C LEU A 1821 1.75 -8.88 2.89
N LEU A 1822 2.41 -8.74 1.74
CA LEU A 1822 3.70 -9.38 1.52
C LEU A 1822 4.40 -8.72 0.36
N GLU A 1823 5.72 -8.61 0.44
CA GLU A 1823 6.55 -8.09 -0.63
C GLU A 1823 7.43 -9.23 -1.14
N ASN A 1824 8.31 -8.91 -2.10
CA ASN A 1824 9.24 -9.89 -2.64
C ASN A 1824 10.56 -9.20 -2.95
N GLY A 1825 11.46 -9.93 -3.62
CA GLY A 1825 12.79 -9.44 -3.90
C GLY A 1825 13.77 -9.85 -2.83
N ASN A 1826 13.58 -9.33 -1.63
CA ASN A 1826 14.23 -9.88 -0.44
C ASN A 1826 13.41 -11.00 0.16
N LYS A 1827 12.35 -11.43 -0.53
CA LYS A 1827 11.65 -12.69 -0.33
C LYS A 1827 10.79 -12.69 0.93
N GLN A 1828 10.89 -11.66 1.76
CA GLN A 1828 10.16 -11.64 3.01
C GLN A 1828 9.95 -10.20 3.48
N HIS A 1829 8.68 -9.83 3.64
CA HIS A 1829 8.29 -8.55 4.22
C HIS A 1829 6.80 -8.64 4.50
N GLN A 1830 6.38 -8.41 5.75
CA GLN A 1830 4.96 -8.52 6.10
C GLN A 1830 4.28 -7.17 6.13
N LEU A 1831 4.79 -6.24 6.94
CA LEU A 1831 4.42 -4.83 6.94
C LEU A 1831 3.03 -4.58 7.50
N GLY A 1832 2.22 -5.61 7.65
CA GLY A 1832 0.92 -5.44 8.28
C GLY A 1832 -0.02 -4.57 7.46
N VAL A 1833 0.40 -3.32 7.24
CA VAL A 1833 -0.27 -2.37 6.37
C VAL A 1833 0.80 -1.66 5.57
N TRP A 1834 0.44 -1.21 4.37
CA TRP A 1834 1.49 -0.62 3.55
C TRP A 1834 1.21 0.84 3.28
N PRO A 1835 2.23 1.70 3.38
CA PRO A 1835 2.04 3.11 3.01
C PRO A 1835 2.26 3.35 1.53
N LEU A 1836 1.25 3.89 0.87
CA LEU A 1836 1.30 4.17 -0.57
C LEU A 1836 1.98 5.52 -0.78
N LEU A 1837 3.13 5.49 -1.33
CA LEU A 1837 3.73 6.79 -1.62
C LEU A 1837 3.19 7.32 -2.94
N PRO A 1838 2.96 8.63 -3.03
CA PRO A 1838 2.30 9.17 -4.23
C PRO A 1838 3.20 9.14 -5.46
N GLY A 1839 3.24 8.00 -6.13
CA GLY A 1839 4.06 7.86 -7.32
C GLY A 1839 4.68 6.49 -7.41
N SER A 1840 4.75 5.81 -6.27
CA SER A 1840 5.27 4.45 -6.25
C SER A 1840 4.29 3.50 -6.94
N PHE A 1841 4.83 2.42 -7.48
CA PHE A 1841 4.04 1.34 -8.05
C PHE A 1841 4.39 0.07 -7.31
N LYS A 1842 3.42 -0.47 -6.57
CA LYS A 1842 3.69 -1.55 -5.62
C LYS A 1842 2.95 -2.81 -6.04
N THR A 1843 3.68 -3.92 -6.11
CA THR A 1843 3.10 -5.24 -6.33
C THR A 1843 3.28 -6.06 -5.07
N LEU A 1844 2.18 -6.53 -4.50
CA LEU A 1844 2.18 -7.26 -3.24
C LEU A 1844 1.45 -8.58 -3.41
N GLU A 1845 1.37 -9.34 -2.31
CA GLU A 1845 0.65 -10.59 -2.30
C GLU A 1845 -0.12 -10.67 -0.98
N MET A 1846 -1.24 -11.37 -0.98
CA MET A 1846 -2.22 -11.24 0.08
C MET A 1846 -2.38 -12.49 0.93
N LYS A 1847 -2.69 -13.64 0.32
CA LYS A 1847 -3.00 -14.87 1.05
C LYS A 1847 -4.18 -14.66 2.00
N ALA A 1848 -5.35 -14.49 1.40
CA ALA A 1848 -6.58 -14.25 2.14
C ALA A 1848 -6.74 -15.27 3.27
N SER A 1849 -7.44 -14.85 4.33
CA SER A 1849 -7.40 -15.56 5.61
C SER A 1849 -8.67 -16.34 5.91
N LYS A 1850 -9.82 -15.67 5.98
CA LYS A 1850 -11.03 -16.29 6.49
C LYS A 1850 -12.24 -15.70 5.79
N PRO A 1851 -13.29 -16.50 5.60
CA PRO A 1851 -14.48 -16.01 4.88
C PRO A 1851 -15.35 -15.13 5.76
N GLY A 1852 -16.27 -14.45 5.10
CA GLY A 1852 -17.17 -13.49 5.69
C GLY A 1852 -17.12 -12.19 4.92
N TRP A 1853 -17.70 -11.15 5.52
CA TRP A 1853 -17.71 -9.82 4.92
C TRP A 1853 -16.68 -8.95 5.64
N TRP A 1854 -15.51 -8.80 5.02
CA TRP A 1854 -14.44 -8.01 5.60
C TRP A 1854 -14.52 -6.58 5.07
N LEU A 1855 -13.50 -5.78 5.36
CA LEU A 1855 -13.54 -4.36 5.05
C LEU A 1855 -12.16 -3.87 4.67
N LEU A 1856 -12.05 -3.28 3.48
CA LEU A 1856 -10.83 -2.66 3.00
C LEU A 1856 -10.92 -1.15 3.15
N ASN A 1857 -9.87 -0.54 3.68
CA ASN A 1857 -9.89 0.89 3.97
C ASN A 1857 -8.47 1.41 4.11
N THR A 1858 -8.38 2.72 4.33
CA THR A 1858 -7.15 3.37 4.76
C THR A 1858 -7.37 3.87 6.18
N GLU A 1859 -6.49 3.50 7.10
CA GLU A 1859 -6.73 3.71 8.52
C GLU A 1859 -6.39 5.12 8.99
N VAL A 1860 -6.23 6.08 8.08
CA VAL A 1860 -6.16 7.48 8.46
C VAL A 1860 -7.58 7.91 8.78
N GLY A 1861 -7.90 8.00 10.06
CA GLY A 1861 -9.26 8.14 10.54
C GLY A 1861 -10.14 9.16 9.87
N GLU A 1862 -9.53 10.18 9.26
CA GLU A 1862 -10.29 11.22 8.56
C GLU A 1862 -10.41 10.94 7.08
N ASN A 1863 -10.18 9.70 6.66
CA ASN A 1863 -10.45 9.29 5.28
C ASN A 1863 -11.23 7.98 5.27
N GLN A 1864 -11.10 7.18 6.32
CA GLN A 1864 -11.93 5.99 6.43
C GLN A 1864 -13.40 6.34 6.58
N ARG A 1865 -13.70 7.35 7.40
CA ARG A 1865 -15.08 7.83 7.50
C ARG A 1865 -15.47 8.70 6.32
N ALA A 1866 -14.48 9.31 5.64
CA ALA A 1866 -14.78 10.20 4.53
C ALA A 1866 -15.30 9.44 3.32
N GLY A 1867 -15.03 8.14 3.22
CA GLY A 1867 -15.54 7.39 2.09
C GLY A 1867 -14.65 6.26 1.60
N MET A 1868 -13.41 6.20 2.07
CA MET A 1868 -12.48 5.16 1.63
C MET A 1868 -12.66 3.90 2.49
N GLN A 1869 -13.72 3.16 2.20
CA GLN A 1869 -13.96 1.90 2.90
C GLN A 1869 -14.83 1.02 2.01
N THR A 1870 -14.29 -0.13 1.59
CA THR A 1870 -14.96 -1.03 0.66
C THR A 1870 -15.11 -2.41 1.28
N PRO A 1871 -16.33 -2.93 1.40
CA PRO A 1871 -16.51 -4.29 1.96
C PRO A 1871 -16.26 -5.40 0.94
N PHE A 1872 -14.98 -5.74 0.75
CA PHE A 1872 -14.66 -6.87 -0.10
C PHE A 1872 -15.08 -8.17 0.58
N LEU A 1873 -15.02 -9.27 -0.17
CA LEU A 1873 -15.62 -10.52 0.25
C LEU A 1873 -14.66 -11.68 0.14
N ILE A 1874 -14.44 -12.38 1.25
CA ILE A 1874 -13.78 -13.68 1.26
C ILE A 1874 -14.88 -14.74 1.38
N MET A 1875 -14.85 -15.71 0.48
CA MET A 1875 -15.86 -16.81 0.48
C MET A 1875 -15.20 -18.10 0.98
N ASP A 1876 -15.86 -19.24 0.78
CA ASP A 1876 -15.33 -20.56 1.22
C ASP A 1876 -14.31 -21.06 0.20
N ARG A 1877 -13.50 -22.06 0.58
CA ARG A 1877 -12.48 -22.63 -0.33
C ARG A 1877 -13.00 -23.95 -0.91
N ASP A 1878 -14.30 -24.23 -0.72
CA ASP A 1878 -14.92 -25.49 -1.23
C ASP A 1878 -16.32 -25.18 -1.76
N CYS A 1879 -16.49 -24.03 -2.42
CA CYS A 1879 -17.78 -23.63 -2.97
C CYS A 1879 -18.15 -24.57 -4.12
N ARG A 1880 -18.43 -25.82 -3.76
CA ARG A 1880 -18.75 -26.85 -4.74
C ARG A 1880 -19.89 -27.73 -4.24
N MET A 1881 -20.93 -27.10 -3.70
CA MET A 1881 -22.04 -27.92 -3.23
C MET A 1881 -23.28 -27.67 -4.09
N PRO A 1882 -24.07 -28.71 -4.35
CA PRO A 1882 -25.25 -28.54 -5.21
C PRO A 1882 -26.26 -27.59 -4.59
N MET A 1883 -26.81 -26.71 -5.42
CA MET A 1883 -27.70 -25.66 -4.95
C MET A 1883 -29.16 -26.11 -4.87
N GLY A 1884 -29.44 -27.40 -5.00
CA GLY A 1884 -30.79 -27.87 -4.74
C GLY A 1884 -31.53 -28.47 -5.91
N LEU A 1885 -30.97 -28.35 -7.12
CA LEU A 1885 -31.66 -28.90 -8.29
C LEU A 1885 -31.87 -30.40 -8.16
N SER A 1886 -30.79 -31.16 -7.97
CA SER A 1886 -30.93 -32.61 -7.89
C SER A 1886 -31.56 -33.04 -6.57
N THR A 1887 -31.17 -32.39 -5.48
CA THR A 1887 -31.69 -32.75 -4.16
C THR A 1887 -33.20 -32.55 -4.10
N GLY A 1888 -33.64 -31.31 -4.20
CA GLY A 1888 -35.04 -31.01 -4.03
C GLY A 1888 -35.28 -29.74 -3.24
N ILE A 1889 -34.20 -29.06 -2.85
CA ILE A 1889 -34.34 -27.78 -2.17
C ILE A 1889 -35.10 -26.79 -3.07
N ILE A 1890 -34.61 -26.59 -4.29
CA ILE A 1890 -35.23 -25.67 -5.23
C ILE A 1890 -36.48 -26.36 -5.77
N SER A 1891 -37.64 -26.00 -5.23
CA SER A 1891 -38.90 -26.60 -5.66
C SER A 1891 -39.17 -26.26 -7.12
N ASP A 1892 -40.10 -27.00 -7.71
CA ASP A 1892 -40.46 -26.81 -9.12
C ASP A 1892 -41.36 -25.62 -9.34
N SER A 1893 -41.67 -24.85 -8.31
CA SER A 1893 -42.55 -23.70 -8.46
C SER A 1893 -41.85 -22.50 -9.06
N GLN A 1894 -40.56 -22.62 -9.42
CA GLN A 1894 -39.80 -21.46 -9.88
C GLN A 1894 -38.92 -21.80 -11.08
N ILE A 1895 -39.43 -22.58 -12.03
CA ILE A 1895 -38.69 -22.95 -13.22
C ILE A 1895 -39.46 -22.42 -14.42
N LYS A 1896 -38.90 -21.42 -15.10
CA LYS A 1896 -39.54 -20.78 -16.24
C LYS A 1896 -38.90 -21.25 -17.54
N ALA A 1897 -39.46 -20.76 -18.65
CA ALA A 1897 -38.95 -21.07 -19.98
C ALA A 1897 -39.62 -20.19 -21.03
N SER A 1898 -38.84 -19.62 -21.94
CA SER A 1898 -39.43 -18.82 -23.01
C SER A 1898 -39.91 -19.69 -24.16
N GLU A 1899 -39.00 -20.39 -24.82
CA GLU A 1899 -39.32 -21.33 -25.88
C GLU A 1899 -39.20 -22.73 -25.30
N PHE A 1900 -39.72 -23.71 -26.02
CA PHE A 1900 -39.88 -25.03 -25.40
C PHE A 1900 -39.48 -26.09 -26.41
N LEU A 1901 -39.44 -27.35 -25.95
CA LEU A 1901 -39.10 -28.48 -26.82
C LEU A 1901 -40.15 -29.58 -26.63
N GLY A 1902 -41.29 -29.45 -27.30
CA GLY A 1902 -42.25 -30.53 -27.31
C GLY A 1902 -43.18 -30.63 -26.11
N TYR A 1903 -42.87 -31.56 -25.21
CA TYR A 1903 -43.80 -32.00 -24.18
C TYR A 1903 -43.17 -32.08 -22.78
N TRP A 1904 -41.91 -31.71 -22.62
CA TRP A 1904 -41.11 -32.13 -21.47
C TRP A 1904 -41.07 -31.00 -20.45
N GLU A 1905 -42.09 -30.95 -19.58
CA GLU A 1905 -42.28 -29.89 -18.58
C GLU A 1905 -40.97 -29.52 -17.90
N PRO A 1906 -40.68 -28.23 -17.71
CA PRO A 1906 -39.36 -27.85 -17.21
C PRO A 1906 -39.19 -28.09 -15.72
N ARG A 1907 -40.27 -28.43 -15.02
CA ARG A 1907 -40.18 -28.85 -13.64
C ARG A 1907 -39.42 -30.17 -13.55
N LEU A 1908 -39.22 -30.81 -14.70
CA LEU A 1908 -38.50 -32.07 -14.80
C LEU A 1908 -37.14 -31.88 -15.47
N ALA A 1909 -36.48 -30.75 -15.15
CA ALA A 1909 -35.14 -30.46 -15.62
C ALA A 1909 -34.08 -30.75 -14.58
N ARG A 1910 -34.35 -31.69 -13.68
CA ARG A 1910 -33.46 -31.99 -12.58
C ARG A 1910 -32.37 -32.96 -13.05
N LEU A 1911 -31.11 -32.63 -12.76
CA LEU A 1911 -30.02 -33.50 -13.16
C LEU A 1911 -30.17 -34.88 -12.54
N ASN A 1912 -29.93 -35.91 -13.36
CA ASN A 1912 -30.07 -37.30 -12.94
C ASN A 1912 -31.50 -37.59 -12.46
N ASN A 1913 -32.47 -37.18 -13.27
CA ASN A 1913 -33.85 -37.51 -13.06
C ASN A 1913 -34.27 -38.53 -14.11
N GLY A 1914 -34.79 -39.66 -13.65
CA GLY A 1914 -35.16 -40.73 -14.57
C GLY A 1914 -36.51 -40.51 -15.22
N GLY A 1915 -37.36 -41.53 -15.18
CA GLY A 1915 -38.71 -41.39 -15.70
C GLY A 1915 -38.75 -41.43 -17.22
N SER A 1916 -39.86 -40.94 -17.76
CA SER A 1916 -40.09 -40.91 -19.19
C SER A 1916 -39.93 -39.52 -19.80
N TYR A 1917 -39.94 -38.47 -18.99
CA TYR A 1917 -39.73 -37.11 -19.47
C TYR A 1917 -38.79 -36.42 -18.49
N ASN A 1918 -37.55 -36.19 -18.89
CA ASN A 1918 -36.52 -35.72 -17.97
C ASN A 1918 -35.70 -34.59 -18.59
N ALA A 1919 -36.37 -33.60 -19.17
CA ALA A 1919 -35.65 -32.46 -19.73
C ALA A 1919 -36.62 -31.27 -19.79
N TRP A 1920 -36.21 -30.23 -20.51
CA TRP A 1920 -36.85 -28.93 -20.47
C TRP A 1920 -37.75 -28.70 -21.67
N SER A 1921 -39.00 -28.30 -21.40
CA SER A 1921 -40.00 -27.87 -22.38
C SER A 1921 -41.26 -27.46 -21.63
N VAL A 1922 -42.15 -26.75 -22.31
CA VAL A 1922 -43.53 -26.64 -21.86
C VAL A 1922 -44.45 -26.99 -23.03
N GLU A 1923 -44.27 -26.29 -24.15
CA GLU A 1923 -45.12 -26.48 -25.33
C GLU A 1923 -44.31 -26.94 -26.52
N LYS A 1924 -44.95 -26.99 -27.69
CA LYS A 1924 -44.35 -27.57 -28.89
C LYS A 1924 -43.63 -26.48 -29.68
N LEU A 1925 -42.48 -26.85 -30.27
CA LEU A 1925 -41.70 -25.92 -31.08
C LEU A 1925 -42.03 -26.03 -32.57
N ALA A 1926 -41.84 -27.22 -33.14
CA ALA A 1926 -42.04 -27.56 -34.54
C ALA A 1926 -40.97 -26.93 -35.44
N ALA A 1927 -40.16 -26.02 -34.89
CA ALA A 1927 -38.97 -25.52 -35.59
C ALA A 1927 -38.11 -24.79 -34.56
N GLU A 1928 -36.94 -25.37 -34.25
CA GLU A 1928 -36.03 -24.70 -33.32
C GLU A 1928 -34.59 -25.05 -33.72
N PHE A 1929 -33.95 -24.12 -34.42
CA PHE A 1929 -32.51 -24.18 -34.65
C PHE A 1929 -31.81 -22.84 -34.49
N ALA A 1930 -32.50 -21.72 -34.64
CA ALA A 1930 -31.81 -20.44 -34.72
C ALA A 1930 -31.98 -19.63 -33.43
N SER A 1931 -33.21 -19.52 -32.93
CA SER A 1931 -33.47 -18.73 -31.74
C SER A 1931 -32.75 -19.32 -30.53
N LYS A 1932 -32.66 -18.50 -29.47
CA LYS A 1932 -31.94 -18.87 -28.25
C LYS A 1932 -32.95 -18.93 -27.11
N PRO A 1933 -33.61 -20.07 -26.91
CA PRO A 1933 -34.53 -20.21 -25.78
C PRO A 1933 -33.81 -20.14 -24.44
N TRP A 1934 -34.53 -20.15 -23.33
CA TRP A 1934 -33.85 -20.09 -22.06
C TRP A 1934 -34.69 -20.73 -20.96
N ILE A 1935 -34.00 -21.22 -19.94
CA ILE A 1935 -34.61 -21.71 -18.71
C ILE A 1935 -34.10 -20.84 -17.56
N GLN A 1936 -35.02 -20.46 -16.67
CA GLN A 1936 -34.70 -19.52 -15.61
C GLN A 1936 -34.92 -20.19 -14.26
N VAL A 1937 -33.84 -20.40 -13.53
CA VAL A 1937 -33.90 -20.97 -12.19
C VAL A 1937 -33.95 -19.83 -11.19
N ASP A 1938 -34.76 -20.00 -10.15
CA ASP A 1938 -34.87 -19.02 -9.08
C ASP A 1938 -34.34 -19.62 -7.78
N MET A 1939 -33.83 -18.75 -6.92
CA MET A 1939 -33.23 -19.18 -5.67
C MET A 1939 -33.93 -18.62 -4.44
N GLN A 1940 -34.73 -17.56 -4.58
CA GLN A 1940 -35.43 -16.86 -3.52
C GLN A 1940 -34.51 -16.10 -2.59
N LYS A 1941 -33.19 -16.18 -2.79
CA LYS A 1941 -32.23 -15.45 -1.97
C LYS A 1941 -30.93 -15.33 -2.74
N GLU A 1942 -30.17 -14.29 -2.43
CA GLU A 1942 -28.89 -14.05 -3.08
C GLU A 1942 -27.91 -15.15 -2.70
N VAL A 1943 -27.49 -15.94 -3.69
CA VAL A 1943 -26.58 -17.05 -3.47
C VAL A 1943 -25.36 -16.88 -4.38
N ILE A 1944 -24.36 -17.71 -4.15
CA ILE A 1944 -23.18 -17.78 -5.00
C ILE A 1944 -23.31 -18.97 -5.92
N ILE A 1945 -22.78 -18.83 -7.13
CA ILE A 1945 -22.81 -19.90 -8.14
C ILE A 1945 -21.43 -19.94 -8.78
N THR A 1946 -20.76 -21.09 -8.67
CA THR A 1946 -19.39 -21.21 -9.16
C THR A 1946 -19.26 -22.20 -10.31
N GLY A 1947 -20.35 -22.70 -10.86
CA GLY A 1947 -20.26 -23.61 -11.98
C GLY A 1947 -21.63 -24.11 -12.40
N ILE A 1948 -21.61 -25.02 -13.37
CA ILE A 1948 -22.82 -25.64 -13.88
C ILE A 1948 -22.49 -27.08 -14.25
N GLN A 1949 -23.47 -27.97 -14.09
CA GLN A 1949 -23.33 -29.40 -14.38
C GLN A 1949 -24.34 -29.75 -15.46
N THR A 1950 -23.90 -29.75 -16.72
CA THR A 1950 -24.78 -30.04 -17.83
C THR A 1950 -24.94 -31.55 -18.00
N GLN A 1951 -25.98 -31.95 -18.73
CA GLN A 1951 -26.19 -33.35 -19.06
C GLN A 1951 -27.16 -33.45 -20.23
N GLY A 1952 -27.06 -34.56 -20.97
CA GLY A 1952 -27.91 -34.78 -22.11
C GLY A 1952 -29.06 -35.72 -21.83
N ALA A 1953 -30.14 -35.56 -22.59
CA ALA A 1953 -31.34 -36.35 -22.37
C ALA A 1953 -31.57 -37.33 -23.51
N LYS A 1954 -32.47 -38.29 -23.26
CA LYS A 1954 -32.93 -39.26 -24.25
C LYS A 1954 -34.01 -40.14 -23.63
N HIS A 1955 -34.76 -40.86 -24.46
CA HIS A 1955 -35.65 -41.91 -23.95
C HIS A 1955 -35.08 -43.29 -24.27
N TYR A 1956 -34.86 -43.63 -25.54
CA TYR A 1956 -33.97 -44.73 -25.88
C TYR A 1956 -33.06 -44.48 -27.08
N LEU A 1957 -33.41 -43.59 -28.01
CA LEU A 1957 -32.63 -43.42 -29.24
C LEU A 1957 -32.57 -41.96 -29.67
N LYS A 1958 -32.29 -41.05 -28.75
CA LYS A 1958 -32.07 -39.65 -29.09
C LYS A 1958 -30.72 -39.24 -28.53
N SER A 1959 -29.73 -39.06 -29.41
CA SER A 1959 -28.42 -38.61 -28.98
C SER A 1959 -28.52 -37.31 -28.20
N CYS A 1960 -28.94 -36.24 -28.88
CA CYS A 1960 -29.52 -35.06 -28.24
C CYS A 1960 -28.62 -34.47 -27.15
N TYR A 1961 -27.45 -34.01 -27.56
CA TYR A 1961 -26.57 -33.29 -26.64
C TYR A 1961 -26.29 -31.89 -27.15
N THR A 1962 -26.04 -30.98 -26.22
CA THR A 1962 -25.74 -29.59 -26.51
C THR A 1962 -24.23 -29.39 -26.55
N THR A 1963 -23.77 -28.48 -27.40
CA THR A 1963 -22.35 -28.23 -27.57
C THR A 1963 -21.93 -26.88 -27.00
N GLU A 1964 -22.55 -25.78 -27.43
CA GLU A 1964 -22.21 -24.46 -26.95
C GLU A 1964 -23.44 -23.80 -26.34
N PHE A 1965 -23.23 -23.12 -25.22
CA PHE A 1965 -24.34 -22.47 -24.53
C PHE A 1965 -23.78 -21.38 -23.63
N TYR A 1966 -24.43 -20.23 -23.61
CA TYR A 1966 -24.05 -19.14 -22.73
C TYR A 1966 -25.02 -19.04 -21.56
N VAL A 1967 -24.68 -18.20 -20.59
CA VAL A 1967 -25.40 -18.10 -19.34
C VAL A 1967 -25.63 -16.64 -18.99
N ALA A 1968 -26.82 -16.33 -18.51
CA ALA A 1968 -27.16 -15.01 -18.00
C ALA A 1968 -27.33 -15.10 -16.48
N TYR A 1969 -27.53 -13.94 -15.86
CA TYR A 1969 -27.84 -13.91 -14.44
C TYR A 1969 -28.42 -12.54 -14.09
N SER A 1970 -29.08 -12.49 -12.93
CA SER A 1970 -29.70 -11.27 -12.47
C SER A 1970 -30.06 -11.43 -11.00
N SER A 1971 -30.04 -10.31 -10.27
CA SER A 1971 -30.50 -10.27 -8.90
C SER A 1971 -31.85 -9.58 -8.77
N ASN A 1972 -32.46 -9.17 -9.88
CA ASN A 1972 -33.74 -8.49 -9.84
C ASN A 1972 -34.72 -9.00 -10.88
N GLN A 1973 -34.35 -10.01 -11.69
CA GLN A 1973 -35.17 -10.60 -12.73
C GLN A 1973 -35.41 -9.67 -13.91
N ILE A 1974 -34.94 -8.43 -13.84
CA ILE A 1974 -35.17 -7.43 -14.88
C ILE A 1974 -33.87 -7.02 -15.56
N ASN A 1975 -32.87 -6.62 -14.78
CA ASN A 1975 -31.58 -6.22 -15.30
C ASN A 1975 -30.68 -7.45 -15.36
N TRP A 1976 -30.51 -8.01 -16.56
CA TRP A 1976 -29.71 -9.19 -16.77
C TRP A 1976 -28.34 -8.82 -17.30
N GLN A 1977 -27.35 -9.64 -16.95
CA GLN A 1977 -25.95 -9.43 -17.34
C GLN A 1977 -25.49 -10.68 -18.08
N ILE A 1978 -25.75 -10.73 -19.38
CA ILE A 1978 -25.46 -11.93 -20.16
C ILE A 1978 -24.00 -11.84 -20.61
N PHE A 1979 -23.08 -12.19 -19.72
CA PHE A 1979 -21.67 -12.07 -20.04
C PHE A 1979 -20.81 -13.19 -19.48
N LYS A 1980 -21.39 -14.24 -18.92
CA LYS A 1980 -20.59 -15.34 -18.41
C LYS A 1980 -20.40 -16.46 -19.43
N GLY A 1981 -21.13 -16.43 -20.54
CA GLY A 1981 -20.85 -17.34 -21.63
C GLY A 1981 -19.59 -16.91 -22.37
N ASN A 1982 -19.68 -15.76 -23.03
CA ASN A 1982 -18.52 -15.14 -23.67
C ASN A 1982 -17.79 -14.22 -22.69
N SER A 1983 -17.33 -14.84 -21.59
CA SER A 1983 -16.76 -14.12 -20.45
C SER A 1983 -15.27 -13.86 -20.59
N THR A 1984 -14.63 -13.53 -19.46
CA THR A 1984 -13.28 -12.99 -19.46
C THR A 1984 -12.27 -13.98 -20.00
N ARG A 1985 -12.11 -15.13 -19.33
CA ARG A 1985 -11.12 -16.10 -19.79
C ARG A 1985 -11.45 -16.58 -21.20
N ASN A 1986 -12.74 -16.66 -21.54
CA ASN A 1986 -13.14 -16.93 -22.91
C ASN A 1986 -12.82 -15.74 -23.80
N VAL A 1987 -12.90 -15.95 -25.11
CA VAL A 1987 -12.76 -14.81 -26.01
C VAL A 1987 -14.14 -14.30 -26.39
N MET A 1988 -14.92 -15.11 -27.12
CA MET A 1988 -16.33 -14.78 -27.35
C MET A 1988 -17.20 -16.05 -27.42
N TYR A 1989 -16.93 -17.04 -26.56
CA TYR A 1989 -17.68 -18.29 -26.62
C TYR A 1989 -17.75 -18.95 -25.25
N PHE A 1990 -18.56 -20.00 -25.17
CA PHE A 1990 -18.63 -20.91 -24.01
C PHE A 1990 -18.66 -22.33 -24.54
N ASN A 1991 -18.65 -23.32 -23.64
CA ASN A 1991 -18.64 -24.72 -24.04
C ASN A 1991 -19.57 -25.53 -23.17
N GLY A 1992 -20.03 -26.65 -23.70
CA GLY A 1992 -21.03 -27.47 -23.05
C GLY A 1992 -20.78 -28.95 -23.22
N ASN A 1993 -21.87 -29.72 -23.35
CA ASN A 1993 -21.81 -31.17 -23.30
C ASN A 1993 -21.17 -31.75 -24.56
N SER A 1994 -21.00 -33.07 -24.56
CA SER A 1994 -20.37 -33.78 -25.68
C SER A 1994 -21.10 -35.04 -26.13
N ASP A 1995 -21.95 -35.64 -25.31
CA ASP A 1995 -22.66 -36.85 -25.69
C ASP A 1995 -23.91 -36.99 -24.81
N ALA A 1996 -24.48 -38.18 -24.77
CA ALA A 1996 -25.63 -38.47 -23.94
C ALA A 1996 -25.18 -38.56 -22.48
N SER A 1997 -25.98 -39.17 -21.61
CA SER A 1997 -25.86 -38.87 -20.19
C SER A 1997 -24.50 -39.28 -19.62
N THR A 1998 -23.58 -38.32 -19.67
CA THR A 1998 -22.26 -38.42 -19.03
C THR A 1998 -22.02 -37.03 -18.43
N ILE A 1999 -22.03 -36.94 -17.10
CA ILE A 1999 -22.09 -35.64 -16.44
C ILE A 1999 -20.87 -34.81 -16.80
N LYS A 2000 -21.10 -33.71 -17.51
CA LYS A 2000 -20.06 -32.75 -17.86
C LYS A 2000 -20.33 -31.43 -17.17
N GLU A 2001 -19.28 -30.82 -16.63
CA GLU A 2001 -19.43 -29.61 -15.83
C GLU A 2001 -18.34 -28.61 -16.19
N ASN A 2002 -18.66 -27.32 -16.01
CA ASN A 2002 -17.74 -26.23 -16.28
C ASN A 2002 -17.58 -25.39 -15.02
N GLN A 2003 -16.68 -24.41 -15.10
CA GLN A 2003 -16.33 -23.60 -13.93
C GLN A 2003 -16.33 -22.13 -14.29
N PHE A 2004 -16.95 -21.33 -13.42
CA PHE A 2004 -16.92 -19.87 -13.55
C PHE A 2004 -15.74 -19.35 -12.74
N ASP A 2005 -14.63 -19.04 -13.42
CA ASP A 2005 -13.40 -18.70 -12.69
C ASP A 2005 -13.58 -17.50 -11.78
N PRO A 2006 -14.08 -16.36 -12.23
CA PRO A 2006 -14.64 -15.39 -11.30
C PRO A 2006 -16.07 -15.76 -10.97
N PRO A 2007 -16.33 -16.29 -9.77
CA PRO A 2007 -17.67 -16.79 -9.46
C PRO A 2007 -18.71 -15.68 -9.55
N ILE A 2008 -19.92 -16.08 -9.86
CA ILE A 2008 -21.00 -15.13 -10.02
C ILE A 2008 -21.94 -15.26 -8.84
N VAL A 2009 -22.62 -14.16 -8.53
CA VAL A 2009 -23.52 -14.10 -7.39
C VAL A 2009 -24.79 -13.33 -7.79
N ALA A 2010 -25.91 -14.03 -7.85
CA ALA A 2010 -27.16 -13.41 -8.26
C ALA A 2010 -28.31 -14.29 -7.81
N ARG A 2011 -29.50 -13.68 -7.76
CA ARG A 2011 -30.68 -14.42 -7.32
C ARG A 2011 -31.16 -15.36 -8.41
N TYR A 2012 -31.47 -14.82 -9.59
CA TYR A 2012 -31.94 -15.63 -10.71
C TYR A 2012 -30.79 -15.92 -11.66
N ILE A 2013 -30.87 -17.05 -12.34
CA ILE A 2013 -29.86 -17.46 -13.31
C ILE A 2013 -30.58 -18.09 -14.49
N ARG A 2014 -30.15 -17.75 -15.70
CA ARG A 2014 -30.84 -18.11 -16.93
C ARG A 2014 -29.82 -18.53 -17.98
N ILE A 2015 -29.92 -19.77 -18.47
CA ILE A 2015 -28.99 -20.28 -19.45
C ILE A 2015 -29.70 -20.44 -20.79
N SER A 2016 -28.91 -20.48 -21.86
CA SER A 2016 -29.47 -20.48 -23.19
C SER A 2016 -28.59 -21.28 -24.14
N PRO A 2017 -29.02 -22.45 -24.58
CA PRO A 2017 -28.20 -23.27 -25.47
C PRO A 2017 -28.31 -22.85 -26.93
N THR A 2018 -27.16 -22.69 -27.60
CA THR A 2018 -27.17 -22.24 -28.99
C THR A 2018 -27.09 -23.41 -29.96
N ARG A 2019 -26.01 -24.17 -29.93
CA ARG A 2019 -25.74 -25.23 -30.90
C ARG A 2019 -25.76 -26.58 -30.19
N ALA A 2020 -26.66 -27.46 -30.61
CA ALA A 2020 -26.81 -28.76 -29.99
C ALA A 2020 -26.97 -29.85 -31.04
N TYR A 2021 -27.32 -31.06 -30.62
CA TYR A 2021 -27.47 -32.17 -31.55
C TYR A 2021 -28.96 -32.43 -31.79
N ASN A 2022 -29.50 -31.73 -32.80
CA ASN A 2022 -30.80 -31.95 -33.44
C ASN A 2022 -31.99 -31.64 -32.55
N ARG A 2023 -31.75 -31.37 -31.27
CA ARG A 2023 -32.76 -30.93 -30.31
C ARG A 2023 -32.03 -30.26 -29.14
N PRO A 2024 -31.98 -28.94 -29.08
CA PRO A 2024 -31.24 -28.30 -27.99
C PRO A 2024 -31.85 -28.54 -26.62
N THR A 2025 -31.64 -29.75 -26.09
CA THR A 2025 -32.05 -30.11 -24.74
C THR A 2025 -30.88 -29.93 -23.79
N LEU A 2026 -31.16 -30.14 -22.50
CA LEU A 2026 -30.14 -30.08 -21.45
C LEU A 2026 -30.76 -30.52 -20.14
N ARG A 2027 -29.90 -30.88 -19.19
CA ARG A 2027 -30.24 -30.99 -17.78
C ARG A 2027 -29.14 -30.29 -16.99
N LEU A 2028 -29.53 -29.38 -16.11
CA LEU A 2028 -28.59 -28.51 -15.43
C LEU A 2028 -28.59 -28.79 -13.93
N GLU A 2029 -27.41 -28.61 -13.33
CA GLU A 2029 -27.25 -28.67 -11.89
C GLU A 2029 -26.18 -27.66 -11.51
N LEU A 2030 -26.47 -26.83 -10.51
CA LEU A 2030 -25.60 -25.72 -10.15
C LEU A 2030 -24.62 -26.12 -9.05
N GLN A 2031 -23.58 -25.30 -8.89
CA GLN A 2031 -22.53 -25.54 -7.91
C GLN A 2031 -22.16 -24.21 -7.27
N GLY A 2032 -22.70 -23.97 -6.08
CA GLY A 2032 -22.45 -22.75 -5.35
C GLY A 2032 -22.06 -23.01 -3.91
N CYS A 2033 -22.29 -22.02 -3.03
CA CYS A 2033 -22.01 -22.18 -1.57
C CYS A 2033 -23.12 -21.58 -0.69
N GLU A 2034 -22.81 -20.63 0.21
CA GLU A 2034 -23.97 -20.01 0.93
C GLU A 2034 -23.91 -18.48 1.04
N VAL A 2035 -24.44 -17.95 2.14
CA VAL A 2035 -24.60 -16.46 2.33
C VAL A 2035 -23.55 -15.83 3.26
N ASN A 2036 -23.56 -16.11 4.58
CA ASN A 2036 -22.62 -15.46 5.53
C ASN A 2036 -21.20 -15.71 4.98
N GLY A 2037 -21.13 -16.76 4.16
CA GLY A 2037 -20.02 -17.24 3.38
C GLY A 2037 -19.16 -18.29 4.06
N CYS A 2038 -19.65 -18.90 5.14
CA CYS A 2038 -18.95 -20.04 5.72
C CYS A 2038 -19.91 -21.17 6.09
N SER A 2039 -20.81 -21.53 5.18
CA SER A 2039 -21.62 -22.74 5.30
C SER A 2039 -20.97 -23.88 4.54
N THR A 2040 -19.80 -24.30 5.03
CA THR A 2040 -19.01 -25.38 4.37
C THR A 2040 -19.31 -26.73 5.03
N PRO A 2041 -19.29 -27.86 4.28
CA PRO A 2041 -19.57 -29.18 4.84
C PRO A 2041 -18.62 -29.47 6.02
N LEU A 2042 -19.20 -29.74 7.20
CA LEU A 2042 -18.42 -30.02 8.40
C LEU A 2042 -17.59 -31.28 8.27
N GLY A 2043 -17.82 -32.11 7.27
CA GLY A 2043 -17.01 -33.29 7.03
C GLY A 2043 -17.69 -34.62 7.24
N MET A 2044 -19.03 -34.66 7.30
CA MET A 2044 -19.73 -35.93 7.44
C MET A 2044 -19.41 -36.86 6.27
N GLU A 2045 -19.87 -36.50 5.08
CA GLU A 2045 -19.65 -37.34 3.91
C GLU A 2045 -18.21 -37.22 3.41
N ASN A 2046 -17.59 -36.06 3.63
CA ASN A 2046 -16.20 -35.86 3.24
C ASN A 2046 -15.27 -36.83 3.96
N GLY A 2047 -15.64 -37.28 5.14
CA GLY A 2047 -14.76 -38.07 5.97
C GLY A 2047 -13.92 -37.27 6.93
N LYS A 2048 -14.01 -35.94 6.89
CA LYS A 2048 -13.24 -35.10 7.80
C LYS A 2048 -13.63 -35.33 9.25
N ILE A 2049 -14.75 -35.99 9.50
CA ILE A 2049 -15.16 -36.40 10.84
C ILE A 2049 -15.13 -37.91 10.89
N GLU A 2050 -14.55 -38.45 11.97
CA GLU A 2050 -14.55 -39.87 12.21
C GLU A 2050 -15.86 -40.28 12.89
N ASN A 2051 -16.09 -41.58 12.99
CA ASN A 2051 -17.36 -42.06 13.52
C ASN A 2051 -17.46 -41.94 15.03
N LYS A 2052 -16.45 -41.39 15.70
CA LYS A 2052 -16.47 -41.25 17.15
C LYS A 2052 -16.87 -39.84 17.58
N GLN A 2053 -17.64 -39.14 16.75
CA GLN A 2053 -18.23 -37.86 17.12
C GLN A 2053 -19.75 -37.89 17.01
N ILE A 2054 -20.34 -39.08 17.02
CA ILE A 2054 -21.78 -39.25 16.89
C ILE A 2054 -22.26 -40.22 17.96
N THR A 2055 -23.21 -39.78 18.78
CA THR A 2055 -23.81 -40.63 19.80
C THR A 2055 -25.33 -40.51 19.73
N ALA A 2056 -26.00 -41.58 20.10
CA ALA A 2056 -27.46 -41.64 20.09
C ALA A 2056 -27.87 -42.76 21.02
N SER A 2057 -29.15 -43.12 20.98
CA SER A 2057 -29.68 -44.07 21.97
C SER A 2057 -29.37 -45.51 21.58
N SER A 2058 -29.87 -45.96 20.43
CA SER A 2058 -29.80 -47.37 20.09
C SER A 2058 -29.12 -47.59 18.75
N PHE A 2059 -28.23 -48.60 18.76
CA PHE A 2059 -27.64 -49.13 17.52
C PHE A 2059 -28.59 -50.28 17.15
N LYS A 2060 -29.90 -49.97 17.27
CA LYS A 2060 -31.10 -50.82 17.09
C LYS A 2060 -30.81 -52.03 16.20
N LYS A 2061 -30.95 -53.24 16.73
CA LYS A 2061 -30.73 -54.42 15.86
C LYS A 2061 -31.99 -55.28 15.89
N SER A 2062 -32.15 -56.15 14.89
CA SER A 2062 -33.26 -57.09 14.89
C SER A 2062 -32.85 -58.37 15.61
N TRP A 2063 -33.70 -59.38 15.51
CA TRP A 2063 -33.20 -60.73 15.78
C TRP A 2063 -33.27 -61.62 14.56
N TRP A 2064 -33.77 -61.10 13.43
CA TRP A 2064 -33.72 -61.83 12.17
C TRP A 2064 -33.13 -61.01 11.04
N GLY A 2065 -32.07 -60.24 11.30
CA GLY A 2065 -31.50 -59.40 10.27
C GLY A 2065 -30.39 -58.46 10.72
N ASP A 2066 -30.52 -57.20 10.34
CA ASP A 2066 -29.40 -56.27 10.32
C ASP A 2066 -29.26 -55.51 11.63
N TYR A 2067 -28.40 -54.50 11.60
CA TYR A 2067 -28.19 -53.57 12.69
C TYR A 2067 -28.38 -52.15 12.16
N TRP A 2068 -29.20 -51.37 12.88
CA TRP A 2068 -29.54 -50.00 12.46
C TRP A 2068 -28.60 -49.03 13.15
N GLU A 2069 -27.63 -48.54 12.39
CA GLU A 2069 -26.53 -47.74 12.90
C GLU A 2069 -26.85 -46.26 12.93
N PRO A 2070 -26.99 -45.64 14.10
CA PRO A 2070 -26.91 -44.19 14.17
C PRO A 2070 -25.51 -43.66 14.01
N PHE A 2071 -24.55 -44.50 13.59
CA PHE A 2071 -23.19 -44.07 13.36
C PHE A 2071 -22.80 -44.13 11.89
N ARG A 2072 -23.76 -44.00 10.98
CA ARG A 2072 -23.46 -43.86 9.55
C ARG A 2072 -24.30 -42.79 8.87
N ALA A 2073 -24.68 -41.74 9.59
CA ALA A 2073 -25.61 -40.74 9.05
C ALA A 2073 -24.91 -39.85 8.01
N ARG A 2074 -24.58 -40.46 6.88
CA ARG A 2074 -23.92 -39.74 5.81
C ARG A 2074 -24.90 -39.41 4.70
N LEU A 2075 -24.82 -38.17 4.21
CA LEU A 2075 -25.60 -37.82 3.03
C LEU A 2075 -24.99 -38.42 1.78
N ASN A 2076 -25.84 -39.10 1.01
CA ASN A 2076 -25.49 -39.57 -0.33
C ASN A 2076 -24.32 -40.56 -0.29
N ALA A 2077 -24.23 -41.30 0.80
CA ALA A 2077 -23.33 -42.44 0.89
C ALA A 2077 -24.17 -43.71 0.76
N GLN A 2078 -23.67 -44.67 -0.01
CA GLN A 2078 -24.49 -45.81 -0.40
C GLN A 2078 -23.91 -47.10 0.16
N GLY A 2079 -24.78 -48.08 0.36
CA GLY A 2079 -24.37 -49.38 0.84
C GLY A 2079 -25.48 -50.11 1.57
N ARG A 2080 -25.14 -50.71 2.71
CA ARG A 2080 -26.17 -51.30 3.55
C ARG A 2080 -26.91 -50.17 4.26
N VAL A 2081 -27.67 -50.54 5.30
CA VAL A 2081 -28.49 -49.56 6.01
C VAL A 2081 -27.57 -48.45 6.49
N ASN A 2082 -27.73 -47.27 5.90
CA ASN A 2082 -26.80 -46.16 6.08
C ASN A 2082 -27.47 -44.99 6.78
N ALA A 2083 -28.40 -45.28 7.67
CA ALA A 2083 -29.12 -44.24 8.42
C ALA A 2083 -29.44 -44.83 9.78
N TRP A 2084 -30.24 -44.11 10.56
CA TRP A 2084 -30.51 -44.44 11.96
C TRP A 2084 -32.00 -44.68 12.14
N GLN A 2085 -32.43 -45.92 11.98
CA GLN A 2085 -33.75 -46.32 12.43
C GLN A 2085 -33.61 -46.72 13.90
N ALA A 2086 -34.11 -45.88 14.80
CA ALA A 2086 -33.98 -46.14 16.23
C ALA A 2086 -34.65 -47.47 16.59
N LYS A 2087 -34.31 -47.96 17.78
CA LYS A 2087 -34.79 -49.27 18.20
C LYS A 2087 -36.31 -49.33 18.20
N ALA A 2088 -36.96 -48.48 19.00
CA ALA A 2088 -38.41 -48.48 19.13
C ALA A 2088 -38.93 -47.08 18.89
N ASN A 2089 -40.12 -46.99 18.29
CA ASN A 2089 -40.72 -45.70 18.03
C ASN A 2089 -41.21 -45.05 19.32
N ASN A 2090 -40.83 -43.78 19.51
CA ASN A 2090 -41.33 -42.98 20.61
C ASN A 2090 -40.88 -41.54 20.39
N ASN A 2091 -41.55 -40.62 21.08
CA ASN A 2091 -41.20 -39.21 20.98
C ASN A 2091 -40.09 -38.83 21.94
N LYS A 2092 -39.25 -39.79 22.33
CA LYS A 2092 -38.18 -39.51 23.28
C LYS A 2092 -36.84 -40.11 22.86
N GLN A 2093 -36.57 -40.18 21.56
CA GLN A 2093 -35.25 -40.49 21.05
C GLN A 2093 -34.56 -39.21 20.61
N TRP A 2094 -33.30 -39.33 20.19
CA TRP A 2094 -32.48 -38.18 19.87
C TRP A 2094 -31.21 -38.63 19.18
N LEU A 2095 -30.50 -37.68 18.58
CA LEU A 2095 -29.19 -37.89 17.99
C LEU A 2095 -28.27 -36.74 18.39
N GLU A 2096 -27.21 -37.06 19.10
CA GLU A 2096 -26.33 -36.06 19.70
C GLU A 2096 -24.99 -36.07 18.98
N ILE A 2097 -24.47 -34.89 18.68
CA ILE A 2097 -23.26 -34.72 17.88
C ILE A 2097 -22.26 -33.91 18.69
N ASP A 2098 -21.10 -34.50 18.94
CA ASP A 2098 -20.00 -33.87 19.68
C ASP A 2098 -19.00 -33.35 18.66
N LEU A 2099 -18.98 -32.03 18.46
CA LEU A 2099 -18.15 -31.46 17.41
C LEU A 2099 -16.68 -31.35 17.79
N LEU A 2100 -16.32 -31.71 19.02
CA LEU A 2100 -14.94 -31.78 19.51
C LEU A 2100 -14.34 -30.40 19.75
N LYS A 2101 -15.02 -29.33 19.35
CA LYS A 2101 -14.61 -27.96 19.60
C LYS A 2101 -15.76 -27.06 19.21
N ILE A 2102 -16.02 -26.04 20.03
CA ILE A 2102 -17.19 -25.18 19.86
C ILE A 2102 -17.15 -24.58 18.46
N LYS A 2103 -18.19 -24.84 17.67
CA LYS A 2103 -18.28 -24.35 16.31
C LYS A 2103 -19.61 -23.65 16.11
N LYS A 2104 -19.67 -22.87 15.04
CA LYS A 2104 -20.88 -22.14 14.66
C LYS A 2104 -21.67 -23.00 13.69
N ILE A 2105 -22.74 -23.62 14.17
CA ILE A 2105 -23.56 -24.53 13.39
C ILE A 2105 -24.58 -23.69 12.63
N THR A 2106 -24.42 -23.61 11.31
CA THR A 2106 -25.23 -22.72 10.50
C THR A 2106 -26.54 -23.35 10.03
N ALA A 2107 -26.48 -24.49 9.36
CA ALA A 2107 -27.67 -25.05 8.75
C ALA A 2107 -27.63 -26.57 8.83
N ILE A 2108 -28.78 -27.17 8.59
CA ILE A 2108 -28.97 -28.61 8.74
C ILE A 2108 -29.73 -29.14 7.52
N ILE A 2109 -29.43 -30.37 7.13
CA ILE A 2109 -30.08 -31.04 6.01
C ILE A 2109 -30.50 -32.42 6.49
N THR A 2110 -31.81 -32.70 6.46
CA THR A 2110 -32.33 -33.97 6.91
C THR A 2110 -32.61 -34.85 5.69
N GLN A 2111 -32.93 -36.12 5.92
CA GLN A 2111 -33.17 -37.06 4.83
C GLN A 2111 -34.06 -38.19 5.36
N GLY A 2112 -34.30 -39.18 4.51
CA GLY A 2112 -35.12 -40.32 4.89
C GLY A 2112 -34.51 -41.65 4.46
N CYS A 2113 -34.89 -42.73 5.14
CA CYS A 2113 -34.31 -44.04 4.88
C CYS A 2113 -35.40 -45.11 4.81
N LYS A 2114 -34.99 -46.30 4.38
CA LYS A 2114 -35.89 -47.39 4.11
C LYS A 2114 -35.11 -48.69 4.08
N SER A 2115 -35.77 -49.76 3.65
CA SER A 2115 -35.08 -51.00 3.29
C SER A 2115 -35.89 -51.67 2.18
N LEU A 2116 -35.55 -51.37 0.92
CA LEU A 2116 -36.08 -52.01 -0.28
C LEU A 2116 -37.61 -52.04 -0.35
N SER A 2117 -38.29 -51.36 0.56
CA SER A 2117 -39.73 -51.50 0.72
C SER A 2117 -40.34 -50.18 1.23
N SER A 2118 -41.53 -50.31 1.81
CA SER A 2118 -42.30 -49.16 2.29
C SER A 2118 -41.44 -48.22 3.10
N GLU A 2119 -41.31 -46.99 2.61
CA GLU A 2119 -40.42 -46.02 3.23
C GLU A 2119 -41.14 -45.28 4.35
N MET A 2120 -40.34 -44.75 5.27
CA MET A 2120 -40.83 -43.95 6.39
C MET A 2120 -39.72 -42.99 6.79
N TYR A 2121 -40.11 -41.84 7.34
CA TYR A 2121 -39.17 -40.73 7.45
C TYR A 2121 -39.61 -39.76 8.53
N VAL A 2122 -38.66 -38.96 9.00
CA VAL A 2122 -38.97 -37.93 9.99
C VAL A 2122 -39.72 -36.80 9.31
N LYS A 2123 -40.60 -36.15 10.08
CA LYS A 2123 -41.46 -35.10 9.54
C LYS A 2123 -41.32 -33.76 10.24
N SER A 2124 -41.00 -33.74 11.52
CA SER A 2124 -40.91 -32.47 12.25
C SER A 2124 -40.08 -32.68 13.51
N TYR A 2125 -39.05 -31.86 13.69
CA TYR A 2125 -38.09 -32.05 14.77
C TYR A 2125 -37.83 -30.73 15.51
N THR A 2126 -37.36 -30.86 16.75
CA THR A 2126 -36.89 -29.75 17.56
C THR A 2126 -35.42 -29.98 17.90
N ILE A 2127 -34.75 -28.92 18.33
CA ILE A 2127 -33.30 -28.95 18.54
C ILE A 2127 -33.00 -28.56 19.98
N HIS A 2128 -32.42 -29.49 20.74
CA HIS A 2128 -31.82 -29.18 22.01
C HIS A 2128 -30.30 -29.12 21.82
N TYR A 2129 -29.69 -28.06 22.33
CA TYR A 2129 -28.24 -27.92 22.21
C TYR A 2129 -27.65 -27.65 23.58
N SER A 2130 -26.33 -27.49 23.61
CA SER A 2130 -25.60 -27.35 24.87
C SER A 2130 -24.67 -26.15 24.84
N GLU A 2131 -24.02 -25.92 25.98
CA GLU A 2131 -22.88 -25.02 26.08
C GLU A 2131 -21.61 -25.82 25.82
N GLN A 2132 -20.47 -25.24 26.17
CA GLN A 2132 -19.20 -25.96 26.08
C GLN A 2132 -19.23 -27.28 26.83
N GLY A 2133 -20.05 -27.37 27.89
CA GLY A 2133 -20.13 -28.55 28.72
C GLY A 2133 -21.33 -29.42 28.39
N VAL A 2134 -21.55 -30.40 29.25
CA VAL A 2134 -22.63 -31.38 29.07
C VAL A 2134 -23.91 -30.80 29.68
N GLU A 2135 -24.83 -30.38 28.82
CA GLU A 2135 -26.16 -29.96 29.21
C GLU A 2135 -27.01 -29.99 27.94
N TRP A 2136 -28.31 -29.74 28.09
CA TRP A 2136 -29.21 -29.68 26.95
C TRP A 2136 -30.28 -28.63 27.22
N LYS A 2137 -30.44 -27.70 26.28
CA LYS A 2137 -31.42 -26.62 26.38
C LYS A 2137 -32.16 -26.51 25.07
N PRO A 2138 -33.45 -26.17 25.10
CA PRO A 2138 -34.25 -26.10 23.88
C PRO A 2138 -33.86 -24.90 23.01
N TYR A 2139 -34.29 -24.96 21.75
CA TYR A 2139 -34.08 -23.90 20.78
C TYR A 2139 -35.36 -23.07 20.67
N ARG A 2140 -35.57 -22.22 21.68
CA ARG A 2140 -36.70 -21.30 21.65
C ARG A 2140 -36.49 -20.26 20.55
N LEU A 2141 -37.49 -20.10 19.69
CA LEU A 2141 -37.42 -19.08 18.64
C LEU A 2141 -37.09 -17.73 19.26
N LYS A 2142 -36.31 -16.93 18.52
CA LYS A 2142 -35.84 -15.65 19.03
C LYS A 2142 -36.99 -14.75 19.46
N SER A 2143 -37.99 -14.60 18.58
CA SER A 2143 -39.10 -13.68 18.81
C SER A 2143 -40.35 -14.41 19.32
N SER A 2144 -40.17 -15.41 20.18
CA SER A 2144 -41.29 -16.19 20.68
C SER A 2144 -41.21 -16.27 22.19
N MET A 2145 -42.02 -17.17 22.76
CA MET A 2145 -41.97 -17.54 24.16
C MET A 2145 -41.93 -19.04 24.37
N VAL A 2146 -41.86 -19.83 23.30
CA VAL A 2146 -41.84 -21.28 23.38
C VAL A 2146 -40.87 -21.82 22.33
N ASP A 2147 -40.81 -23.14 22.22
CA ASP A 2147 -39.85 -23.79 21.33
C ASP A 2147 -40.21 -23.56 19.87
N LYS A 2148 -39.20 -23.68 19.02
CA LYS A 2148 -39.38 -23.63 17.57
C LYS A 2148 -39.61 -25.03 17.05
N ILE A 2149 -40.42 -25.14 16.00
CA ILE A 2149 -40.74 -26.41 15.38
C ILE A 2149 -40.28 -26.36 13.92
N PHE A 2150 -39.56 -27.39 13.50
CA PHE A 2150 -39.07 -27.47 12.13
C PHE A 2150 -39.91 -28.44 11.31
N GLU A 2151 -39.73 -28.37 10.00
CA GLU A 2151 -40.38 -29.30 9.07
C GLU A 2151 -39.34 -30.26 8.53
N GLY A 2152 -39.50 -31.55 8.84
CA GLY A 2152 -38.55 -32.55 8.39
C GLY A 2152 -38.74 -32.91 6.95
N ASN A 2153 -38.55 -34.18 6.61
CA ASN A 2153 -38.69 -34.62 5.23
C ASN A 2153 -40.16 -34.69 4.83
N THR A 2154 -40.39 -34.69 3.53
CA THR A 2154 -41.70 -34.86 2.95
C THR A 2154 -41.79 -36.04 1.99
N ASN A 2155 -40.75 -36.27 1.19
CA ASN A 2155 -40.61 -37.48 0.41
C ASN A 2155 -39.41 -38.26 0.93
N THR A 2156 -39.14 -39.40 0.30
CA THR A 2156 -38.11 -40.29 0.80
C THR A 2156 -36.72 -39.73 0.57
N LYS A 2157 -36.35 -39.51 -0.70
CA LYS A 2157 -34.97 -39.17 -1.06
C LYS A 2157 -34.73 -37.67 -1.14
N GLY A 2158 -35.77 -36.89 -1.43
CA GLY A 2158 -35.59 -35.46 -1.49
C GLY A 2158 -35.17 -34.87 -0.16
N HIS A 2159 -34.25 -33.93 -0.21
CA HIS A 2159 -33.73 -33.29 0.98
C HIS A 2159 -34.64 -32.13 1.38
N VAL A 2160 -34.35 -31.57 2.56
CA VAL A 2160 -34.99 -30.36 3.04
C VAL A 2160 -34.00 -29.63 3.93
N LYS A 2161 -33.81 -28.34 3.67
CA LYS A 2161 -32.84 -27.55 4.40
C LYS A 2161 -33.53 -26.65 5.41
N ASN A 2162 -33.11 -26.74 6.67
CA ASN A 2162 -33.62 -25.90 7.73
C ASN A 2162 -32.51 -24.98 8.22
N PHE A 2163 -32.83 -23.71 8.40
CA PHE A 2163 -31.87 -22.71 8.85
C PHE A 2163 -32.16 -22.28 10.27
N PHE A 2164 -31.12 -21.81 10.95
CA PHE A 2164 -31.24 -21.26 12.28
C PHE A 2164 -31.12 -19.74 12.20
N ASN A 2165 -32.08 -19.03 12.83
CA ASN A 2165 -32.05 -17.58 12.75
C ASN A 2165 -30.83 -17.01 13.46
N PRO A 2166 -30.56 -17.32 14.73
CA PRO A 2166 -29.19 -17.23 15.22
C PRO A 2166 -28.51 -18.59 15.14
N PRO A 2167 -27.25 -18.64 14.75
CA PRO A 2167 -26.55 -19.92 14.73
C PRO A 2167 -26.35 -20.44 16.14
N ILE A 2168 -26.20 -21.76 16.24
CA ILE A 2168 -25.96 -22.42 17.53
C ILE A 2168 -24.45 -22.52 17.69
N ILE A 2169 -23.89 -21.71 18.58
CA ILE A 2169 -22.46 -21.71 18.85
C ILE A 2169 -22.23 -22.70 19.99
N SER A 2170 -21.75 -23.88 19.63
CA SER A 2170 -21.54 -24.96 20.58
C SER A 2170 -20.77 -26.07 19.89
N ARG A 2171 -20.44 -27.10 20.67
CA ARG A 2171 -19.91 -28.33 20.11
C ARG A 2171 -20.71 -29.55 20.54
N PHE A 2172 -21.76 -29.35 21.32
CA PHE A 2172 -22.78 -30.36 21.56
C PHE A 2172 -24.09 -29.88 20.94
N ILE A 2173 -24.77 -30.77 20.24
CA ILE A 2173 -26.04 -30.45 19.60
C ILE A 2173 -26.87 -31.73 19.49
N ARG A 2174 -28.11 -31.67 19.95
CA ARG A 2174 -29.01 -32.81 19.91
C ARG A 2174 -30.16 -32.52 18.96
N VAL A 2175 -30.60 -33.56 18.25
CA VAL A 2175 -31.73 -33.47 17.34
C VAL A 2175 -32.86 -34.33 17.89
N ILE A 2176 -34.01 -33.72 18.12
CA ILE A 2176 -35.14 -34.38 18.77
C ILE A 2176 -36.15 -34.71 17.68
N PRO A 2177 -36.37 -35.98 17.36
CA PRO A 2177 -37.50 -36.35 16.50
C PRO A 2177 -38.82 -36.21 17.25
N LYS A 2178 -39.60 -35.18 16.93
CA LYS A 2178 -40.82 -34.90 17.67
C LYS A 2178 -42.04 -35.56 17.05
N THR A 2179 -42.33 -35.26 15.78
CA THR A 2179 -43.41 -35.93 15.06
C THR A 2179 -42.88 -36.39 13.72
N TRP A 2180 -43.20 -37.62 13.36
CA TRP A 2180 -42.53 -38.32 12.27
C TRP A 2180 -43.58 -39.08 11.47
N ASN A 2181 -43.10 -40.00 10.62
CA ASN A 2181 -43.97 -40.87 9.82
C ASN A 2181 -43.57 -42.32 10.11
N GLN A 2182 -44.25 -42.95 11.06
CA GLN A 2182 -44.21 -44.39 11.28
C GLN A 2182 -42.87 -44.91 11.82
N SER A 2183 -41.81 -44.09 11.77
CA SER A 2183 -40.56 -44.48 12.40
C SER A 2183 -39.58 -43.32 12.48
N ILE A 2184 -38.56 -43.48 13.32
CA ILE A 2184 -37.44 -42.55 13.34
C ILE A 2184 -36.37 -43.06 12.40
N ALA A 2185 -36.00 -42.24 11.42
CA ALA A 2185 -34.91 -42.57 10.51
C ALA A 2185 -34.51 -41.33 9.75
N LEU A 2186 -33.21 -41.04 9.75
CA LEU A 2186 -32.73 -39.87 9.03
C LEU A 2186 -31.24 -39.98 8.81
N ARG A 2187 -30.79 -39.39 7.71
CA ARG A 2187 -29.39 -39.15 7.44
C ARG A 2187 -29.16 -37.66 7.59
N LEU A 2188 -28.14 -37.29 8.36
CA LEU A 2188 -27.99 -35.96 8.88
C LEU A 2188 -26.69 -35.35 8.39
N GLU A 2189 -26.71 -34.04 8.18
CA GLU A 2189 -25.48 -33.33 7.86
C GLU A 2189 -25.59 -31.90 8.37
N LEU A 2190 -24.60 -31.49 9.15
CA LEU A 2190 -24.53 -30.17 9.72
C LEU A 2190 -23.54 -29.32 8.94
N PHE A 2191 -23.90 -28.06 8.75
CA PHE A 2191 -23.04 -27.10 8.05
C PHE A 2191 -22.54 -26.09 9.07
N GLY A 2192 -21.24 -26.10 9.31
CA GLY A 2192 -20.68 -25.34 10.40
C GLY A 2192 -19.48 -24.54 9.94
N CYS A 2193 -18.82 -23.93 10.92
CA CYS A 2193 -17.75 -22.97 10.66
C CYS A 2193 -16.70 -23.14 11.75
N ASP A 2194 -15.43 -22.94 11.38
CA ASP A 2194 -14.32 -23.21 12.30
C ASP A 2194 -13.98 -21.93 13.05
N ILE A 2195 -14.77 -21.65 14.09
CA ILE A 2195 -14.54 -20.45 14.89
C ILE A 2195 -13.36 -20.69 15.84
N TYR A 2196 -12.77 -19.60 16.32
CA TYR A 2196 -11.67 -19.69 17.27
C TYR A 2196 -11.78 -18.62 18.37
#